data_7CB5
#
_entry.id   7CB5
#
_cell.length_a   91.920
_cell.length_b   132.620
_cell.length_c   169.850
_cell.angle_alpha   90.000
_cell.angle_beta   90.000
_cell.angle_gamma   90.000
#
_symmetry.space_group_name_H-M   'P 21 21 21'
#
loop_
_entity.id
_entity.type
_entity.pdbx_description
1 polymer '6-phosphogluconate dehydrogenase, decarboxylating'
2 non-polymer '6-PHOSPHOGLUCONIC ACID'
3 water water
#
_entity_poly.entity_id   1
_entity_poly.type   'polypeptide(L)'
_entity_poly.pdbx_seq_one_letter_code
;MTQQIGVIGLAVMGKNLAWNIESRGYSVSVFNRSSEKTDLMVEESKGKNIHPTYSLEEFVNSLEKPRKILLMVQAGKATD
ATIDSLLPLLDDGDILIDGGNTNYQDTIRRNKALAQSAINFIGMGVSGGEIGALTGPSLMPGGQEEAYNKVADILDAIAA
KAKDGASCVTYIGPNGAGHYVKMVHNGIEYADMQLIAESYAMMKELLGMSHEDIAQTFKDWNAGELESYLIEITGDIFMK
LDENKEALVEKILDTAGQKGTGKWTSINALELGIPLTIITESVFARFISSIKEERVNASKELNGPKASFDGDKKDFLEKI
RKALYMSKICSYAQGFAQMRKASEDNEWNLKLGDLAMIWREGCIIRAQFLQKIKDAYDNNPGLQNLLLDPYFKNIVTEYQ
DALRDVVATGVQNGVPTPGFSSSINYYDSYRAADLPANLIQAQRDYFGAHTYERKDKEGVFHTQWIEE
;
_entity_poly.pdbx_strand_id   A,B,C,D
#
loop_
_chem_comp.id
_chem_comp.type
_chem_comp.name
_chem_comp.formula
6PG D-saccharide '6-PHOSPHOGLUCONIC ACID' 'C6 H13 O10 P'
#
# COMPACT_ATOMS: atom_id res chain seq x y z
N MET A 1 -25.96 11.90 -51.15
CA MET A 1 -24.64 11.27 -51.08
C MET A 1 -24.07 11.32 -49.68
N THR A 2 -24.36 12.40 -48.96
CA THR A 2 -23.90 12.60 -47.59
C THR A 2 -25.08 12.87 -46.68
N GLN A 3 -25.02 12.33 -45.47
CA GLN A 3 -26.08 12.52 -44.49
C GLN A 3 -25.88 13.83 -43.74
N GLN A 4 -26.92 14.23 -43.01
CA GLN A 4 -26.92 15.51 -42.30
C GLN A 4 -26.32 15.42 -40.91
N ILE A 5 -26.37 14.25 -40.27
CA ILE A 5 -25.87 14.09 -38.90
C ILE A 5 -25.49 12.63 -38.70
N GLY A 6 -24.52 12.40 -37.81
CA GLY A 6 -24.04 11.06 -37.54
C GLY A 6 -24.07 10.75 -36.06
N VAL A 7 -24.33 9.49 -35.75
CA VAL A 7 -24.41 8.99 -34.38
C VAL A 7 -23.47 7.81 -34.23
N ILE A 8 -22.51 7.92 -33.31
CA ILE A 8 -21.61 6.82 -32.96
C ILE A 8 -22.06 6.22 -31.64
N GLY A 9 -22.05 4.89 -31.57
CA GLY A 9 -22.48 4.20 -30.36
C GLY A 9 -23.96 3.90 -30.39
N LEU A 10 -24.31 2.70 -30.86
CA LEU A 10 -25.71 2.37 -31.06
C LEU A 10 -26.23 1.37 -30.04
N ALA A 11 -26.02 1.67 -28.76
CA ALA A 11 -26.81 1.06 -27.70
C ALA A 11 -28.23 1.64 -27.80
N VAL A 12 -29.09 1.30 -26.83
CA VAL A 12 -30.49 1.71 -26.96
C VAL A 12 -30.64 3.23 -26.88
N MET A 13 -29.78 3.90 -26.10
CA MET A 13 -29.86 5.36 -26.04
C MET A 13 -29.41 5.99 -27.35
N GLY A 14 -28.34 5.47 -27.96
CA GLY A 14 -27.91 5.99 -29.25
C GLY A 14 -28.86 5.61 -30.38
N LYS A 15 -29.44 4.42 -30.32
CA LYS A 15 -30.43 4.01 -31.32
C LYS A 15 -31.66 4.90 -31.26
N ASN A 16 -32.14 5.20 -30.05
CA ASN A 16 -33.37 5.96 -29.92
C ASN A 16 -33.19 7.40 -30.36
N LEU A 17 -32.07 8.03 -29.99
CA LEU A 17 -31.81 9.40 -30.42
C LEU A 17 -31.71 9.47 -31.94
N ALA A 18 -30.98 8.54 -32.55
CA ALA A 18 -30.88 8.53 -34.01
C ALA A 18 -32.24 8.33 -34.65
N TRP A 19 -33.03 7.39 -34.12
CA TRP A 19 -34.38 7.19 -34.63
C TRP A 19 -35.22 8.44 -34.44
N ASN A 20 -35.07 9.09 -33.29
CA ASN A 20 -35.76 10.36 -33.06
C ASN A 20 -35.37 11.39 -34.13
N ILE A 21 -34.06 11.55 -34.37
CA ILE A 21 -33.60 12.48 -35.39
C ILE A 21 -34.19 12.13 -36.75
N GLU A 22 -34.19 10.83 -37.10
CA GLU A 22 -34.72 10.41 -38.39
C GLU A 22 -36.22 10.64 -38.50
N SER A 23 -36.95 10.50 -37.39
CA SER A 23 -38.39 10.71 -37.40
C SER A 23 -38.77 12.14 -37.74
N ARG A 24 -37.83 13.08 -37.67
CA ARG A 24 -38.11 14.48 -37.99
C ARG A 24 -37.69 14.87 -39.39
N GLY A 25 -37.34 13.89 -40.24
CA GLY A 25 -37.02 14.14 -41.62
C GLY A 25 -35.54 14.30 -41.93
N TYR A 26 -34.66 14.10 -40.95
CA TYR A 26 -33.23 14.21 -41.15
C TYR A 26 -32.64 12.85 -41.52
N SER A 27 -31.58 12.90 -42.33
CA SER A 27 -30.84 11.70 -42.69
C SER A 27 -29.69 11.51 -41.70
N VAL A 28 -29.52 10.27 -41.24
CA VAL A 28 -28.59 9.96 -40.16
C VAL A 28 -27.65 8.85 -40.62
N SER A 29 -26.36 9.03 -40.35
CA SER A 29 -25.38 7.97 -40.44
C SER A 29 -25.18 7.37 -39.05
N VAL A 30 -24.94 6.07 -38.98
CA VAL A 30 -24.71 5.40 -37.72
C VAL A 30 -23.45 4.56 -37.81
N PHE A 31 -22.74 4.47 -36.69
CA PHE A 31 -21.55 3.63 -36.58
C PHE A 31 -21.45 3.10 -35.17
N ASN A 32 -20.99 1.85 -35.06
CA ASN A 32 -20.66 1.23 -33.80
C ASN A 32 -19.41 0.39 -34.01
N ARG A 33 -18.43 0.53 -33.12
CA ARG A 33 -17.16 -0.17 -33.28
C ARG A 33 -17.37 -1.67 -33.39
N SER A 34 -18.32 -2.20 -32.62
CA SER A 34 -18.74 -3.60 -32.73
C SER A 34 -19.93 -3.63 -33.70
N SER A 35 -19.66 -4.04 -34.94
CA SER A 35 -20.61 -3.90 -36.04
C SER A 35 -21.84 -4.79 -35.93
N GLU A 36 -21.93 -5.66 -34.92
CA GLU A 36 -23.15 -6.44 -34.76
C GLU A 36 -24.32 -5.56 -34.35
N LYS A 37 -24.07 -4.57 -33.49
CA LYS A 37 -25.13 -3.64 -33.12
C LYS A 37 -25.57 -2.79 -34.31
N THR A 38 -24.64 -2.49 -35.22
CA THR A 38 -25.01 -1.81 -36.45
C THR A 38 -25.87 -2.71 -37.32
N ASP A 39 -25.62 -4.01 -37.30
CA ASP A 39 -26.37 -4.94 -38.14
C ASP A 39 -27.79 -5.19 -37.64
N LEU A 40 -28.05 -4.96 -36.35
CA LEU A 40 -29.43 -5.11 -35.88
C LEU A 40 -30.21 -3.81 -36.04
N MET A 41 -29.51 -2.67 -35.94
CA MET A 41 -30.20 -1.41 -36.18
C MET A 41 -30.76 -1.35 -37.60
N VAL A 42 -30.01 -1.84 -38.59
CA VAL A 42 -30.45 -1.73 -39.98
C VAL A 42 -31.69 -2.58 -40.22
N GLU A 43 -31.76 -3.75 -39.57
CA GLU A 43 -32.96 -4.58 -39.70
C GLU A 43 -34.14 -3.95 -38.98
N GLU A 44 -33.89 -3.28 -37.86
CA GLU A 44 -34.91 -2.50 -37.18
C GLU A 44 -35.15 -1.14 -37.82
N SER A 45 -34.53 -0.88 -38.98
CA SER A 45 -34.65 0.41 -39.65
C SER A 45 -35.19 0.28 -41.06
N LYS A 46 -35.92 -0.80 -41.36
CA LYS A 46 -36.51 -0.97 -42.68
C LYS A 46 -37.49 0.16 -42.94
N GLY A 47 -37.17 1.03 -43.91
CA GLY A 47 -37.96 2.18 -44.24
C GLY A 47 -37.37 3.49 -43.75
N LYS A 48 -36.62 3.47 -42.66
CA LYS A 48 -36.03 4.68 -42.13
C LYS A 48 -34.77 5.06 -42.89
N ASN A 49 -34.46 6.35 -42.91
CA ASN A 49 -33.29 6.87 -43.62
C ASN A 49 -32.07 6.83 -42.70
N ILE A 50 -31.65 5.60 -42.39
CA ILE A 50 -30.52 5.34 -41.50
C ILE A 50 -29.43 4.68 -42.31
N HIS A 51 -28.30 5.38 -42.49
CA HIS A 51 -27.21 4.86 -43.29
C HIS A 51 -26.14 4.26 -42.39
N PRO A 52 -25.93 2.94 -42.44
CA PRO A 52 -24.87 2.34 -41.62
C PRO A 52 -23.49 2.55 -42.22
N THR A 53 -22.51 2.63 -41.33
CA THR A 53 -21.11 2.68 -41.71
C THR A 53 -20.33 1.70 -40.83
N TYR A 54 -19.29 1.11 -41.41
CA TYR A 54 -18.52 0.07 -40.74
C TYR A 54 -17.05 0.45 -40.59
N SER A 55 -16.79 1.75 -40.45
CA SER A 55 -15.46 2.29 -40.25
C SER A 55 -15.60 3.76 -39.89
N LEU A 56 -14.67 4.25 -39.05
CA LEU A 56 -14.67 5.66 -38.71
C LEU A 56 -14.39 6.53 -39.93
N GLU A 57 -13.57 6.03 -40.86
CA GLU A 57 -13.31 6.77 -42.09
C GLU A 57 -14.57 6.88 -42.95
N GLU A 58 -15.25 5.75 -43.16
CA GLU A 58 -16.50 5.78 -43.94
C GLU A 58 -17.56 6.61 -43.24
N PHE A 59 -17.66 6.49 -41.92
CA PHE A 59 -18.62 7.30 -41.16
C PHE A 59 -18.37 8.78 -41.38
N VAL A 60 -17.14 9.24 -41.15
CA VAL A 60 -16.81 10.65 -41.28
C VAL A 60 -17.04 11.13 -42.70
N ASN A 61 -16.63 10.34 -43.69
CA ASN A 61 -16.84 10.71 -45.08
C ASN A 61 -18.30 10.65 -45.49
N SER A 62 -19.17 10.05 -44.67
CA SER A 62 -20.59 9.96 -44.97
C SER A 62 -21.37 11.23 -44.63
N LEU A 63 -20.75 12.21 -43.97
CA LEU A 63 -21.46 13.33 -43.39
C LEU A 63 -21.12 14.63 -44.11
N GLU A 64 -22.13 15.46 -44.31
CA GLU A 64 -21.91 16.76 -44.93
C GLU A 64 -21.25 17.71 -43.95
N LYS A 65 -20.50 18.67 -44.49
CA LYS A 65 -19.71 19.60 -43.70
C LYS A 65 -20.50 20.88 -43.45
N PRO A 66 -20.37 21.48 -42.25
CA PRO A 66 -19.56 21.00 -41.13
C PRO A 66 -20.17 19.75 -40.47
N ARG A 67 -19.35 18.73 -40.25
CA ARG A 67 -19.86 17.45 -39.78
C ARG A 67 -20.46 17.57 -38.39
N LYS A 68 -21.62 16.97 -38.21
CA LYS A 68 -22.34 16.95 -36.94
C LYS A 68 -22.37 15.51 -36.45
N ILE A 69 -21.55 15.22 -35.44
CA ILE A 69 -21.33 13.86 -34.95
C ILE A 69 -21.77 13.80 -33.49
N LEU A 70 -22.76 12.96 -33.21
CA LEU A 70 -23.26 12.76 -31.86
C LEU A 70 -22.59 11.53 -31.25
N LEU A 71 -21.90 11.74 -30.13
CA LEU A 71 -21.19 10.66 -29.43
C LEU A 71 -22.11 10.12 -28.34
N MET A 72 -22.51 8.85 -28.49
CA MET A 72 -23.37 8.17 -27.52
C MET A 72 -22.70 6.85 -27.11
N VAL A 73 -21.50 6.98 -26.53
CA VAL A 73 -20.70 5.84 -26.16
C VAL A 73 -20.47 5.87 -24.64
N GLN A 74 -19.92 4.77 -24.12
CA GLN A 74 -19.70 4.66 -22.68
C GLN A 74 -18.84 5.80 -22.16
N ALA A 75 -19.19 6.29 -20.97
CA ALA A 75 -18.52 7.45 -20.42
C ALA A 75 -17.11 7.10 -19.93
N GLY A 76 -16.24 8.09 -19.96
CA GLY A 76 -14.88 7.92 -19.50
C GLY A 76 -13.92 7.68 -20.66
N LYS A 77 -13.16 6.59 -20.60
CA LYS A 77 -12.06 6.40 -21.54
C LYS A 77 -12.57 6.06 -22.93
N ALA A 78 -13.69 5.34 -23.04
CA ALA A 78 -14.25 5.03 -24.35
C ALA A 78 -14.59 6.30 -25.12
N THR A 79 -15.13 7.30 -24.42
CA THR A 79 -15.42 8.57 -25.06
C THR A 79 -14.13 9.25 -25.55
N ASP A 80 -13.13 9.32 -24.68
CA ASP A 80 -11.85 9.90 -25.08
C ASP A 80 -11.19 9.09 -26.19
N ALA A 81 -11.36 7.76 -26.16
CA ALA A 81 -10.80 6.93 -27.22
C ALA A 81 -11.50 7.19 -28.55
N THR A 82 -12.81 7.38 -28.53
CA THR A 82 -13.54 7.69 -29.76
C THR A 82 -13.17 9.07 -30.29
N ILE A 83 -12.97 10.03 -29.39
CA ILE A 83 -12.58 11.38 -29.82
C ILE A 83 -11.21 11.35 -30.48
N ASP A 84 -10.24 10.71 -29.84
CA ASP A 84 -8.88 10.69 -30.37
C ASP A 84 -8.82 9.99 -31.72
N SER A 85 -9.67 8.99 -31.95
CA SER A 85 -9.68 8.31 -33.23
C SER A 85 -10.29 9.18 -34.32
N LEU A 86 -11.29 9.99 -33.97
CA LEU A 86 -11.96 10.83 -34.97
C LEU A 86 -11.09 12.02 -35.38
N LEU A 87 -10.29 12.54 -34.45
CA LEU A 87 -9.56 13.79 -34.67
C LEU A 87 -8.73 13.82 -35.96
N PRO A 88 -7.98 12.77 -36.32
CA PRO A 88 -7.25 12.83 -37.60
C PRO A 88 -8.16 12.86 -38.82
N LEU A 89 -9.40 12.36 -38.70
CA LEU A 89 -10.31 12.27 -39.82
C LEU A 89 -11.17 13.52 -40.02
N LEU A 90 -11.21 14.42 -39.04
CA LEU A 90 -12.10 15.57 -39.12
C LEU A 90 -11.44 16.72 -39.87
N ASP A 91 -12.26 17.71 -40.21
CA ASP A 91 -11.82 18.97 -40.80
C ASP A 91 -12.21 20.12 -39.88
N ASP A 92 -11.60 21.28 -40.13
CA ASP A 92 -11.86 22.44 -39.29
C ASP A 92 -13.34 22.79 -39.31
N GLY A 93 -13.88 23.08 -38.13
CA GLY A 93 -15.28 23.43 -37.99
C GLY A 93 -16.22 22.28 -37.73
N ASP A 94 -15.74 21.04 -37.79
CA ASP A 94 -16.58 19.90 -37.46
C ASP A 94 -17.02 19.96 -36.01
N ILE A 95 -18.17 19.36 -35.72
CA ILE A 95 -18.82 19.49 -34.42
C ILE A 95 -18.99 18.09 -33.83
N LEU A 96 -18.42 17.87 -32.66
CA LEU A 96 -18.64 16.66 -31.87
C LEU A 96 -19.62 16.99 -30.74
N ILE A 97 -20.53 16.06 -30.47
CA ILE A 97 -21.56 16.25 -29.45
C ILE A 97 -21.55 15.03 -28.55
N ASP A 98 -21.12 15.22 -27.30
CA ASP A 98 -21.07 14.14 -26.32
C ASP A 98 -22.38 14.17 -25.52
N GLY A 99 -23.26 13.23 -25.83
CA GLY A 99 -24.53 13.11 -25.16
C GLY A 99 -24.55 12.13 -24.00
N GLY A 100 -23.39 11.61 -23.60
CA GLY A 100 -23.32 10.68 -22.49
C GLY A 100 -23.48 11.36 -21.15
N ASN A 101 -23.50 10.54 -20.10
CA ASN A 101 -23.60 11.03 -18.73
C ASN A 101 -22.18 11.34 -18.25
N THR A 102 -21.66 12.46 -18.73
CA THR A 102 -20.26 12.83 -18.58
C THR A 102 -20.09 13.84 -17.44
N ASN A 103 -19.03 13.66 -16.66
CA ASN A 103 -18.64 14.68 -15.70
C ASN A 103 -18.24 15.95 -16.46
N TYR A 104 -18.78 17.09 -16.01
CA TYR A 104 -18.58 18.34 -16.74
C TYR A 104 -17.12 18.75 -16.82
N GLN A 105 -16.28 18.29 -15.88
CA GLN A 105 -14.87 18.66 -15.92
C GLN A 105 -14.12 17.94 -17.05
N ASP A 106 -14.60 16.76 -17.45
CA ASP A 106 -14.04 16.12 -18.64
C ASP A 106 -14.45 16.87 -19.90
N THR A 107 -15.70 17.35 -19.93
CA THR A 107 -16.17 18.14 -21.05
C THR A 107 -15.35 19.42 -21.20
N ILE A 108 -15.02 20.07 -20.08
CA ILE A 108 -14.18 21.26 -20.13
C ILE A 108 -12.83 20.93 -20.75
N ARG A 109 -12.28 19.77 -20.40
CA ARG A 109 -10.97 19.37 -20.92
C ARG A 109 -11.04 19.07 -22.41
N ARG A 110 -12.01 18.25 -22.82
CA ARG A 110 -12.15 17.91 -24.23
C ARG A 110 -12.44 19.14 -25.08
N ASN A 111 -13.33 20.02 -24.60
CA ASN A 111 -13.64 21.23 -25.35
C ASN A 111 -12.40 22.11 -25.52
N LYS A 112 -11.58 22.19 -24.47
CA LYS A 112 -10.37 23.02 -24.55
C LYS A 112 -9.35 22.42 -25.51
N ALA A 113 -9.13 21.10 -25.43
CA ALA A 113 -8.13 20.47 -26.27
C ALA A 113 -8.55 20.46 -27.73
N LEU A 114 -9.80 20.08 -28.00
CA LEU A 114 -10.26 19.99 -29.38
C LEU A 114 -10.27 21.36 -30.05
N ALA A 115 -10.59 22.41 -29.29
CA ALA A 115 -10.66 23.75 -29.86
C ALA A 115 -9.33 24.16 -30.49
N GLN A 116 -8.22 23.72 -29.92
CA GLN A 116 -6.92 24.02 -30.49
C GLN A 116 -6.67 23.28 -31.81
N SER A 117 -7.50 22.30 -32.14
CA SER A 117 -7.49 21.66 -33.45
C SER A 117 -8.61 22.19 -34.34
N ALA A 118 -9.16 23.36 -34.00
CA ALA A 118 -10.27 23.96 -34.75
C ALA A 118 -11.46 23.00 -34.84
N ILE A 119 -11.75 22.31 -33.74
CA ILE A 119 -12.85 21.36 -33.67
C ILE A 119 -13.79 21.80 -32.56
N ASN A 120 -15.08 21.92 -32.88
CA ASN A 120 -16.08 22.27 -31.90
C ASN A 120 -16.47 21.03 -31.09
N PHE A 121 -16.72 21.24 -29.79
CA PHE A 121 -17.12 20.16 -28.90
C PHE A 121 -18.28 20.63 -28.03
N ILE A 122 -19.40 19.92 -28.14
CA ILE A 122 -20.60 20.21 -27.36
C ILE A 122 -20.84 19.05 -26.41
N GLY A 123 -20.72 19.30 -25.11
CA GLY A 123 -21.18 18.36 -24.12
C GLY A 123 -22.66 18.59 -23.84
N MET A 124 -23.50 17.59 -24.09
CA MET A 124 -24.94 17.75 -24.01
C MET A 124 -25.52 16.77 -22.99
N GLY A 125 -26.15 17.32 -21.95
CA GLY A 125 -26.92 16.49 -21.05
C GLY A 125 -28.21 16.03 -21.70
N VAL A 126 -28.56 14.77 -21.48
CA VAL A 126 -29.77 14.19 -22.04
C VAL A 126 -30.56 13.54 -20.91
N SER A 127 -31.80 13.96 -20.74
CA SER A 127 -32.64 13.48 -19.66
C SER A 127 -33.96 12.95 -20.23
N GLY A 128 -34.47 11.88 -19.63
CA GLY A 128 -35.72 11.30 -20.07
C GLY A 128 -35.74 9.79 -20.18
N GLY A 129 -34.58 9.17 -20.07
CA GLY A 129 -34.49 7.73 -20.15
C GLY A 129 -34.61 7.23 -21.58
N GLU A 130 -34.73 5.90 -21.69
CA GLU A 130 -34.80 5.26 -23.00
C GLU A 130 -35.99 5.79 -23.81
N ILE A 131 -37.17 5.83 -23.18
CA ILE A 131 -38.35 6.31 -23.89
C ILE A 131 -38.25 7.80 -24.18
N GLY A 132 -37.61 8.55 -23.28
CA GLY A 132 -37.45 9.99 -23.52
C GLY A 132 -36.58 10.27 -24.74
N ALA A 133 -35.52 9.47 -24.94
CA ALA A 133 -34.64 9.70 -26.07
C ALA A 133 -35.32 9.38 -27.40
N LEU A 134 -36.27 8.45 -27.39
CA LEU A 134 -36.91 8.04 -28.64
C LEU A 134 -38.00 9.03 -29.08
N THR A 135 -38.64 9.72 -28.14
CA THR A 135 -39.78 10.57 -28.46
C THR A 135 -39.55 12.05 -28.17
N GLY A 136 -38.77 12.40 -27.16
CA GLY A 136 -38.54 13.79 -26.84
C GLY A 136 -37.93 13.99 -25.47
N PRO A 137 -36.61 14.15 -25.42
CA PRO A 137 -35.92 14.31 -24.14
C PRO A 137 -35.74 15.77 -23.75
N SER A 138 -35.21 15.95 -22.54
CA SER A 138 -34.64 17.23 -22.12
C SER A 138 -33.17 17.25 -22.55
N LEU A 139 -32.76 18.34 -23.19
CA LEU A 139 -31.42 18.46 -23.74
C LEU A 139 -30.73 19.70 -23.20
N MET A 140 -29.54 19.51 -22.62
CA MET A 140 -28.75 20.58 -22.01
C MET A 140 -27.39 20.64 -22.72
N PRO A 141 -27.32 21.33 -23.85
CA PRO A 141 -26.04 21.40 -24.59
C PRO A 141 -25.20 22.61 -24.18
N GLY A 142 -23.91 22.35 -24.01
CA GLY A 142 -22.96 23.41 -23.71
C GLY A 142 -21.72 23.29 -24.56
N GLY A 143 -21.15 24.42 -24.88
CA GLY A 143 -19.97 24.48 -25.72
C GLY A 143 -19.99 25.74 -26.58
N GLN A 144 -19.37 25.64 -27.75
CA GLN A 144 -19.29 26.78 -28.66
C GLN A 144 -20.69 27.21 -29.10
N GLU A 145 -21.03 28.47 -28.81
CA GLU A 145 -22.36 28.97 -29.12
C GLU A 145 -22.64 28.92 -30.63
N GLU A 146 -21.62 29.22 -31.45
CA GLU A 146 -21.81 29.17 -32.89
C GLU A 146 -22.10 27.75 -33.36
N ALA A 147 -21.41 26.76 -32.78
CA ALA A 147 -21.63 25.37 -33.17
C ALA A 147 -23.00 24.88 -32.69
N TYR A 148 -23.47 25.38 -31.55
CA TYR A 148 -24.82 25.03 -31.11
C TYR A 148 -25.85 25.50 -32.13
N ASN A 149 -25.75 26.74 -32.58
CA ASN A 149 -26.73 27.29 -33.51
C ASN A 149 -26.76 26.53 -34.83
N LYS A 150 -25.65 25.89 -35.20
CA LYS A 150 -25.65 25.08 -36.41
C LYS A 150 -26.37 23.76 -36.23
N VAL A 151 -26.52 23.28 -35.00
CA VAL A 151 -27.26 22.06 -34.71
C VAL A 151 -28.55 22.32 -33.94
N ALA A 152 -28.90 23.59 -33.70
CA ALA A 152 -30.08 23.90 -32.90
C ALA A 152 -31.34 23.39 -33.57
N ASP A 153 -31.42 23.45 -34.90
CA ASP A 153 -32.60 22.99 -35.61
C ASP A 153 -32.88 21.52 -35.35
N ILE A 154 -31.83 20.69 -35.30
CA ILE A 154 -32.01 19.26 -35.06
C ILE A 154 -32.40 19.01 -33.61
N LEU A 155 -31.69 19.64 -32.68
CA LEU A 155 -32.01 19.47 -31.26
C LEU A 155 -33.42 19.95 -30.95
N ASP A 156 -33.83 21.08 -31.55
CA ASP A 156 -35.15 21.63 -31.30
C ASP A 156 -36.25 20.70 -31.82
N ALA A 157 -35.99 19.96 -32.89
CA ALA A 157 -37.00 19.08 -33.46
C ALA A 157 -37.18 17.80 -32.64
N ILE A 158 -36.11 17.30 -32.02
CA ILE A 158 -36.21 16.04 -31.28
C ILE A 158 -36.55 16.23 -29.81
N ALA A 159 -36.42 17.44 -29.28
CA ALA A 159 -36.64 17.67 -27.85
C ALA A 159 -38.13 17.64 -27.53
N ALA A 160 -38.44 17.31 -26.28
CA ALA A 160 -39.82 17.38 -25.83
C ALA A 160 -40.30 18.82 -25.85
N LYS A 161 -41.60 18.99 -26.09
CA LYS A 161 -42.22 20.30 -26.17
C LYS A 161 -43.04 20.56 -24.91
N ALA A 162 -42.91 21.77 -24.36
CA ALA A 162 -43.73 22.17 -23.24
C ALA A 162 -45.16 22.45 -23.71
N LYS A 163 -46.04 22.75 -22.75
CA LYS A 163 -47.42 23.01 -23.10
C LYS A 163 -47.59 24.32 -23.86
N ASP A 164 -46.61 25.24 -23.77
CA ASP A 164 -46.59 26.44 -24.58
C ASP A 164 -45.84 26.26 -25.89
N GLY A 165 -45.59 25.02 -26.30
CA GLY A 165 -44.91 24.73 -27.54
C GLY A 165 -43.40 24.77 -27.50
N ALA A 166 -42.81 25.46 -26.52
CA ALA A 166 -41.37 25.65 -26.50
C ALA A 166 -40.63 24.33 -26.30
N SER A 167 -39.68 24.04 -27.19
CA SER A 167 -38.90 22.82 -27.07
C SER A 167 -38.00 22.86 -25.83
N CYS A 168 -37.85 21.71 -25.18
CA CYS A 168 -37.05 21.61 -23.97
C CYS A 168 -35.57 21.43 -24.29
N VAL A 169 -35.05 22.44 -24.99
CA VAL A 169 -33.62 22.55 -25.28
C VAL A 169 -33.31 24.03 -25.50
N THR A 170 -32.12 24.43 -25.07
CA THR A 170 -31.64 25.78 -25.29
C THR A 170 -30.13 25.77 -25.04
N TYR A 171 -29.45 26.77 -25.57
CA TYR A 171 -28.02 26.91 -25.34
C TYR A 171 -27.77 27.23 -23.87
N ILE A 172 -27.06 26.34 -23.18
CA ILE A 172 -26.80 26.54 -21.76
C ILE A 172 -25.67 27.55 -21.56
N GLY A 173 -24.51 27.28 -22.12
CA GLY A 173 -23.36 28.14 -21.99
C GLY A 173 -22.11 27.54 -22.58
N PRO A 174 -20.96 28.17 -22.32
CA PRO A 174 -19.71 27.66 -22.89
C PRO A 174 -19.25 26.36 -22.23
N ASN A 175 -18.37 25.65 -22.95
CA ASN A 175 -17.79 24.36 -22.60
C ASN A 175 -18.73 23.45 -21.79
N GLY A 176 -18.39 23.21 -20.52
CA GLY A 176 -19.06 22.22 -19.71
C GLY A 176 -20.37 22.64 -19.06
N ALA A 177 -20.91 23.81 -19.43
CA ALA A 177 -22.11 24.30 -18.77
C ALA A 177 -23.29 23.33 -18.94
N GLY A 178 -23.42 22.73 -20.12
CA GLY A 178 -24.52 21.80 -20.34
C GLY A 178 -24.45 20.57 -19.46
N HIS A 179 -23.31 19.88 -19.48
CA HIS A 179 -23.14 18.70 -18.65
C HIS A 179 -23.17 19.05 -17.16
N TYR A 180 -22.81 20.29 -16.81
CA TYR A 180 -22.87 20.68 -15.41
C TYR A 180 -24.31 20.73 -14.90
N VAL A 181 -25.20 21.40 -15.64
CA VAL A 181 -26.57 21.53 -15.16
C VAL A 181 -27.35 20.23 -15.30
N LYS A 182 -26.91 19.32 -16.17
CA LYS A 182 -27.46 17.97 -16.17
C LYS A 182 -27.11 17.25 -14.87
N MET A 183 -25.88 17.45 -14.38
CA MET A 183 -25.49 16.88 -13.10
C MET A 183 -26.36 17.44 -11.97
N VAL A 184 -26.65 18.74 -12.00
CA VAL A 184 -27.47 19.33 -10.96
C VAL A 184 -28.91 18.83 -11.05
N HIS A 185 -29.40 18.61 -12.28
CA HIS A 185 -30.72 18.02 -12.45
C HIS A 185 -30.82 16.67 -11.77
N ASN A 186 -29.76 15.86 -11.87
CA ASN A 186 -29.78 14.55 -11.23
C ASN A 186 -29.69 14.68 -9.72
N GLY A 187 -28.90 15.64 -9.22
CA GLY A 187 -28.88 15.89 -7.79
C GLY A 187 -30.23 16.30 -7.25
N ILE A 188 -30.92 17.18 -7.97
CA ILE A 188 -32.29 17.55 -7.60
C ILE A 188 -33.18 16.32 -7.65
N GLU A 189 -32.99 15.47 -8.67
CA GLU A 189 -33.78 14.26 -8.80
C GLU A 189 -33.59 13.35 -7.59
N TYR A 190 -32.36 13.24 -7.08
CA TYR A 190 -32.10 12.46 -5.87
C TYR A 190 -32.97 12.94 -4.72
N ALA A 191 -33.00 14.25 -4.49
CA ALA A 191 -33.76 14.79 -3.36
C ALA A 191 -35.26 14.62 -3.57
N ASP A 192 -35.73 14.73 -4.82
CA ASP A 192 -37.14 14.51 -5.09
C ASP A 192 -37.54 13.09 -4.72
N MET A 193 -36.72 12.10 -5.11
CA MET A 193 -37.04 10.71 -4.81
C MET A 193 -36.95 10.43 -3.32
N GLN A 194 -35.98 11.03 -2.65
CA GLN A 194 -35.83 10.81 -1.21
C GLN A 194 -36.98 11.44 -0.42
N LEU A 195 -37.43 12.62 -0.86
CA LEU A 195 -38.55 13.26 -0.18
C LEU A 195 -39.84 12.45 -0.38
N ILE A 196 -40.00 11.86 -1.57
CA ILE A 196 -41.14 10.96 -1.79
C ILE A 196 -41.01 9.74 -0.89
N ALA A 197 -39.79 9.19 -0.77
CA ALA A 197 -39.56 8.03 0.08
C ALA A 197 -39.89 8.34 1.54
N GLU A 198 -39.56 9.56 1.99
CA GLU A 198 -39.87 9.92 3.36
C GLU A 198 -41.38 10.09 3.56
N SER A 199 -42.07 10.65 2.56
CA SER A 199 -43.53 10.65 2.60
C SER A 199 -44.07 9.23 2.65
N TYR A 200 -43.51 8.34 1.82
CA TYR A 200 -43.93 6.95 1.83
C TYR A 200 -43.65 6.30 3.18
N ALA A 201 -42.47 6.55 3.75
CA ALA A 201 -42.13 5.95 5.04
C ALA A 201 -43.07 6.42 6.14
N MET A 202 -43.52 7.67 6.07
CA MET A 202 -44.46 8.17 7.07
C MET A 202 -45.82 7.52 6.90
N MET A 203 -46.27 7.32 5.66
CA MET A 203 -47.58 6.72 5.44
C MET A 203 -47.62 5.26 5.89
N LYS A 204 -46.51 4.54 5.69
CA LYS A 204 -46.47 3.13 6.03
C LYS A 204 -46.17 2.92 7.52
N GLU A 205 -45.08 3.51 8.00
CA GLU A 205 -44.63 3.25 9.37
C GLU A 205 -45.46 4.00 10.39
N LEU A 206 -45.78 5.26 10.11
CA LEU A 206 -46.48 6.09 11.09
C LEU A 206 -47.99 6.01 10.97
N LEU A 207 -48.53 5.86 9.76
CA LEU A 207 -49.98 5.82 9.58
C LEU A 207 -50.52 4.43 9.31
N GLY A 208 -49.65 3.46 9.04
CA GLY A 208 -50.11 2.11 8.79
C GLY A 208 -50.98 1.98 7.55
N MET A 209 -50.67 2.74 6.51
CA MET A 209 -51.50 2.76 5.32
C MET A 209 -51.13 1.61 4.39
N SER A 210 -52.16 0.98 3.81
CA SER A 210 -51.96 -0.10 2.87
C SER A 210 -51.41 0.44 1.54
N HIS A 211 -50.97 -0.48 0.68
CA HIS A 211 -50.40 -0.06 -0.60
C HIS A 211 -51.45 0.58 -1.50
N GLU A 212 -52.72 0.14 -1.39
CA GLU A 212 -53.78 0.78 -2.14
C GLU A 212 -53.99 2.22 -1.70
N ASP A 213 -54.04 2.45 -0.38
CA ASP A 213 -54.19 3.81 0.14
C ASP A 213 -52.96 4.66 -0.16
N ILE A 214 -51.78 4.04 -0.19
CA ILE A 214 -50.57 4.78 -0.52
C ILE A 214 -50.62 5.25 -1.97
N ALA A 215 -51.06 4.36 -2.88
CA ALA A 215 -51.15 4.74 -4.28
C ALA A 215 -52.19 5.82 -4.50
N GLN A 216 -53.35 5.68 -3.87
CA GLN A 216 -54.43 6.66 -4.04
C GLN A 216 -54.02 8.03 -3.50
N THR A 217 -53.26 8.05 -2.40
CA THR A 217 -52.80 9.32 -1.85
C THR A 217 -51.86 10.03 -2.81
N PHE A 218 -50.91 9.28 -3.40
CA PHE A 218 -49.99 9.89 -4.36
C PHE A 218 -50.72 10.35 -5.61
N LYS A 219 -51.75 9.59 -6.03
CA LYS A 219 -52.56 10.02 -7.17
C LYS A 219 -53.32 11.30 -6.86
N ASP A 220 -53.91 11.39 -5.66
CA ASP A 220 -54.60 12.62 -5.27
C ASP A 220 -53.63 13.79 -5.21
N TRP A 221 -52.43 13.55 -4.68
CA TRP A 221 -51.41 14.61 -4.66
C TRP A 221 -51.03 15.04 -6.07
N ASN A 222 -51.03 14.09 -7.02
CA ASN A 222 -50.60 14.40 -8.38
C ASN A 222 -51.63 15.23 -9.13
N ALA A 223 -52.86 15.30 -8.66
CA ALA A 223 -53.89 16.11 -9.32
C ALA A 223 -53.85 17.56 -8.89
N GLY A 224 -52.92 17.95 -8.02
CA GLY A 224 -52.82 19.32 -7.57
C GLY A 224 -51.51 19.98 -7.91
N GLU A 225 -51.02 20.83 -7.01
CA GLU A 225 -49.79 21.58 -7.27
C GLU A 225 -48.55 20.68 -7.34
N LEU A 226 -48.58 19.51 -6.69
CA LEU A 226 -47.44 18.63 -6.67
C LEU A 226 -47.28 17.80 -7.93
N GLU A 227 -48.12 18.04 -8.94
CA GLU A 227 -48.12 17.23 -10.16
C GLU A 227 -46.72 17.11 -10.74
N SER A 228 -46.27 15.88 -10.92
CA SER A 228 -44.90 15.62 -11.35
C SER A 228 -44.83 14.22 -11.95
N TYR A 229 -43.78 13.98 -12.73
CA TYR A 229 -43.56 12.64 -13.25
C TYR A 229 -43.22 11.66 -12.15
N LEU A 230 -42.38 12.07 -11.19
CA LEU A 230 -41.96 11.14 -10.15
C LEU A 230 -43.13 10.76 -9.24
N ILE A 231 -44.00 11.71 -8.91
CA ILE A 231 -45.16 11.36 -8.10
C ILE A 231 -46.14 10.52 -8.90
N GLU A 232 -46.24 10.76 -10.21
CA GLU A 232 -47.10 9.93 -11.06
C GLU A 232 -46.67 8.48 -11.03
N ILE A 233 -45.39 8.20 -11.30
CA ILE A 233 -44.96 6.81 -11.34
C ILE A 233 -44.97 6.19 -9.95
N THR A 234 -44.78 7.00 -8.90
CA THR A 234 -44.91 6.49 -7.55
C THR A 234 -46.31 5.95 -7.30
N GLY A 235 -47.33 6.61 -7.85
CA GLY A 235 -48.68 6.07 -7.78
C GLY A 235 -48.82 4.78 -8.55
N ASP A 236 -48.23 4.71 -9.74
CA ASP A 236 -48.28 3.47 -10.53
C ASP A 236 -47.53 2.35 -9.82
N ILE A 237 -46.42 2.68 -9.15
CA ILE A 237 -45.58 1.65 -8.56
C ILE A 237 -46.34 0.91 -7.45
N PHE A 238 -47.05 1.64 -6.60
CA PHE A 238 -47.80 0.99 -5.54
C PHE A 238 -49.05 0.28 -6.03
N MET A 239 -49.37 0.39 -7.33
CA MET A 239 -50.43 -0.40 -7.91
C MET A 239 -49.94 -1.73 -8.46
N LYS A 240 -48.63 -1.84 -8.73
CA LYS A 240 -48.07 -3.04 -9.36
C LYS A 240 -48.02 -4.17 -8.34
N LEU A 241 -48.94 -5.12 -8.47
CA LEU A 241 -48.99 -6.27 -7.59
C LEU A 241 -48.34 -7.49 -8.23
N ASP A 242 -47.98 -8.46 -7.40
CA ASP A 242 -47.15 -9.56 -7.86
C ASP A 242 -47.90 -10.89 -7.93
N GLU A 243 -47.22 -11.96 -7.54
CA GLU A 243 -47.76 -13.31 -7.64
C GLU A 243 -49.02 -13.47 -6.81
N ASN A 244 -48.92 -13.25 -5.50
CA ASN A 244 -50.03 -13.45 -4.58
C ASN A 244 -50.77 -12.14 -4.28
N LYS A 245 -50.85 -11.24 -5.25
CA LYS A 245 -51.59 -9.98 -5.12
C LYS A 245 -51.04 -9.14 -3.97
N GLU A 246 -49.73 -9.02 -3.90
CA GLU A 246 -49.04 -8.19 -2.92
C GLU A 246 -48.27 -7.10 -3.63
N ALA A 247 -48.05 -5.99 -2.93
CA ALA A 247 -47.28 -4.89 -3.47
C ALA A 247 -45.87 -5.35 -3.83
N LEU A 248 -45.55 -5.32 -5.13
CA LEU A 248 -44.24 -5.77 -5.58
C LEU A 248 -43.13 -4.89 -5.04
N VAL A 249 -43.38 -3.60 -4.88
CA VAL A 249 -42.36 -2.69 -4.37
C VAL A 249 -41.93 -3.09 -2.96
N GLU A 250 -42.84 -3.70 -2.18
CA GLU A 250 -42.51 -4.10 -0.81
C GLU A 250 -41.54 -5.26 -0.76
N LYS A 251 -41.30 -5.94 -1.87
CA LYS A 251 -40.36 -7.06 -1.92
C LYS A 251 -39.06 -6.71 -2.63
N ILE A 252 -38.82 -5.44 -2.90
CA ILE A 252 -37.58 -4.99 -3.53
C ILE A 252 -36.57 -4.68 -2.44
N LEU A 253 -35.34 -5.16 -2.61
CA LEU A 253 -34.30 -4.92 -1.62
C LEU A 253 -34.00 -3.43 -1.49
N ASP A 254 -33.99 -2.93 -0.26
CA ASP A 254 -33.86 -1.50 0.01
C ASP A 254 -32.38 -1.08 0.02
N THR A 255 -31.73 -1.24 -1.14
CA THR A 255 -30.36 -0.80 -1.35
C THR A 255 -30.34 0.06 -2.61
N ALA A 256 -30.24 1.37 -2.43
CA ALA A 256 -30.36 2.30 -3.56
C ALA A 256 -29.06 2.36 -4.34
N GLY A 257 -29.12 2.09 -5.63
CA GLY A 257 -27.97 2.18 -6.50
C GLY A 257 -27.64 3.61 -6.88
N GLN A 258 -26.53 3.77 -7.59
CA GLN A 258 -26.01 5.10 -7.87
C GLN A 258 -25.05 5.06 -9.04
N LYS A 259 -25.06 6.13 -9.82
CA LYS A 259 -23.95 6.52 -10.67
C LYS A 259 -23.33 7.80 -10.07
N GLY A 260 -22.40 8.40 -10.80
CA GLY A 260 -21.63 9.48 -10.23
C GLY A 260 -22.41 10.75 -9.97
N THR A 261 -23.42 11.03 -10.80
CA THR A 261 -24.03 12.36 -10.82
C THR A 261 -24.52 12.81 -9.44
N GLY A 262 -24.95 11.87 -8.61
CA GLY A 262 -25.39 12.21 -7.28
C GLY A 262 -24.30 12.84 -6.44
N LYS A 263 -23.25 12.07 -6.15
CA LYS A 263 -22.15 12.58 -5.34
C LYS A 263 -21.39 13.71 -6.02
N TRP A 264 -21.45 13.81 -7.35
CA TRP A 264 -20.76 14.88 -8.04
C TRP A 264 -21.34 16.25 -7.67
N THR A 265 -22.66 16.36 -7.61
CA THR A 265 -23.28 17.63 -7.25
C THR A 265 -22.89 18.04 -5.84
N SER A 266 -22.91 17.09 -4.90
CA SER A 266 -22.60 17.42 -3.51
C SER A 266 -21.14 17.83 -3.36
N ILE A 267 -20.22 17.11 -4.01
CA ILE A 267 -18.82 17.49 -4.00
C ILE A 267 -18.65 18.89 -4.58
N ASN A 268 -19.31 19.18 -5.70
CA ASN A 268 -19.19 20.49 -6.33
C ASN A 268 -19.74 21.59 -5.42
N ALA A 269 -20.87 21.34 -4.77
CA ALA A 269 -21.43 22.31 -3.83
C ALA A 269 -20.44 22.61 -2.71
N LEU A 270 -19.78 21.58 -2.17
CA LEU A 270 -18.77 21.80 -1.16
C LEU A 270 -17.60 22.62 -1.69
N GLU A 271 -17.15 22.31 -2.91
CA GLU A 271 -16.06 23.08 -3.52
C GLU A 271 -16.46 24.53 -3.75
N LEU A 272 -17.72 24.79 -4.09
CA LEU A 272 -18.18 26.15 -4.36
C LEU A 272 -18.62 26.90 -3.11
N GLY A 273 -18.77 26.23 -1.98
CA GLY A 273 -19.23 26.90 -0.78
C GLY A 273 -20.72 27.15 -0.73
N ILE A 274 -21.52 26.21 -1.23
CA ILE A 274 -22.97 26.34 -1.32
C ILE A 274 -23.60 25.34 -0.34
N PRO A 275 -24.56 25.76 0.48
CA PRO A 275 -25.25 24.81 1.41
C PRO A 275 -26.29 23.93 0.72
N LEU A 276 -25.82 22.88 0.05
CA LEU A 276 -26.70 21.93 -0.63
C LEU A 276 -27.05 20.76 0.30
N THR A 277 -27.69 21.09 1.42
CA THR A 277 -27.90 20.11 2.47
C THR A 277 -28.90 19.03 2.05
N ILE A 278 -29.97 19.41 1.37
CA ILE A 278 -31.06 18.48 1.13
C ILE A 278 -30.64 17.42 0.11
N ILE A 279 -30.06 17.84 -1.00
CA ILE A 279 -29.56 16.87 -1.98
C ILE A 279 -28.47 16.01 -1.37
N THR A 280 -27.57 16.61 -0.60
CA THR A 280 -26.48 15.85 0.00
C THR A 280 -27.00 14.82 0.99
N GLU A 281 -28.01 15.19 1.80
CA GLU A 281 -28.63 14.22 2.69
C GLU A 281 -29.22 13.05 1.91
N SER A 282 -29.77 13.33 0.72
CA SER A 282 -30.31 12.28 -0.12
C SER A 282 -29.22 11.35 -0.63
N VAL A 283 -28.09 11.93 -1.04
CA VAL A 283 -26.94 11.12 -1.45
C VAL A 283 -26.46 10.26 -0.28
N PHE A 284 -26.32 10.89 0.89
CA PHE A 284 -25.95 10.15 2.08
C PHE A 284 -26.99 9.11 2.44
N ALA A 285 -28.28 9.40 2.19
CA ALA A 285 -29.32 8.42 2.49
C ALA A 285 -29.17 7.18 1.62
N ARG A 286 -28.70 7.35 0.39
CA ARG A 286 -28.41 6.20 -0.45
C ARG A 286 -27.22 5.40 0.09
N PHE A 287 -26.25 6.06 0.71
CA PHE A 287 -25.10 5.35 1.28
C PHE A 287 -25.53 4.43 2.41
N ILE A 288 -26.28 4.96 3.38
CA ILE A 288 -26.81 4.14 4.47
C ILE A 288 -27.69 3.03 3.92
N SER A 289 -28.44 3.33 2.86
CA SER A 289 -29.27 2.33 2.23
C SER A 289 -28.46 1.10 1.80
N SER A 290 -27.19 1.29 1.41
CA SER A 290 -26.45 0.20 0.77
C SER A 290 -25.88 -0.80 1.77
N ILE A 291 -25.65 -0.41 3.02
CA ILE A 291 -25.13 -1.34 4.02
C ILE A 291 -26.31 -2.05 4.67
N LYS A 292 -27.02 -2.85 3.88
CA LYS A 292 -28.22 -3.51 4.36
C LYS A 292 -27.93 -4.43 5.53
N GLU A 293 -27.01 -5.38 5.35
CA GLU A 293 -26.75 -6.37 6.38
C GLU A 293 -26.18 -5.74 7.65
N GLU A 294 -25.50 -4.61 7.53
CA GLU A 294 -25.06 -3.89 8.72
C GLU A 294 -26.24 -3.27 9.46
N ARG A 295 -27.17 -2.66 8.71
CA ARG A 295 -28.37 -2.13 9.33
C ARG A 295 -29.21 -3.24 9.95
N VAL A 296 -29.32 -4.37 9.27
CA VAL A 296 -30.08 -5.50 9.81
C VAL A 296 -29.48 -5.95 11.13
N ASN A 297 -28.16 -5.95 11.23
CA ASN A 297 -27.51 -6.32 12.49
C ASN A 297 -27.68 -5.23 13.53
N ALA A 298 -27.71 -3.96 13.11
CA ALA A 298 -27.88 -2.87 14.05
C ALA A 298 -29.31 -2.80 14.58
N SER A 299 -30.29 -3.21 13.76
CA SER A 299 -31.69 -3.18 14.20
C SER A 299 -31.92 -4.08 15.40
N LYS A 300 -31.13 -5.16 15.52
CA LYS A 300 -31.26 -6.07 16.65
C LYS A 300 -30.56 -5.58 17.90
N GLU A 301 -29.71 -4.56 17.80
CA GLU A 301 -28.96 -4.04 18.93
C GLU A 301 -29.42 -2.67 19.41
N LEU A 302 -29.91 -1.82 18.52
CA LEU A 302 -30.27 -0.45 18.85
C LEU A 302 -31.79 -0.31 18.81
N ASN A 303 -32.37 0.07 19.94
CA ASN A 303 -33.82 0.18 20.07
C ASN A 303 -34.28 1.60 19.82
N GLY A 304 -35.54 1.73 19.43
CA GLY A 304 -36.14 3.02 19.20
C GLY A 304 -37.62 3.00 19.55
N PRO A 305 -38.26 4.16 19.51
CA PRO A 305 -39.69 4.23 19.85
C PRO A 305 -40.54 3.53 18.80
N LYS A 306 -41.66 2.98 19.26
CA LYS A 306 -42.62 2.32 18.38
C LYS A 306 -43.56 3.36 17.79
N ALA A 307 -43.58 3.47 16.46
CA ALA A 307 -44.36 4.49 15.79
C ALA A 307 -45.85 4.32 16.09
N SER A 308 -46.47 5.38 16.60
CA SER A 308 -47.89 5.40 16.87
C SER A 308 -48.44 6.78 16.56
N PHE A 309 -49.69 6.82 16.07
CA PHE A 309 -50.36 8.06 15.75
C PHE A 309 -51.80 7.96 16.23
N ASP A 310 -52.17 8.83 17.17
CA ASP A 310 -53.50 8.81 17.77
C ASP A 310 -54.44 9.85 17.17
N GLY A 311 -54.00 10.62 16.19
CA GLY A 311 -54.76 11.74 15.68
C GLY A 311 -55.52 11.41 14.41
N ASP A 312 -55.90 12.47 13.69
CA ASP A 312 -56.63 12.35 12.44
C ASP A 312 -55.64 12.09 11.30
N LYS A 313 -55.71 10.89 10.72
CA LYS A 313 -54.72 10.48 9.73
C LYS A 313 -54.84 11.29 8.44
N LYS A 314 -56.08 11.64 8.05
CA LYS A 314 -56.26 12.41 6.82
C LYS A 314 -55.75 13.84 6.98
N ASP A 315 -55.93 14.43 8.17
CA ASP A 315 -55.34 15.73 8.44
C ASP A 315 -53.82 15.67 8.38
N PHE A 316 -53.23 14.61 8.95
CA PHE A 316 -51.78 14.49 8.96
C PHE A 316 -51.24 14.18 7.58
N LEU A 317 -51.97 13.39 6.79
CA LEU A 317 -51.59 13.16 5.40
C LEU A 317 -51.43 14.47 4.65
N GLU A 318 -52.37 15.40 4.86
CA GLU A 318 -52.27 16.71 4.23
C GLU A 318 -51.06 17.49 4.72
N LYS A 319 -50.67 17.29 5.97
CA LYS A 319 -49.45 17.93 6.48
C LYS A 319 -48.22 17.37 5.78
N ILE A 320 -48.20 16.06 5.52
CA ILE A 320 -47.11 15.48 4.76
C ILE A 320 -47.07 16.08 3.35
N ARG A 321 -48.25 16.27 2.75
CA ARG A 321 -48.30 16.86 1.41
C ARG A 321 -47.71 18.26 1.41
N LYS A 322 -48.09 19.08 2.39
CA LYS A 322 -47.49 20.41 2.51
C LYS A 322 -45.99 20.31 2.77
N ALA A 323 -45.57 19.35 3.61
CA ALA A 323 -44.16 19.18 3.89
C ALA A 323 -43.39 18.82 2.63
N LEU A 324 -43.97 17.98 1.78
CA LEU A 324 -43.30 17.58 0.54
C LEU A 324 -43.14 18.77 -0.41
N TYR A 325 -44.19 19.57 -0.57
CA TYR A 325 -44.12 20.70 -1.49
C TYR A 325 -43.15 21.77 -0.99
N MET A 326 -43.15 22.04 0.31
CA MET A 326 -42.22 23.03 0.86
C MET A 326 -40.78 22.55 0.78
N SER A 327 -40.55 21.26 1.01
CA SER A 327 -39.19 20.73 0.92
C SER A 327 -38.67 20.77 -0.50
N LYS A 328 -39.55 20.60 -1.50
CA LYS A 328 -39.12 20.77 -2.89
C LYS A 328 -38.64 22.19 -3.14
N ILE A 329 -39.36 23.18 -2.61
CA ILE A 329 -38.97 24.58 -2.80
C ILE A 329 -37.60 24.83 -2.17
N CYS A 330 -37.40 24.33 -0.95
CA CYS A 330 -36.11 24.49 -0.29
C CYS A 330 -35.00 23.75 -1.04
N SER A 331 -35.30 22.56 -1.54
CA SER A 331 -34.31 21.79 -2.27
C SER A 331 -33.94 22.46 -3.58
N TYR A 332 -34.95 22.92 -4.32
CA TYR A 332 -34.68 23.60 -5.58
C TYR A 332 -34.01 24.95 -5.35
N ALA A 333 -34.42 25.67 -4.30
CA ALA A 333 -33.75 26.92 -3.96
C ALA A 333 -32.25 26.71 -3.73
N GLN A 334 -31.88 25.57 -3.13
CA GLN A 334 -30.47 25.25 -2.96
C GLN A 334 -29.82 24.92 -4.29
N GLY A 335 -30.49 24.12 -5.13
CA GLY A 335 -29.93 23.74 -6.41
C GLY A 335 -29.73 24.91 -7.35
N PHE A 336 -30.63 25.89 -7.30
CA PHE A 336 -30.48 27.07 -8.14
C PHE A 336 -29.47 28.06 -7.56
N ALA A 337 -29.25 28.03 -6.25
CA ALA A 337 -28.17 28.83 -5.67
C ALA A 337 -26.81 28.26 -6.06
N GLN A 338 -26.73 26.94 -6.21
CA GLN A 338 -25.49 26.31 -6.68
C GLN A 338 -25.19 26.70 -8.12
N MET A 339 -26.21 26.68 -8.98
CA MET A 339 -25.99 27.04 -10.38
C MET A 339 -25.62 28.50 -10.52
N ARG A 340 -26.20 29.37 -9.70
CA ARG A 340 -25.83 30.77 -9.75
C ARG A 340 -24.36 30.97 -9.43
N LYS A 341 -23.84 30.24 -8.43
CA LYS A 341 -22.44 30.37 -8.07
C LYS A 341 -21.54 29.73 -9.13
N ALA A 342 -21.93 28.56 -9.65
CA ALA A 342 -21.14 27.92 -10.69
C ALA A 342 -21.12 28.77 -11.96
N SER A 343 -22.25 29.41 -12.28
CA SER A 343 -22.25 30.37 -13.38
C SER A 343 -21.24 31.48 -13.13
N GLU A 344 -21.20 32.01 -11.91
CA GLU A 344 -20.27 33.09 -11.60
C GLU A 344 -18.82 32.61 -11.63
N ASP A 345 -18.54 31.43 -11.06
CA ASP A 345 -17.16 30.98 -10.98
C ASP A 345 -16.63 30.53 -12.33
N ASN A 346 -17.47 29.93 -13.17
CA ASN A 346 -17.05 29.46 -14.48
C ASN A 346 -17.33 30.46 -15.59
N GLU A 347 -17.93 31.61 -15.27
CA GLU A 347 -18.25 32.64 -16.26
C GLU A 347 -19.12 32.09 -17.38
N TRP A 348 -20.12 31.30 -16.99
CA TRP A 348 -21.05 30.71 -17.95
C TRP A 348 -22.21 31.64 -18.30
N ASN A 349 -22.42 32.70 -17.52
CA ASN A 349 -23.53 33.63 -17.75
C ASN A 349 -24.84 32.87 -17.90
N LEU A 350 -25.11 31.97 -16.94
CA LEU A 350 -26.29 31.13 -17.02
C LEU A 350 -27.56 31.95 -16.86
N LYS A 351 -28.60 31.55 -17.59
CA LYS A 351 -29.94 32.12 -17.45
C LYS A 351 -30.78 31.06 -16.74
N LEU A 352 -30.93 31.21 -15.42
CA LEU A 352 -31.57 30.17 -14.63
C LEU A 352 -33.03 29.96 -15.04
N GLY A 353 -33.72 31.02 -15.47
CA GLY A 353 -35.07 30.87 -15.95
C GLY A 353 -35.20 29.92 -17.13
N ASP A 354 -34.17 29.88 -17.99
CA ASP A 354 -34.18 28.96 -19.13
C ASP A 354 -34.01 27.51 -18.70
N LEU A 355 -33.29 27.28 -17.60
CA LEU A 355 -33.11 25.92 -17.13
C LEU A 355 -34.43 25.34 -16.65
N ALA A 356 -35.17 26.09 -15.84
CA ALA A 356 -36.51 25.67 -15.44
C ALA A 356 -37.40 25.46 -16.65
N MET A 357 -37.23 26.33 -17.66
CA MET A 357 -38.07 26.24 -18.85
C MET A 357 -37.89 24.91 -19.57
N ILE A 358 -36.63 24.52 -19.81
CA ILE A 358 -36.35 23.27 -20.53
C ILE A 358 -36.50 22.05 -19.64
N TRP A 359 -36.76 22.23 -18.35
CA TRP A 359 -37.04 21.12 -17.46
C TRP A 359 -38.53 20.88 -17.24
N ARG A 360 -39.38 21.65 -17.91
CA ARG A 360 -40.82 21.47 -17.74
C ARG A 360 -41.32 20.17 -18.35
N GLU A 361 -40.61 19.63 -19.34
CA GLU A 361 -40.94 18.34 -19.92
C GLU A 361 -39.65 17.59 -20.20
N GLY A 362 -39.78 16.37 -20.72
CA GLY A 362 -38.62 15.57 -21.08
C GLY A 362 -37.87 14.96 -19.92
N CYS A 363 -37.44 15.78 -18.97
CA CYS A 363 -36.57 15.31 -17.90
C CYS A 363 -37.37 14.54 -16.84
N ILE A 364 -36.63 13.94 -15.91
CA ILE A 364 -37.24 13.12 -14.88
C ILE A 364 -37.92 13.98 -13.81
N ILE A 365 -37.38 15.17 -13.55
CA ILE A 365 -37.94 16.04 -12.50
C ILE A 365 -39.07 16.89 -13.06
N ARG A 366 -39.52 16.58 -14.28
CA ARG A 366 -40.53 17.42 -14.91
C ARG A 366 -41.80 17.49 -14.07
N ALA A 367 -42.32 18.70 -13.91
CA ALA A 367 -43.45 18.96 -13.03
C ALA A 367 -43.99 20.34 -13.32
N GLN A 368 -45.26 20.54 -12.99
CA GLN A 368 -45.82 21.90 -13.02
C GLN A 368 -45.03 22.84 -12.13
N PHE A 369 -44.43 22.29 -11.07
CA PHE A 369 -43.51 23.04 -10.21
C PHE A 369 -42.47 23.81 -11.02
N LEU A 370 -41.97 23.21 -12.11
CA LEU A 370 -40.94 23.86 -12.90
C LEU A 370 -41.47 25.12 -13.60
N GLN A 371 -42.76 25.12 -13.96
CA GLN A 371 -43.34 26.30 -14.58
C GLN A 371 -43.36 27.48 -13.62
N LYS A 372 -43.55 27.23 -12.32
CA LYS A 372 -43.58 28.31 -11.36
C LYS A 372 -42.18 28.84 -11.05
N ILE A 373 -41.15 28.00 -11.18
CA ILE A 373 -39.79 28.51 -11.09
C ILE A 373 -39.48 29.41 -12.28
N LYS A 374 -39.92 29.00 -13.48
CA LYS A 374 -39.77 29.86 -14.65
C LYS A 374 -40.52 31.17 -14.46
N ASP A 375 -41.74 31.10 -13.90
CA ASP A 375 -42.47 32.32 -13.58
C ASP A 375 -41.69 33.20 -12.61
N ALA A 376 -40.99 32.57 -11.66
CA ALA A 376 -40.21 33.34 -10.69
C ALA A 376 -39.11 34.14 -11.38
N TYR A 377 -38.36 33.49 -12.27
CA TYR A 377 -37.27 34.18 -12.96
C TYR A 377 -37.78 35.07 -14.09
N ASP A 378 -38.91 34.71 -14.71
CA ASP A 378 -39.52 35.63 -15.67
C ASP A 378 -39.97 36.91 -15.00
N ASN A 379 -40.51 36.81 -13.79
CA ASN A 379 -40.95 38.01 -13.06
C ASN A 379 -39.76 38.80 -12.54
N ASN A 380 -38.70 38.12 -12.09
CA ASN A 380 -37.52 38.79 -11.54
C ASN A 380 -36.27 38.04 -11.98
N PRO A 381 -35.62 38.50 -13.05
CA PRO A 381 -34.38 37.83 -13.49
C PRO A 381 -33.24 37.95 -12.49
N GLY A 382 -33.29 38.92 -11.58
CA GLY A 382 -32.27 39.07 -10.57
C GLY A 382 -32.63 38.44 -9.25
N LEU A 383 -33.62 37.56 -9.24
CA LEU A 383 -34.06 36.88 -8.02
C LEU A 383 -32.89 36.17 -7.36
N GLN A 384 -32.57 36.59 -6.13
CA GLN A 384 -31.37 36.09 -5.46
C GLN A 384 -31.56 34.71 -4.85
N ASN A 385 -32.79 34.29 -4.60
CA ASN A 385 -33.05 32.98 -4.01
C ASN A 385 -34.53 32.67 -4.19
N LEU A 386 -34.84 31.41 -4.50
CA LEU A 386 -36.21 31.03 -4.82
C LEU A 386 -37.16 31.33 -3.67
N LEU A 387 -36.69 31.24 -2.42
CA LEU A 387 -37.56 31.49 -1.28
C LEU A 387 -38.11 32.91 -1.28
N LEU A 388 -37.41 33.84 -1.93
CA LEU A 388 -37.84 35.23 -1.94
C LEU A 388 -38.85 35.51 -3.04
N ASP A 389 -39.12 34.55 -3.93
CA ASP A 389 -40.15 34.74 -4.93
C ASP A 389 -41.51 34.89 -4.26
N PRO A 390 -42.34 35.84 -4.69
CA PRO A 390 -43.61 36.07 -3.99
C PRO A 390 -44.48 34.84 -3.87
N TYR A 391 -44.64 34.06 -4.94
CA TYR A 391 -45.45 32.86 -4.86
C TYR A 391 -44.84 31.84 -3.89
N PHE A 392 -43.56 31.51 -4.10
CA PHE A 392 -42.91 30.51 -3.25
C PHE A 392 -42.84 30.98 -1.79
N LYS A 393 -42.57 32.27 -1.58
CA LYS A 393 -42.55 32.80 -0.22
C LYS A 393 -43.90 32.59 0.47
N ASN A 394 -44.99 32.85 -0.25
CA ASN A 394 -46.32 32.65 0.34
C ASN A 394 -46.57 31.19 0.67
N ILE A 395 -46.00 30.26 -0.09
CA ILE A 395 -46.17 28.84 0.21
C ILE A 395 -45.45 28.49 1.51
N VAL A 396 -44.14 28.75 1.57
CA VAL A 396 -43.37 28.31 2.73
C VAL A 396 -43.78 29.09 3.98
N THR A 397 -44.31 30.30 3.82
CA THR A 397 -44.83 31.03 4.98
C THR A 397 -46.02 30.30 5.57
N GLU A 398 -46.79 29.62 4.72
CA GLU A 398 -47.96 28.84 5.11
C GLU A 398 -47.59 27.43 5.56
N TYR A 399 -46.87 26.72 4.70
CA TYR A 399 -46.66 25.29 4.85
C TYR A 399 -45.65 24.94 5.92
N GLN A 400 -44.94 25.94 6.47
CA GLN A 400 -43.92 25.64 7.47
C GLN A 400 -44.52 24.99 8.71
N ASP A 401 -45.78 25.34 9.04
CA ASP A 401 -46.43 24.72 10.18
C ASP A 401 -46.60 23.22 9.99
N ALA A 402 -46.96 22.79 8.78
CA ALA A 402 -47.10 21.37 8.52
C ALA A 402 -45.74 20.68 8.46
N LEU A 403 -44.73 21.36 7.90
CA LEU A 403 -43.41 20.76 7.81
C LEU A 403 -42.80 20.56 9.19
N ARG A 404 -42.99 21.53 10.11
CA ARG A 404 -42.50 21.36 11.47
C ARG A 404 -43.24 20.21 12.16
N ASP A 405 -44.56 20.14 12.00
CA ASP A 405 -45.33 19.05 12.60
C ASP A 405 -44.88 17.70 12.07
N VAL A 406 -44.59 17.63 10.77
CA VAL A 406 -44.21 16.35 10.16
C VAL A 406 -42.83 15.92 10.63
N VAL A 407 -41.88 16.85 10.71
CA VAL A 407 -40.53 16.51 11.16
C VAL A 407 -40.54 16.10 12.62
N ALA A 408 -41.17 16.90 13.48
CA ALA A 408 -41.18 16.60 14.91
C ALA A 408 -41.89 15.28 15.20
N THR A 409 -42.98 14.99 14.47
CA THR A 409 -43.65 13.71 14.66
C THR A 409 -42.78 12.56 14.17
N GLY A 410 -42.08 12.76 13.05
CA GLY A 410 -41.19 11.71 12.56
C GLY A 410 -40.05 11.42 13.51
N VAL A 411 -39.51 12.46 14.16
CA VAL A 411 -38.38 12.27 15.05
C VAL A 411 -38.82 11.57 16.34
N GLN A 412 -40.01 11.93 16.86
CA GLN A 412 -40.49 11.30 18.08
C GLN A 412 -40.96 9.86 17.85
N ASN A 413 -41.19 9.47 16.59
CA ASN A 413 -41.64 8.12 16.29
C ASN A 413 -40.55 7.28 15.65
N GLY A 414 -39.32 7.77 15.61
CA GLY A 414 -38.20 6.99 15.10
C GLY A 414 -38.17 6.79 13.60
N VAL A 415 -38.93 7.56 12.83
CA VAL A 415 -38.94 7.45 11.38
C VAL A 415 -37.96 8.48 10.82
N PRO A 416 -36.86 8.05 10.21
CA PRO A 416 -35.87 9.02 9.72
C PRO A 416 -36.46 9.91 8.64
N THR A 417 -36.25 11.21 8.78
CA THR A 417 -36.73 12.20 7.82
C THR A 417 -35.60 13.15 7.44
N PRO A 418 -34.49 12.64 6.90
CA PRO A 418 -33.34 13.52 6.64
C PRO A 418 -33.65 14.64 5.67
N GLY A 419 -34.43 14.38 4.63
CA GLY A 419 -34.77 15.43 3.68
C GLY A 419 -35.73 16.46 4.26
N PHE A 420 -36.77 15.98 4.96
CA PHE A 420 -37.67 16.91 5.63
C PHE A 420 -36.92 17.75 6.67
N SER A 421 -36.10 17.08 7.48
CA SER A 421 -35.33 17.78 8.52
C SER A 421 -34.39 18.80 7.91
N SER A 422 -33.74 18.46 6.80
CA SER A 422 -32.82 19.39 6.16
C SER A 422 -33.54 20.62 5.62
N SER A 423 -34.74 20.42 5.06
CA SER A 423 -35.47 21.55 4.48
C SER A 423 -35.86 22.57 5.53
N ILE A 424 -36.48 22.12 6.62
CA ILE A 424 -36.92 23.07 7.65
C ILE A 424 -35.71 23.73 8.30
N ASN A 425 -34.63 22.98 8.49
CA ASN A 425 -33.41 23.58 9.02
C ASN A 425 -32.80 24.58 8.05
N TYR A 426 -32.92 24.32 6.75
CA TYR A 426 -32.44 25.30 5.78
C TYR A 426 -33.28 26.57 5.82
N TYR A 427 -34.60 26.44 5.89
CA TYR A 427 -35.46 27.62 5.96
C TYR A 427 -35.19 28.42 7.22
N ASP A 428 -34.97 27.73 8.35
CA ASP A 428 -34.76 28.45 9.60
C ASP A 428 -33.38 29.10 9.66
N SER A 429 -32.38 28.53 8.96
CA SER A 429 -31.06 29.13 8.96
C SER A 429 -30.99 30.28 7.96
N TYR A 430 -31.59 30.12 6.79
CA TYR A 430 -31.51 31.15 5.75
C TYR A 430 -32.20 32.44 6.19
N ARG A 431 -33.30 32.33 6.92
CA ARG A 431 -34.05 33.50 7.36
C ARG A 431 -33.51 34.09 8.65
N ALA A 432 -32.48 33.49 9.24
CA ALA A 432 -31.95 33.93 10.52
C ALA A 432 -30.98 35.08 10.33
N ALA A 433 -31.31 36.25 10.88
CA ALA A 433 -30.38 37.37 10.83
C ALA A 433 -29.13 37.10 11.65
N ASP A 434 -29.27 36.37 12.76
CA ASP A 434 -28.14 36.06 13.64
C ASP A 434 -28.09 34.55 13.87
N LEU A 435 -26.96 33.94 13.53
CA LEU A 435 -26.70 32.54 13.75
C LEU A 435 -25.65 32.37 14.84
N PRO A 436 -25.53 31.17 15.44
CA PRO A 436 -24.51 30.98 16.48
C PRO A 436 -23.10 30.81 15.92
N ALA A 437 -22.87 31.30 14.70
CA ALA A 437 -21.55 31.25 14.11
C ALA A 437 -20.57 32.17 14.82
N ASN A 438 -21.06 33.13 15.60
CA ASN A 438 -20.17 33.99 16.37
C ASN A 438 -19.41 33.21 17.43
N LEU A 439 -20.03 32.18 18.00
CA LEU A 439 -19.31 31.32 18.94
C LEU A 439 -18.25 30.50 18.23
N ILE A 440 -18.55 30.03 17.01
CA ILE A 440 -17.56 29.32 16.22
C ILE A 440 -16.37 30.24 15.94
N GLN A 441 -16.64 31.50 15.59
CA GLN A 441 -15.56 32.46 15.35
C GLN A 441 -14.78 32.77 16.62
N ALA A 442 -15.44 32.73 17.78
CA ALA A 442 -14.74 32.97 19.04
C ALA A 442 -13.83 31.81 19.40
N GLN A 443 -14.27 30.59 19.14
CA GLN A 443 -13.43 29.42 19.42
C GLN A 443 -12.23 29.38 18.48
N ARG A 444 -12.46 29.62 17.18
CA ARG A 444 -11.36 29.63 16.23
C ARG A 444 -10.34 30.71 16.56
N ASP A 445 -10.79 31.84 17.11
CA ASP A 445 -9.85 32.85 17.59
C ASP A 445 -9.14 32.39 18.86
N TYR A 446 -9.78 31.54 19.66
CA TYR A 446 -9.19 31.07 20.89
C TYR A 446 -7.99 30.18 20.63
N PHE A 447 -8.19 29.06 19.92
CA PHE A 447 -7.14 28.06 19.78
C PHE A 447 -6.30 28.22 18.52
N GLY A 448 -6.73 29.04 17.56
CA GLY A 448 -6.01 29.12 16.31
C GLY A 448 -5.56 30.52 15.92
N ALA A 449 -5.94 31.51 16.72
CA ALA A 449 -5.60 32.91 16.44
C ALA A 449 -6.09 33.33 15.06
N HIS A 450 -7.27 32.85 14.66
CA HIS A 450 -7.80 33.08 13.33
C HIS A 450 -8.49 34.43 13.18
N THR A 451 -8.52 35.25 14.23
CA THR A 451 -9.14 36.58 14.22
C THR A 451 -10.63 36.53 13.88
N TYR A 452 -11.28 37.68 13.87
CA TYR A 452 -12.71 37.77 13.62
C TYR A 452 -13.07 39.23 13.35
N GLU A 453 -14.27 39.42 12.81
CA GLU A 453 -14.88 40.73 12.64
C GLU A 453 -15.98 40.92 13.68
N ARG A 454 -16.49 42.14 13.77
CA ARG A 454 -17.51 42.47 14.75
C ARG A 454 -18.75 43.05 14.07
N LYS A 455 -19.87 42.97 14.79
CA LYS A 455 -21.16 43.39 14.24
C LYS A 455 -21.37 44.90 14.29
N ASP A 456 -20.67 45.60 15.17
CA ASP A 456 -20.77 47.05 15.29
C ASP A 456 -19.52 47.74 14.73
N LYS A 457 -18.36 47.44 15.30
CA LYS A 457 -17.10 47.93 14.76
C LYS A 457 -16.85 47.28 13.42
N GLU A 458 -16.15 48.01 12.55
CA GLU A 458 -15.64 47.44 11.31
C GLU A 458 -14.12 47.29 11.43
N GLY A 459 -13.63 46.13 11.05
CA GLY A 459 -12.21 45.81 11.09
C GLY A 459 -12.01 44.37 11.48
N VAL A 460 -10.76 44.02 11.78
CA VAL A 460 -10.36 42.69 12.17
C VAL A 460 -9.79 42.76 13.58
N PHE A 461 -10.14 41.77 14.41
CA PHE A 461 -9.79 41.79 15.82
C PHE A 461 -9.27 40.44 16.26
N HIS A 462 -8.44 40.46 17.30
CA HIS A 462 -7.95 39.25 17.97
C HIS A 462 -7.99 39.48 19.47
N THR A 463 -8.39 38.46 20.22
CA THR A 463 -8.62 38.58 21.64
C THR A 463 -7.86 37.48 22.39
N GLN A 464 -7.20 37.87 23.48
CA GLN A 464 -6.66 36.92 24.44
C GLN A 464 -7.76 36.62 25.44
N TRP A 465 -8.39 35.46 25.29
CA TRP A 465 -9.63 35.17 26.02
C TRP A 465 -9.38 34.81 27.47
N ILE A 466 -8.35 34.01 27.74
CA ILE A 466 -8.08 33.53 29.09
C ILE A 466 -7.74 34.68 30.03
N MET B 1 29.50 20.44 15.35
CA MET B 1 29.44 21.38 14.23
C MET B 1 28.14 21.21 13.44
N THR B 2 27.58 20.00 13.49
CA THR B 2 26.32 19.72 12.82
C THR B 2 25.18 19.74 13.83
N GLN B 3 23.95 19.84 13.30
CA GLN B 3 22.74 19.82 14.10
C GLN B 3 21.99 18.51 13.88
N GLN B 4 21.09 18.21 14.81
CA GLN B 4 20.35 16.96 14.78
C GLN B 4 19.10 17.02 13.93
N ILE B 5 18.47 18.19 13.83
CA ILE B 5 17.22 18.33 13.10
C ILE B 5 17.10 19.77 12.62
N GLY B 6 16.45 19.94 11.47
CA GLY B 6 16.29 21.26 10.88
C GLY B 6 14.85 21.59 10.60
N VAL B 7 14.49 22.86 10.77
CA VAL B 7 13.15 23.36 10.51
C VAL B 7 13.24 24.43 9.43
N ILE B 8 12.47 24.25 8.36
CA ILE B 8 12.34 25.25 7.30
C ILE B 8 10.98 25.91 7.45
N GLY B 9 10.95 27.24 7.38
CA GLY B 9 9.71 27.98 7.51
C GLY B 9 9.49 28.44 8.94
N LEU B 10 9.83 29.68 9.22
CA LEU B 10 9.82 30.16 10.60
C LEU B 10 8.73 31.20 10.82
N ALA B 11 7.50 30.87 10.44
CA ALA B 11 6.33 31.53 10.97
C ALA B 11 6.09 30.98 12.38
N VAL B 12 4.95 31.34 12.99
CA VAL B 12 4.75 31.03 14.39
C VAL B 12 4.72 29.52 14.63
N MET B 13 4.16 28.76 13.69
CA MET B 13 4.06 27.31 13.87
C MET B 13 5.42 26.64 13.77
N GLY B 14 6.18 26.95 12.72
CA GLY B 14 7.51 26.40 12.61
C GLY B 14 8.45 26.87 13.70
N LYS B 15 8.26 28.10 14.16
CA LYS B 15 9.06 28.63 15.26
C LYS B 15 8.82 27.83 16.53
N ASN B 16 7.55 27.71 16.94
CA ASN B 16 7.24 27.07 18.22
C ASN B 16 7.63 25.60 18.21
N LEU B 17 7.47 24.92 17.06
CA LEU B 17 7.90 23.54 16.97
C LEU B 17 9.41 23.42 17.10
N ALA B 18 10.16 24.35 16.48
CA ALA B 18 11.61 24.36 16.63
C ALA B 18 12.02 24.60 18.07
N TRP B 19 11.30 25.49 18.76
CA TRP B 19 11.58 25.74 20.17
C TRP B 19 11.20 24.54 21.03
N ASN B 20 10.09 23.88 20.70
CA ASN B 20 9.71 22.65 21.39
C ASN B 20 10.83 21.62 21.31
N ILE B 21 11.34 21.39 20.09
CA ILE B 21 12.42 20.44 19.89
C ILE B 21 13.65 20.84 20.70
N GLU B 22 14.04 22.12 20.59
CA GLU B 22 15.22 22.59 21.30
C GLU B 22 15.04 22.49 22.81
N SER B 23 13.81 22.60 23.30
CA SER B 23 13.55 22.50 24.74
C SER B 23 13.82 21.10 25.28
N ARG B 24 13.92 20.10 24.41
CA ARG B 24 14.15 18.72 24.83
C ARG B 24 15.63 18.33 24.82
N GLY B 25 16.52 19.29 24.57
CA GLY B 25 17.93 18.99 24.50
C GLY B 25 18.48 18.67 23.14
N TYR B 26 17.79 19.08 22.08
CA TYR B 26 18.22 18.81 20.71
C TYR B 26 18.80 20.06 20.08
N SER B 27 19.68 19.86 19.10
CA SER B 27 20.27 20.95 18.33
C SER B 27 19.47 21.14 17.05
N VAL B 28 19.03 22.36 16.79
CA VAL B 28 18.10 22.66 15.71
C VAL B 28 18.73 23.70 14.79
N SER B 29 18.76 23.39 13.50
CA SER B 29 19.04 24.38 12.46
C SER B 29 17.74 24.93 11.92
N VAL B 30 17.73 26.23 11.61
CA VAL B 30 16.51 26.90 11.18
C VAL B 30 16.80 27.66 9.89
N PHE B 31 15.79 27.73 9.01
CA PHE B 31 15.91 28.45 7.75
C PHE B 31 14.54 28.97 7.34
N ASN B 32 14.55 30.13 6.70
CA ASN B 32 13.37 30.73 6.11
C ASN B 32 13.81 31.56 4.92
N ARG B 33 13.18 31.35 3.76
CA ARG B 33 13.66 31.98 2.54
C ARG B 33 13.65 33.51 2.66
N SER B 34 12.65 34.06 3.33
CA SER B 34 12.63 35.48 3.68
C SER B 34 13.36 35.62 5.01
N SER B 35 14.64 36.03 4.95
CA SER B 35 15.50 36.05 6.13
C SER B 35 15.00 37.00 7.22
N GLU B 36 13.95 37.79 6.95
CA GLU B 36 13.37 38.64 7.99
C GLU B 36 12.98 37.82 9.21
N LYS B 37 12.25 36.72 9.00
CA LYS B 37 11.78 35.91 10.11
C LYS B 37 12.93 35.19 10.82
N THR B 38 13.99 34.84 10.07
CA THR B 38 15.12 34.17 10.69
C THR B 38 15.83 35.10 11.68
N ASP B 39 16.06 36.35 11.29
CA ASP B 39 16.75 37.29 12.17
C ASP B 39 15.95 37.56 13.44
N LEU B 40 14.62 37.48 13.37
CA LEU B 40 13.81 37.75 14.55
C LEU B 40 13.91 36.62 15.56
N MET B 41 13.89 35.37 15.10
CA MET B 41 13.87 34.25 16.03
C MET B 41 15.22 34.09 16.75
N VAL B 42 16.33 34.43 16.08
CA VAL B 42 17.61 34.35 16.77
C VAL B 42 17.65 35.35 17.92
N GLU B 43 16.93 36.46 17.80
CA GLU B 43 16.77 37.37 18.93
C GLU B 43 15.90 36.74 20.01
N GLU B 44 14.89 35.98 19.60
CA GLU B 44 13.98 35.32 20.53
C GLU B 44 14.56 34.03 21.11
N SER B 45 15.71 33.59 20.63
CA SER B 45 16.34 32.35 21.08
C SER B 45 17.71 32.60 21.69
N LYS B 46 17.82 33.68 22.47
CA LYS B 46 19.05 33.95 23.20
C LYS B 46 19.25 32.88 24.27
N GLY B 47 20.34 32.13 24.14
CA GLY B 47 20.64 31.06 25.08
C GLY B 47 20.15 29.69 24.69
N LYS B 48 19.44 29.56 23.58
CA LYS B 48 18.94 28.29 23.11
C LYS B 48 19.77 27.80 21.92
N ASN B 49 19.87 26.47 21.79
CA ASN B 49 20.72 25.86 20.77
C ASN B 49 19.99 25.89 19.43
N ILE B 50 20.02 27.07 18.80
CA ILE B 50 19.37 27.30 17.51
C ILE B 50 20.42 27.87 16.56
N HIS B 51 20.80 27.08 15.56
CA HIS B 51 21.79 27.51 14.58
C HIS B 51 21.08 28.05 13.35
N PRO B 52 21.16 29.34 13.06
CA PRO B 52 20.46 29.87 11.88
C PRO B 52 21.27 29.68 10.61
N THR B 53 20.58 29.33 9.54
CA THR B 53 21.15 29.23 8.20
C THR B 53 20.44 30.21 7.28
N TYR B 54 21.15 30.64 6.24
CA TYR B 54 20.63 31.67 5.34
C TYR B 54 20.71 31.25 3.88
N SER B 55 20.75 29.95 3.60
CA SER B 55 20.66 29.42 2.25
C SER B 55 20.32 27.94 2.37
N LEU B 56 19.60 27.44 1.36
CA LEU B 56 19.20 26.04 1.38
C LEU B 56 20.40 25.11 1.40
N GLU B 57 21.48 25.50 0.72
CA GLU B 57 22.69 24.68 0.73
C GLU B 57 23.35 24.67 2.10
N GLU B 58 23.40 25.83 2.76
CA GLU B 58 23.96 25.89 4.11
C GLU B 58 23.10 25.11 5.10
N PHE B 59 21.78 25.17 4.92
CA PHE B 59 20.87 24.45 5.81
C PHE B 59 21.12 22.95 5.74
N VAL B 60 21.11 22.38 4.53
CA VAL B 60 21.31 20.94 4.36
C VAL B 60 22.66 20.51 4.90
N ASN B 61 23.71 21.27 4.58
CA ASN B 61 25.06 20.92 5.00
C ASN B 61 25.29 21.12 6.49
N SER B 62 24.30 21.57 7.25
CA SER B 62 24.45 21.78 8.68
C SER B 62 23.80 20.68 9.51
N LEU B 63 23.20 19.68 8.88
CA LEU B 63 22.48 18.62 9.57
C LEU B 63 23.24 17.31 9.46
N GLU B 64 23.20 16.52 10.54
CA GLU B 64 23.86 15.23 10.55
C GLU B 64 23.02 14.21 9.82
N LYS B 65 23.69 13.28 9.13
CA LYS B 65 22.97 12.31 8.31
C LYS B 65 22.65 11.05 9.11
N PRO B 66 21.50 10.41 8.87
CA PRO B 66 20.46 10.81 7.92
C PRO B 66 19.74 12.09 8.32
N ARG B 67 19.64 13.02 7.38
CA ARG B 67 19.16 14.36 7.72
C ARG B 67 17.66 14.34 7.99
N LYS B 68 17.26 15.06 9.02
CA LYS B 68 15.88 15.15 9.46
C LYS B 68 15.43 16.59 9.31
N ILE B 69 14.56 16.84 8.35
CA ILE B 69 14.16 18.20 7.96
C ILE B 69 12.66 18.32 8.16
N LEU B 70 12.25 19.25 9.02
CA LEU B 70 10.84 19.54 9.27
C LEU B 70 10.43 20.72 8.41
N LEU B 71 9.56 20.48 7.44
CA LEU B 71 9.06 21.53 6.55
C LEU B 71 7.79 22.12 7.15
N MET B 72 7.84 23.41 7.49
CA MET B 72 6.66 24.13 7.93
C MET B 72 6.40 25.32 7.01
N VAL B 73 6.29 25.03 5.71
CA VAL B 73 6.11 26.03 4.68
C VAL B 73 4.65 26.06 4.27
N GLN B 74 4.20 27.21 3.76
CA GLN B 74 2.82 27.36 3.31
C GLN B 74 2.42 26.22 2.39
N ALA B 75 1.26 25.62 2.67
CA ALA B 75 0.81 24.45 1.95
C ALA B 75 0.58 24.77 0.47
N GLY B 76 0.85 23.78 -0.38
CA GLY B 76 0.62 23.92 -1.81
C GLY B 76 1.94 24.08 -2.57
N LYS B 77 1.97 25.05 -3.49
CA LYS B 77 3.14 25.23 -4.34
C LYS B 77 4.39 25.53 -3.53
N ALA B 78 4.26 26.35 -2.50
CA ALA B 78 5.43 26.71 -1.70
C ALA B 78 6.07 25.48 -1.05
N THR B 79 5.27 24.47 -0.72
CA THR B 79 5.85 23.25 -0.15
C THR B 79 6.48 22.38 -1.22
N ASP B 80 5.81 22.22 -2.36
CA ASP B 80 6.39 21.47 -3.48
C ASP B 80 7.63 22.17 -4.03
N ALA B 81 7.64 23.50 -4.02
CA ALA B 81 8.81 24.24 -4.49
C ALA B 81 10.00 24.02 -3.56
N THR B 82 9.77 23.99 -2.25
CA THR B 82 10.85 23.75 -1.30
C THR B 82 11.41 22.34 -1.47
N ILE B 83 10.54 21.35 -1.67
CA ILE B 83 11.00 19.98 -1.87
C ILE B 83 11.84 19.88 -3.13
N ASP B 84 11.39 20.53 -4.22
CA ASP B 84 12.10 20.43 -5.49
C ASP B 84 13.52 20.97 -5.40
N SER B 85 13.72 22.03 -4.61
CA SER B 85 15.05 22.61 -4.46
C SER B 85 15.89 21.87 -3.43
N LEU B 86 15.24 21.24 -2.44
CA LEU B 86 15.99 20.46 -1.46
C LEU B 86 16.52 19.17 -2.06
N LEU B 87 15.77 18.56 -2.98
CA LEU B 87 16.11 17.24 -3.51
C LEU B 87 17.53 17.14 -4.06
N PRO B 88 18.02 18.06 -4.92
CA PRO B 88 19.39 17.90 -5.44
C PRO B 88 20.46 17.94 -4.37
N LEU B 89 20.18 18.53 -3.21
CA LEU B 89 21.16 18.65 -2.15
C LEU B 89 21.14 17.50 -1.18
N LEU B 90 20.05 16.74 -1.12
CA LEU B 90 19.92 15.64 -0.18
C LEU B 90 20.71 14.42 -0.65
N ASP B 91 20.83 13.45 0.24
CA ASP B 91 21.44 12.16 -0.06
C ASP B 91 20.46 11.05 0.30
N ASP B 92 20.71 9.87 -0.26
CA ASP B 92 19.84 8.72 -0.02
C ASP B 92 19.69 8.46 1.47
N GLY B 93 18.47 8.18 1.89
CA GLY B 93 18.15 7.95 3.29
C GLY B 93 17.66 9.16 4.05
N ASP B 94 17.79 10.36 3.47
CA ASP B 94 17.34 11.57 4.13
C ASP B 94 15.83 11.54 4.33
N ILE B 95 15.35 12.32 5.30
CA ILE B 95 13.97 12.27 5.75
C ILE B 95 13.40 13.69 5.77
N LEU B 96 12.35 13.91 5.00
CA LEU B 96 11.60 15.17 5.01
C LEU B 96 10.28 14.97 5.74
N ILE B 97 9.91 15.95 6.56
CA ILE B 97 8.68 15.89 7.34
C ILE B 97 7.87 17.15 7.03
N ASP B 98 6.72 16.99 6.37
CA ASP B 98 5.82 18.10 6.08
C ASP B 98 4.77 18.15 7.18
N GLY B 99 4.79 19.22 7.97
CA GLY B 99 3.86 19.39 9.07
C GLY B 99 2.78 20.43 8.87
N GLY B 100 2.54 20.88 7.62
CA GLY B 100 1.49 21.83 7.36
C GLY B 100 0.15 21.17 7.16
N ASN B 101 -0.87 22.01 6.97
CA ASN B 101 -2.23 21.52 6.70
C ASN B 101 -2.30 21.12 5.24
N THR B 102 -1.80 19.93 4.96
CA THR B 102 -1.63 19.43 3.61
C THR B 102 -2.72 18.42 3.27
N ASN B 103 -3.25 18.51 2.06
CA ASN B 103 -4.16 17.50 1.55
C ASN B 103 -3.41 16.18 1.40
N TYR B 104 -3.98 15.10 1.96
CA TYR B 104 -3.27 13.83 2.04
C TYR B 104 -2.89 13.30 0.67
N GLN B 105 -3.66 13.63 -0.37
CA GLN B 105 -3.32 13.16 -1.70
C GLN B 105 -2.00 13.76 -2.18
N ASP B 106 -1.72 15.01 -1.81
CA ASP B 106 -0.43 15.60 -2.13
C ASP B 106 0.70 14.87 -1.42
N THR B 107 0.46 14.44 -0.18
CA THR B 107 1.46 13.68 0.55
C THR B 107 1.72 12.33 -0.12
N ILE B 108 0.66 11.67 -0.61
CA ILE B 108 0.84 10.41 -1.33
C ILE B 108 1.72 10.63 -2.55
N ARG B 109 1.48 11.71 -3.30
CA ARG B 109 2.28 11.99 -4.50
C ARG B 109 3.73 12.25 -4.13
N ARG B 110 3.97 13.15 -3.17
CA ARG B 110 5.34 13.49 -2.78
C ARG B 110 6.06 12.26 -2.24
N ASN B 111 5.40 11.48 -1.39
CA ASN B 111 6.05 10.32 -0.78
C ASN B 111 6.54 9.34 -1.84
N LYS B 112 5.70 9.03 -2.82
CA LYS B 112 6.04 8.01 -3.81
C LYS B 112 7.06 8.52 -4.81
N ALA B 113 6.98 9.82 -5.14
CA ALA B 113 7.98 10.42 -6.01
C ALA B 113 9.33 10.49 -5.33
N LEU B 114 9.37 10.93 -4.07
CA LEU B 114 10.64 11.03 -3.35
C LEU B 114 11.19 9.67 -2.99
N ALA B 115 10.33 8.66 -2.85
CA ALA B 115 10.83 7.30 -2.62
C ALA B 115 11.64 6.79 -3.80
N GLN B 116 11.27 7.19 -5.03
CA GLN B 116 12.00 6.79 -6.21
C GLN B 116 13.42 7.34 -6.22
N SER B 117 13.67 8.44 -5.52
CA SER B 117 15.00 9.00 -5.36
C SER B 117 15.62 8.66 -4.01
N ALA B 118 15.15 7.59 -3.36
CA ALA B 118 15.69 7.12 -2.09
C ALA B 118 15.57 8.16 -0.99
N ILE B 119 14.55 9.02 -1.08
CA ILE B 119 14.28 10.05 -0.09
C ILE B 119 13.03 9.66 0.68
N ASN B 120 13.15 9.56 2.00
CA ASN B 120 11.99 9.28 2.83
C ASN B 120 11.15 10.54 2.99
N PHE B 121 9.84 10.35 3.09
CA PHE B 121 8.90 11.47 3.23
C PHE B 121 7.84 11.11 4.26
N ILE B 122 7.61 12.03 5.20
CA ILE B 122 6.63 11.84 6.26
C ILE B 122 5.66 13.01 6.22
N GLY B 123 4.39 12.73 5.96
CA GLY B 123 3.35 13.72 6.12
C GLY B 123 2.79 13.66 7.52
N MET B 124 3.05 14.68 8.33
CA MET B 124 2.71 14.65 9.75
C MET B 124 1.63 15.69 10.05
N GLY B 125 0.47 15.22 10.49
CA GLY B 125 -0.53 16.14 11.00
C GLY B 125 -0.09 16.75 12.32
N VAL B 126 -0.36 18.04 12.46
CA VAL B 126 -0.03 18.77 13.68
C VAL B 126 -1.31 19.42 14.20
N SER B 127 -1.67 19.11 15.43
CA SER B 127 -2.86 19.67 16.05
C SER B 127 -2.51 20.22 17.42
N GLY B 128 -3.03 21.40 17.73
CA GLY B 128 -2.78 22.02 19.03
C GLY B 128 -2.64 23.52 18.99
N GLY B 129 -2.59 24.10 17.80
CA GLY B 129 -2.43 25.53 17.66
C GLY B 129 -0.99 25.97 17.92
N GLU B 130 -0.83 27.29 18.03
CA GLU B 130 0.49 27.87 18.27
C GLU B 130 1.02 27.47 19.64
N ILE B 131 0.19 27.61 20.68
CA ILE B 131 0.63 27.25 22.02
C ILE B 131 0.86 25.74 22.12
N GLY B 132 -0.01 24.95 21.49
CA GLY B 132 0.16 23.51 21.51
C GLY B 132 1.43 23.07 20.81
N ALA B 133 1.82 23.78 19.75
CA ALA B 133 3.08 23.47 19.07
C ALA B 133 4.29 23.80 19.93
N LEU B 134 4.14 24.72 20.89
CA LEU B 134 5.27 25.13 21.71
C LEU B 134 5.53 24.14 22.85
N THR B 135 4.46 23.67 23.50
CA THR B 135 4.60 22.82 24.68
C THR B 135 4.43 21.34 24.34
N GLY B 136 3.31 20.97 23.71
CA GLY B 136 3.05 19.59 23.40
C GLY B 136 1.82 19.42 22.53
N PRO B 137 2.03 19.14 21.26
CA PRO B 137 0.89 18.95 20.34
C PRO B 137 0.58 17.49 20.07
N SER B 138 -0.56 17.24 19.44
CA SER B 138 -0.83 15.93 18.86
C SER B 138 -0.16 15.84 17.49
N LEU B 139 0.48 14.71 17.22
CA LEU B 139 1.27 14.54 16.01
C LEU B 139 0.85 13.24 15.33
N MET B 140 0.54 13.33 14.03
CA MET B 140 0.07 12.20 13.24
C MET B 140 1.02 11.99 12.07
N PRO B 141 2.17 11.36 12.29
CA PRO B 141 3.14 11.15 11.20
C PRO B 141 2.76 9.94 10.34
N GLY B 142 2.81 10.13 9.04
CA GLY B 142 2.57 9.03 8.10
C GLY B 142 3.66 8.99 7.05
N GLY B 143 4.13 7.79 6.76
CA GLY B 143 5.21 7.60 5.81
C GLY B 143 5.88 6.25 6.01
N GLN B 144 7.15 6.18 5.62
CA GLN B 144 7.93 4.95 5.78
C GLN B 144 8.16 4.69 7.27
N GLU B 145 7.93 3.46 7.70
CA GLU B 145 7.97 3.16 9.13
C GLU B 145 9.37 3.31 9.70
N GLU B 146 10.39 2.83 8.98
CA GLU B 146 11.74 2.98 9.50
C GLU B 146 12.25 4.41 9.39
N ALA B 147 11.58 5.26 8.62
CA ALA B 147 11.89 6.70 8.67
C ALA B 147 11.28 7.33 9.91
N TYR B 148 10.06 6.92 10.28
CA TYR B 148 9.46 7.41 11.51
C TYR B 148 10.27 6.98 12.73
N ASN B 149 10.79 5.76 12.71
CA ASN B 149 11.54 5.25 13.86
C ASN B 149 12.82 6.03 14.10
N LYS B 150 13.43 6.57 13.04
CA LYS B 150 14.64 7.37 13.21
C LYS B 150 14.35 8.76 13.74
N VAL B 151 13.10 9.21 13.70
CA VAL B 151 12.70 10.47 14.30
C VAL B 151 11.71 10.28 15.44
N ALA B 152 11.36 9.03 15.77
CA ALA B 152 10.32 8.78 16.76
C ALA B 152 10.70 9.36 18.12
N ASP B 153 11.99 9.32 18.47
CA ASP B 153 12.42 9.84 19.76
C ASP B 153 12.13 11.34 19.89
N ILE B 154 12.41 12.10 18.83
CA ILE B 154 12.15 13.54 18.85
C ILE B 154 10.66 13.80 18.99
N LEU B 155 9.84 13.11 18.20
CA LEU B 155 8.41 13.32 18.24
C LEU B 155 7.83 12.96 19.59
N ASP B 156 8.22 11.80 20.13
CA ASP B 156 7.75 11.39 21.45
C ASP B 156 8.16 12.41 22.52
N ALA B 157 9.30 13.06 22.34
CA ALA B 157 9.75 14.05 23.31
C ALA B 157 8.87 15.30 23.26
N ILE B 158 8.56 15.79 22.07
CA ILE B 158 7.84 17.06 21.94
C ILE B 158 6.33 16.90 22.01
N ALA B 159 5.81 15.69 21.84
CA ALA B 159 4.36 15.50 21.81
C ALA B 159 3.75 15.69 23.19
N ALA B 160 2.48 16.08 23.20
CA ALA B 160 1.74 16.11 24.46
C ALA B 160 1.71 14.73 25.07
N LYS B 161 1.72 14.68 26.39
CA LYS B 161 1.70 13.42 27.13
C LYS B 161 0.33 13.27 27.78
N ALA B 162 -0.38 12.21 27.41
CA ALA B 162 -1.57 11.83 28.17
C ALA B 162 -1.16 11.44 29.58
N LYS B 163 -2.16 11.34 30.46
CA LYS B 163 -1.85 11.08 31.85
C LYS B 163 -1.57 9.60 32.12
N ASP B 164 -1.65 8.75 31.10
CA ASP B 164 -1.04 7.43 31.12
C ASP B 164 0.49 7.50 31.07
N GLY B 165 1.06 8.68 30.88
CA GLY B 165 2.45 8.82 30.52
C GLY B 165 2.74 8.65 29.05
N ALA B 166 1.75 8.20 28.26
CA ALA B 166 1.94 7.99 26.84
C ALA B 166 1.91 9.32 26.10
N SER B 167 2.80 9.45 25.12
CA SER B 167 2.85 10.67 24.31
C SER B 167 1.77 10.63 23.23
N CYS B 168 1.32 11.82 22.82
CA CYS B 168 0.30 11.94 21.78
C CYS B 168 0.96 11.96 20.40
N VAL B 169 1.53 10.83 20.03
CA VAL B 169 2.09 10.62 18.71
C VAL B 169 2.23 9.12 18.48
N THR B 170 1.87 8.67 17.28
CA THR B 170 1.99 7.28 16.89
C THR B 170 2.34 7.22 15.41
N TYR B 171 3.03 6.15 15.01
CA TYR B 171 3.09 5.84 13.59
C TYR B 171 1.68 5.56 13.09
N ILE B 172 1.14 6.47 12.28
CA ILE B 172 -0.24 6.31 11.82
C ILE B 172 -0.33 5.26 10.72
N GLY B 173 0.53 5.35 9.72
CA GLY B 173 0.50 4.46 8.59
C GLY B 173 1.38 4.96 7.47
N PRO B 174 1.37 4.26 6.34
CA PRO B 174 2.22 4.66 5.21
C PRO B 174 1.70 5.92 4.53
N ASN B 175 2.54 6.47 3.66
CA ASN B 175 2.31 7.67 2.86
C ASN B 175 1.41 8.70 3.52
N GLY B 176 0.24 8.97 2.93
CA GLY B 176 -0.63 10.04 3.36
C GLY B 176 -1.57 9.74 4.51
N ALA B 177 -1.37 8.63 5.22
CA ALA B 177 -2.29 8.28 6.30
C ALA B 177 -2.24 9.29 7.44
N GLY B 178 -1.07 9.89 7.69
CA GLY B 178 -0.98 10.88 8.75
C GLY B 178 -1.79 12.12 8.46
N HIS B 179 -1.62 12.69 7.26
CA HIS B 179 -2.37 13.88 6.89
C HIS B 179 -3.85 13.57 6.71
N TYR B 180 -4.19 12.34 6.31
CA TYR B 180 -5.60 11.96 6.20
C TYR B 180 -6.28 11.99 7.57
N VAL B 181 -5.66 11.33 8.55
CA VAL B 181 -6.25 11.28 9.89
C VAL B 181 -6.32 12.67 10.51
N LYS B 182 -5.34 13.53 10.20
CA LYS B 182 -5.41 14.92 10.64
C LYS B 182 -6.59 15.63 10.01
N MET B 183 -6.88 15.35 8.73
CA MET B 183 -8.01 15.98 8.08
C MET B 183 -9.33 15.55 8.72
N VAL B 184 -9.45 14.26 9.07
CA VAL B 184 -10.68 13.77 9.70
C VAL B 184 -10.84 14.37 11.09
N HIS B 185 -9.72 14.55 11.80
CA HIS B 185 -9.75 15.23 13.09
C HIS B 185 -10.44 16.59 12.96
N ASN B 186 -10.05 17.38 11.95
CA ASN B 186 -10.63 18.70 11.77
C ASN B 186 -12.10 18.61 11.37
N GLY B 187 -12.46 17.62 10.56
CA GLY B 187 -13.87 17.39 10.27
C GLY B 187 -14.66 17.09 11.53
N ILE B 188 -14.12 16.22 12.38
CA ILE B 188 -14.74 15.95 13.67
C ILE B 188 -14.81 17.23 14.50
N GLU B 189 -13.77 18.05 14.44
CA GLU B 189 -13.75 19.30 15.16
C GLU B 189 -14.87 20.23 14.72
N TYR B 190 -15.14 20.29 13.41
CA TYR B 190 -16.23 21.11 12.89
C TYR B 190 -17.55 20.72 13.52
N ALA B 191 -17.79 19.42 13.69
CA ALA B 191 -19.07 18.96 14.23
C ALA B 191 -19.18 19.25 15.71
N ASP B 192 -18.10 19.03 16.47
CA ASP B 192 -18.11 19.34 17.89
C ASP B 192 -18.46 20.80 18.12
N MET B 193 -17.94 21.69 17.29
CA MET B 193 -18.20 23.11 17.46
C MET B 193 -19.63 23.47 17.04
N GLN B 194 -20.13 22.85 15.97
CA GLN B 194 -21.48 23.13 15.52
C GLN B 194 -22.51 22.61 16.54
N LEU B 195 -22.25 21.45 17.14
CA LEU B 195 -23.14 20.94 18.17
C LEU B 195 -23.16 21.87 19.38
N ILE B 196 -21.99 22.33 19.81
CA ILE B 196 -21.92 23.30 20.90
C ILE B 196 -22.67 24.58 20.51
N ALA B 197 -22.51 25.02 19.27
CA ALA B 197 -23.17 26.24 18.82
C ALA B 197 -24.69 26.07 18.83
N GLU B 198 -25.18 24.87 18.50
CA GLU B 198 -26.61 24.62 18.55
C GLU B 198 -27.11 24.57 19.99
N SER B 199 -26.35 23.91 20.87
CA SER B 199 -26.71 23.90 22.29
C SER B 199 -26.82 25.32 22.83
N TYR B 200 -25.87 26.18 22.45
CA TYR B 200 -25.93 27.57 22.86
C TYR B 200 -27.12 28.28 22.21
N ALA B 201 -27.42 27.95 20.95
CA ALA B 201 -28.54 28.58 20.27
C ALA B 201 -29.86 28.24 20.97
N MET B 202 -29.98 27.03 21.49
CA MET B 202 -31.20 26.65 22.21
C MET B 202 -31.32 27.39 23.53
N MET B 203 -30.21 27.69 24.19
CA MET B 203 -30.27 28.42 25.45
C MET B 203 -30.70 29.86 25.23
N LYS B 204 -30.14 30.52 24.21
CA LYS B 204 -30.43 31.92 24.00
C LYS B 204 -31.82 32.13 23.40
N GLU B 205 -32.12 31.46 22.29
CA GLU B 205 -33.34 31.75 21.54
C GLU B 205 -34.56 31.05 22.14
N LEU B 206 -34.40 29.86 22.70
CA LEU B 206 -35.54 29.12 23.24
C LEU B 206 -35.69 29.27 24.74
N LEU B 207 -34.61 29.11 25.50
CA LEU B 207 -34.70 29.21 26.95
C LEU B 207 -34.50 30.62 27.48
N GLY B 208 -33.98 31.54 26.66
CA GLY B 208 -33.83 32.91 27.08
C GLY B 208 -32.70 33.18 28.04
N MET B 209 -31.84 32.20 28.31
CA MET B 209 -30.73 32.43 29.22
C MET B 209 -29.72 33.38 28.60
N SER B 210 -28.96 34.05 29.45
CA SER B 210 -27.95 35.02 29.03
C SER B 210 -26.55 34.48 29.32
N HIS B 211 -25.55 35.28 28.96
CA HIS B 211 -24.17 34.78 28.91
C HIS B 211 -23.69 34.25 30.26
N GLU B 212 -24.18 34.82 31.35
CA GLU B 212 -23.80 34.31 32.67
C GLU B 212 -24.29 32.88 32.87
N ASP B 213 -25.60 32.67 32.69
CA ASP B 213 -26.16 31.33 32.82
C ASP B 213 -25.63 30.38 31.76
N ILE B 214 -25.35 30.88 30.56
CA ILE B 214 -24.83 30.04 29.50
C ILE B 214 -23.42 29.57 29.84
N ALA B 215 -22.59 30.47 30.37
CA ALA B 215 -21.22 30.10 30.71
C ALA B 215 -21.19 29.05 31.82
N GLN B 216 -21.95 29.31 32.91
CA GLN B 216 -21.94 28.38 34.04
C GLN B 216 -22.50 27.02 33.66
N THR B 217 -23.41 26.97 32.67
CA THR B 217 -23.94 25.68 32.22
C THR B 217 -22.87 24.87 31.51
N PHE B 218 -22.12 25.50 30.60
CA PHE B 218 -21.04 24.80 29.90
C PHE B 218 -19.95 24.33 30.87
N LYS B 219 -19.70 25.10 31.94
CA LYS B 219 -18.79 24.63 32.97
C LYS B 219 -19.38 23.48 33.77
N ASP B 220 -20.67 23.56 34.08
CA ASP B 220 -21.35 22.43 34.73
C ASP B 220 -21.28 21.18 33.86
N TRP B 221 -21.50 21.33 32.56
CA TRP B 221 -21.39 20.19 31.65
C TRP B 221 -19.95 19.69 31.59
N ASN B 222 -18.98 20.60 31.66
CA ASN B 222 -17.57 20.21 31.54
C ASN B 222 -17.05 19.49 32.78
N ALA B 223 -17.84 19.36 33.83
CA ALA B 223 -17.44 18.56 34.98
C ALA B 223 -17.82 17.09 34.83
N GLY B 224 -18.83 16.79 34.02
CA GLY B 224 -19.29 15.43 33.82
C GLY B 224 -18.64 14.75 32.64
N GLU B 225 -19.40 13.83 32.03
CA GLU B 225 -18.85 13.02 30.95
C GLU B 225 -18.50 13.83 29.72
N LEU B 226 -19.04 15.05 29.59
CA LEU B 226 -18.83 15.88 28.41
C LEU B 226 -17.56 16.71 28.49
N GLU B 227 -16.70 16.48 29.49
CA GLU B 227 -15.52 17.31 29.68
C GLU B 227 -14.64 17.31 28.44
N SER B 228 -14.43 18.50 27.87
CA SER B 228 -13.66 18.63 26.65
C SER B 228 -13.01 20.01 26.63
N TYR B 229 -11.88 20.09 25.92
CA TYR B 229 -11.22 21.38 25.73
C TYR B 229 -12.19 22.39 25.11
N LEU B 230 -12.96 21.96 24.12
CA LEU B 230 -13.85 22.88 23.41
C LEU B 230 -14.97 23.39 24.31
N ILE B 231 -15.58 22.48 25.10
CA ILE B 231 -16.64 22.92 26.01
C ILE B 231 -16.07 23.81 27.11
N GLU B 232 -14.83 23.55 27.53
CA GLU B 232 -14.22 24.37 28.57
C GLU B 232 -13.99 25.80 28.09
N ILE B 233 -13.36 25.97 26.92
CA ILE B 233 -13.10 27.32 26.42
C ILE B 233 -14.39 28.02 26.03
N THR B 234 -15.46 27.27 25.76
CA THR B 234 -16.77 27.90 25.54
C THR B 234 -17.24 28.63 26.79
N GLY B 235 -17.09 27.98 27.95
CA GLY B 235 -17.47 28.65 29.20
C GLY B 235 -16.64 29.88 29.47
N ASP B 236 -15.35 29.84 29.11
CA ASP B 236 -14.51 31.04 29.25
C ASP B 236 -14.94 32.13 28.29
N ILE B 237 -15.31 31.75 27.06
CA ILE B 237 -15.67 32.72 26.04
C ILE B 237 -16.91 33.51 26.45
N PHE B 238 -17.89 32.83 27.04
CA PHE B 238 -19.12 33.51 27.46
C PHE B 238 -18.94 34.35 28.71
N MET B 239 -17.70 34.57 29.15
CA MET B 239 -17.43 35.47 30.27
C MET B 239 -16.58 36.67 29.90
N LYS B 240 -15.87 36.63 28.77
CA LYS B 240 -15.15 37.81 28.31
C LYS B 240 -16.13 38.93 27.99
N LEU B 241 -15.88 40.11 28.55
CA LEU B 241 -16.86 41.18 28.54
C LEU B 241 -16.36 42.39 27.74
N ASP B 242 -17.33 43.16 27.25
CA ASP B 242 -17.15 44.29 26.35
C ASP B 242 -16.46 45.48 27.00
N GLU B 243 -16.26 45.45 28.33
CA GLU B 243 -15.89 46.60 29.16
C GLU B 243 -17.05 47.59 29.28
N ASN B 244 -18.17 47.34 28.59
CA ASN B 244 -19.44 48.01 28.84
C ASN B 244 -20.46 47.04 29.43
N LYS B 245 -19.97 46.01 30.12
CA LYS B 245 -20.71 44.94 30.78
C LYS B 245 -21.34 43.96 29.80
N GLU B 246 -21.12 44.11 28.50
CA GLU B 246 -21.71 43.23 27.50
C GLU B 246 -20.80 42.05 27.22
N ALA B 247 -21.39 40.94 26.79
CA ALA B 247 -20.64 39.76 26.41
C ALA B 247 -20.04 39.97 25.02
N LEU B 248 -18.71 39.95 24.95
CA LEU B 248 -18.02 40.23 23.69
C LEU B 248 -18.41 39.24 22.60
N VAL B 249 -18.74 38.01 22.99
CA VAL B 249 -19.07 36.98 22.00
C VAL B 249 -20.30 37.35 21.19
N GLU B 250 -21.18 38.19 21.75
CA GLU B 250 -22.45 38.48 21.10
C GLU B 250 -22.34 39.50 19.98
N LYS B 251 -21.29 40.31 19.97
CA LYS B 251 -21.07 41.29 18.91
C LYS B 251 -20.04 40.86 17.90
N ILE B 252 -19.62 39.59 17.94
CA ILE B 252 -18.76 39.02 16.89
C ILE B 252 -19.61 38.68 15.68
N LEU B 253 -19.11 39.01 14.49
CA LEU B 253 -19.85 38.71 13.27
C LEU B 253 -20.01 37.21 13.10
N ASP B 254 -21.26 36.77 12.90
CA ASP B 254 -21.58 35.34 12.80
C ASP B 254 -21.36 34.84 11.37
N THR B 255 -20.14 35.01 10.90
CA THR B 255 -19.70 34.48 9.60
C THR B 255 -18.48 33.60 9.87
N ALA B 256 -18.70 32.29 9.92
CA ALA B 256 -17.66 31.36 10.34
C ALA B 256 -16.64 31.17 9.22
N GLY B 257 -15.38 31.46 9.51
CA GLY B 257 -14.32 31.14 8.58
C GLY B 257 -14.10 29.66 8.45
N GLN B 258 -13.42 29.27 7.37
CA GLN B 258 -13.22 27.85 7.09
C GLN B 258 -12.07 27.70 6.11
N LYS B 259 -11.36 26.57 6.24
CA LYS B 259 -10.29 26.22 5.33
C LYS B 259 -10.54 24.81 4.81
N GLY B 260 -9.50 24.20 4.24
CA GLY B 260 -9.72 23.03 3.39
C GLY B 260 -10.22 21.81 4.12
N THR B 261 -9.57 21.47 5.24
CA THR B 261 -9.80 20.18 5.89
C THR B 261 -11.27 19.94 6.21
N GLY B 262 -12.03 21.01 6.46
CA GLY B 262 -13.44 20.86 6.73
C GLY B 262 -14.18 20.25 5.56
N LYS B 263 -14.20 20.96 4.42
CA LYS B 263 -14.85 20.43 3.24
C LYS B 263 -14.11 19.24 2.66
N TRP B 264 -12.80 19.11 2.94
CA TRP B 264 -12.05 17.97 2.43
C TRP B 264 -12.59 16.66 2.99
N THR B 265 -12.95 16.65 4.28
CA THR B 265 -13.47 15.43 4.89
C THR B 265 -14.79 15.01 4.25
N SER B 266 -15.70 15.97 4.05
CA SER B 266 -16.98 15.65 3.44
C SER B 266 -16.81 15.18 2.00
N ILE B 267 -15.96 15.87 1.23
CA ILE B 267 -15.70 15.45 -0.15
C ILE B 267 -15.14 14.04 -0.17
N ASN B 268 -14.23 13.73 0.76
CA ASN B 268 -13.67 12.38 0.82
C ASN B 268 -14.73 11.35 1.17
N ALA B 269 -15.57 11.65 2.18
CA ALA B 269 -16.65 10.74 2.55
C ALA B 269 -17.55 10.45 1.36
N LEU B 270 -17.88 11.49 0.57
CA LEU B 270 -18.72 11.29 -0.61
C LEU B 270 -18.03 10.43 -1.65
N GLU B 271 -16.70 10.53 -1.76
CA GLU B 271 -15.97 9.65 -2.67
C GLU B 271 -15.97 8.21 -2.16
N LEU B 272 -15.84 8.02 -0.85
CA LEU B 272 -15.78 6.69 -0.27
C LEU B 272 -17.15 6.04 -0.07
N GLY B 273 -18.24 6.79 -0.24
CA GLY B 273 -19.55 6.24 0.04
C GLY B 273 -19.85 6.12 1.52
N ILE B 274 -19.34 7.04 2.33
CA ILE B 274 -19.53 7.03 3.78
C ILE B 274 -20.56 8.08 4.14
N PRO B 275 -21.59 7.75 4.93
CA PRO B 275 -22.61 8.74 5.34
C PRO B 275 -22.13 9.65 6.47
N LEU B 276 -21.43 10.72 6.08
CA LEU B 276 -20.85 11.67 7.04
C LEU B 276 -21.76 12.89 7.21
N THR B 277 -23.01 12.61 7.62
CA THR B 277 -24.04 13.65 7.58
C THR B 277 -23.76 14.77 8.59
N ILE B 278 -23.24 14.44 9.77
CA ILE B 278 -23.16 15.43 10.83
C ILE B 278 -22.04 16.43 10.55
N ILE B 279 -20.84 15.92 10.24
CA ILE B 279 -19.73 16.80 9.87
C ILE B 279 -20.10 17.63 8.65
N THR B 280 -20.73 17.00 7.65
CA THR B 280 -21.07 17.73 6.42
C THR B 280 -22.08 18.84 6.70
N GLU B 281 -23.09 18.58 7.55
CA GLU B 281 -24.04 19.62 7.90
C GLU B 281 -23.34 20.80 8.57
N SER B 282 -22.33 20.51 9.41
CA SER B 282 -21.53 21.56 10.04
C SER B 282 -20.71 22.34 9.03
N VAL B 283 -20.14 21.67 8.04
CA VAL B 283 -19.49 22.39 6.95
C VAL B 283 -20.50 23.28 6.22
N PHE B 284 -21.67 22.71 5.90
CA PHE B 284 -22.71 23.49 5.24
C PHE B 284 -23.22 24.61 6.14
N ALA B 285 -23.25 24.38 7.45
CA ALA B 285 -23.70 25.42 8.38
C ALA B 285 -22.80 26.65 8.31
N ARG B 286 -21.50 26.44 8.15
CA ARG B 286 -20.58 27.57 8.01
C ARG B 286 -20.81 28.30 6.69
N PHE B 287 -21.13 27.55 5.63
CA PHE B 287 -21.42 28.19 4.34
C PHE B 287 -22.58 29.17 4.47
N ILE B 288 -23.71 28.70 5.00
CA ILE B 288 -24.88 29.57 5.12
C ILE B 288 -24.64 30.70 6.12
N SER B 289 -23.69 30.53 7.06
CA SER B 289 -23.35 31.61 7.97
C SER B 289 -22.61 32.75 7.25
N SER B 290 -21.99 32.45 6.11
CA SER B 290 -21.16 33.44 5.42
C SER B 290 -21.98 34.46 4.65
N ILE B 291 -23.20 34.10 4.23
CA ILE B 291 -24.04 35.02 3.48
C ILE B 291 -24.87 35.85 4.46
N LYS B 292 -24.19 36.63 5.30
CA LYS B 292 -24.87 37.38 6.35
C LYS B 292 -25.83 38.41 5.75
N GLU B 293 -25.39 39.16 4.74
CA GLU B 293 -26.26 40.15 4.13
C GLU B 293 -27.43 39.50 3.42
N GLU B 294 -27.24 38.31 2.87
CA GLU B 294 -28.36 37.59 2.28
C GLU B 294 -29.34 37.13 3.35
N ARG B 295 -28.85 36.83 4.56
CA ARG B 295 -29.72 36.38 5.64
C ARG B 295 -30.51 37.55 6.24
N VAL B 296 -29.85 38.68 6.47
CA VAL B 296 -30.55 39.81 7.11
C VAL B 296 -31.69 40.31 6.22
N ASN B 297 -31.54 40.16 4.90
CA ASN B 297 -32.62 40.55 4.01
C ASN B 297 -33.74 39.52 4.02
N ALA B 298 -33.38 38.23 4.10
CA ALA B 298 -34.39 37.19 4.25
C ALA B 298 -35.08 37.28 5.61
N SER B 299 -34.38 37.80 6.62
CA SER B 299 -34.95 37.90 7.96
C SER B 299 -36.17 38.82 7.98
N LYS B 300 -36.26 39.75 7.04
CA LYS B 300 -37.37 40.68 6.95
C LYS B 300 -38.47 40.22 6.01
N GLU B 301 -38.28 39.11 5.30
CA GLU B 301 -39.27 38.60 4.37
C GLU B 301 -39.82 37.24 4.75
N LEU B 302 -39.02 36.37 5.36
CA LEU B 302 -39.44 35.02 5.74
C LEU B 302 -39.63 34.99 7.26
N ASN B 303 -40.87 34.87 7.70
CA ASN B 303 -41.16 34.83 9.12
C ASN B 303 -41.20 33.39 9.63
N GLY B 304 -41.26 33.25 10.95
CA GLY B 304 -41.29 31.95 11.59
C GLY B 304 -41.93 32.01 12.95
N PRO B 305 -41.93 30.88 13.66
CA PRO B 305 -42.60 30.85 14.97
C PRO B 305 -41.79 31.59 16.01
N LYS B 306 -42.49 32.34 16.86
CA LYS B 306 -41.85 33.03 17.98
C LYS B 306 -41.46 32.00 19.03
N ALA B 307 -40.14 31.86 19.25
CA ALA B 307 -39.65 30.85 20.18
C ALA B 307 -40.15 31.12 21.59
N SER B 308 -40.87 30.15 22.15
CA SER B 308 -41.35 30.25 23.53
C SER B 308 -41.30 28.87 24.17
N PHE B 309 -40.88 28.84 25.43
CA PHE B 309 -40.77 27.59 26.19
C PHE B 309 -41.42 27.80 27.55
N ASP B 310 -42.25 26.85 27.96
CA ASP B 310 -43.04 26.97 29.18
C ASP B 310 -42.74 25.90 30.22
N GLY B 311 -42.19 24.75 29.84
CA GLY B 311 -41.92 23.69 30.77
C GLY B 311 -40.76 24.01 31.70
N ASP B 312 -40.29 22.97 32.38
CA ASP B 312 -39.16 23.11 33.29
C ASP B 312 -37.88 23.32 32.48
N LYS B 313 -37.26 24.49 32.65
CA LYS B 313 -36.07 24.80 31.88
C LYS B 313 -34.89 23.93 32.30
N LYS B 314 -34.83 23.53 33.57
CA LYS B 314 -33.67 22.77 34.05
C LYS B 314 -33.72 21.33 33.57
N ASP B 315 -34.92 20.74 33.48
CA ASP B 315 -35.06 19.44 32.84
C ASP B 315 -34.72 19.51 31.36
N PHE B 316 -35.20 20.54 30.66
CA PHE B 316 -34.92 20.66 29.23
C PHE B 316 -33.45 20.94 28.98
N LEU B 317 -32.84 21.78 29.82
CA LEU B 317 -31.41 22.05 29.66
C LEU B 317 -30.59 20.79 29.83
N GLU B 318 -31.00 19.91 30.75
CA GLU B 318 -30.34 18.61 30.86
C GLU B 318 -30.58 17.78 29.62
N LYS B 319 -31.77 17.89 29.02
CA LYS B 319 -32.03 17.20 27.77
C LYS B 319 -31.10 17.69 26.67
N ILE B 320 -30.80 18.98 26.65
CA ILE B 320 -29.85 19.51 25.66
C ILE B 320 -28.47 18.91 25.89
N ARG B 321 -28.11 18.71 27.16
CA ARG B 321 -26.83 18.08 27.49
C ARG B 321 -26.76 16.67 26.90
N LYS B 322 -27.78 15.85 27.19
CA LYS B 322 -27.83 14.51 26.62
C LYS B 322 -27.85 14.55 25.09
N ALA B 323 -28.52 15.55 24.52
CA ALA B 323 -28.52 15.70 23.07
C ALA B 323 -27.12 15.99 22.55
N LEU B 324 -26.35 16.81 23.26
CA LEU B 324 -24.99 17.12 22.84
C LEU B 324 -24.11 15.88 22.92
N TYR B 325 -24.22 15.10 24.00
CA TYR B 325 -23.35 13.95 24.18
C TYR B 325 -23.68 12.84 23.18
N MET B 326 -24.96 12.60 22.91
CA MET B 326 -25.33 11.56 21.95
C MET B 326 -24.96 11.97 20.53
N SER B 327 -25.12 13.26 20.20
CA SER B 327 -24.77 13.73 18.86
C SER B 327 -23.27 13.54 18.61
N LYS B 328 -22.44 13.76 19.63
CA LYS B 328 -21.02 13.47 19.48
C LYS B 328 -20.78 12.00 19.14
N ILE B 329 -21.54 11.10 19.78
CA ILE B 329 -21.34 9.67 19.54
C ILE B 329 -21.61 9.32 18.08
N CYS B 330 -22.75 9.78 17.56
CA CYS B 330 -23.08 9.53 16.15
C CYS B 330 -22.08 10.19 15.22
N SER B 331 -21.68 11.42 15.53
CA SER B 331 -20.73 12.12 14.66
C SER B 331 -19.38 11.43 14.65
N TYR B 332 -18.87 11.06 15.82
CA TYR B 332 -17.60 10.35 15.90
C TYR B 332 -17.71 8.96 15.24
N ALA B 333 -18.87 8.30 15.42
CA ALA B 333 -19.08 7.03 14.76
C ALA B 333 -19.00 7.16 13.24
N GLN B 334 -19.60 8.23 12.69
CA GLN B 334 -19.49 8.48 11.26
C GLN B 334 -18.05 8.74 10.86
N GLY B 335 -17.33 9.53 11.66
CA GLY B 335 -15.95 9.83 11.33
C GLY B 335 -15.05 8.61 11.41
N PHE B 336 -15.24 7.78 12.45
CA PHE B 336 -14.41 6.59 12.58
C PHE B 336 -14.80 5.52 11.58
N ALA B 337 -16.05 5.53 11.11
CA ALA B 337 -16.41 4.66 9.99
C ALA B 337 -15.70 5.10 8.72
N GLN B 338 -15.58 6.41 8.51
CA GLN B 338 -14.86 6.92 7.35
C GLN B 338 -13.40 6.47 7.38
N MET B 339 -12.74 6.62 8.54
CA MET B 339 -11.34 6.25 8.63
C MET B 339 -11.16 4.74 8.44
N ARG B 340 -12.06 3.94 8.98
CA ARG B 340 -12.03 2.50 8.75
C ARG B 340 -12.10 2.19 7.26
N LYS B 341 -13.02 2.85 6.55
CA LYS B 341 -13.14 2.62 5.10
C LYS B 341 -11.91 3.12 4.36
N ALA B 342 -11.36 4.27 4.77
CA ALA B 342 -10.22 4.84 4.05
C ALA B 342 -8.99 3.97 4.19
N SER B 343 -8.76 3.41 5.38
CA SER B 343 -7.62 2.52 5.57
C SER B 343 -7.78 1.24 4.76
N GLU B 344 -9.02 0.74 4.68
CA GLU B 344 -9.28 -0.43 3.85
C GLU B 344 -8.89 -0.17 2.40
N ASP B 345 -9.29 0.98 1.86
CA ASP B 345 -9.03 1.28 0.46
C ASP B 345 -7.56 1.57 0.21
N ASN B 346 -6.86 2.17 1.18
CA ASN B 346 -5.48 2.57 1.00
C ASN B 346 -4.48 1.60 1.64
N GLU B 347 -4.96 0.52 2.24
CA GLU B 347 -4.11 -0.45 2.93
C GLU B 347 -3.21 0.23 3.94
N TRP B 348 -3.79 1.18 4.69
CA TRP B 348 -3.06 1.92 5.70
C TRP B 348 -2.93 1.15 7.00
N ASN B 349 -3.76 0.12 7.21
CA ASN B 349 -3.74 -0.68 8.44
C ASN B 349 -3.86 0.22 9.67
N LEU B 350 -4.84 1.12 9.64
CA LEU B 350 -5.01 2.06 10.75
C LEU B 350 -5.47 1.34 12.01
N LYS B 351 -5.05 1.87 13.15
CA LYS B 351 -5.47 1.38 14.47
C LYS B 351 -6.22 2.52 15.14
N LEU B 352 -7.56 2.51 14.98
CA LEU B 352 -8.37 3.64 15.43
C LEU B 352 -8.27 3.86 16.94
N GLY B 353 -8.04 2.80 17.71
CA GLY B 353 -7.85 2.96 19.14
C GLY B 353 -6.64 3.82 19.46
N ASP B 354 -5.56 3.64 18.70
CA ASP B 354 -4.38 4.48 18.87
C ASP B 354 -4.66 5.93 18.50
N LEU B 355 -5.54 6.15 17.52
CA LEU B 355 -5.90 7.51 17.14
C LEU B 355 -6.59 8.24 18.30
N ALA B 356 -7.64 7.62 18.85
CA ALA B 356 -8.30 8.19 20.02
C ALA B 356 -7.34 8.34 21.18
N MET B 357 -6.34 7.46 21.27
CA MET B 357 -5.35 7.55 22.33
C MET B 357 -4.58 8.87 22.24
N ILE B 358 -4.07 9.19 21.04
CA ILE B 358 -3.26 10.39 20.87
C ILE B 358 -4.08 11.66 20.64
N TRP B 359 -5.40 11.55 20.64
CA TRP B 359 -6.25 12.72 20.68
C TRP B 359 -6.77 12.99 22.09
N ARG B 360 -6.28 12.24 23.09
CA ARG B 360 -6.71 12.46 24.47
C ARG B 360 -6.14 13.76 25.04
N GLU B 361 -5.00 14.21 24.51
CA GLU B 361 -4.40 15.48 24.88
C GLU B 361 -3.78 16.10 23.64
N GLY B 362 -3.30 17.33 23.79
CA GLY B 362 -2.64 18.03 22.69
C GLY B 362 -3.50 18.57 21.57
N CYS B 363 -4.43 17.77 21.06
CA CYS B 363 -5.25 18.16 19.93
C CYS B 363 -6.41 19.04 20.40
N ILE B 364 -7.21 19.51 19.44
CA ILE B 364 -8.27 20.47 19.75
C ILE B 364 -9.53 19.76 20.25
N ILE B 365 -9.81 18.55 19.77
CA ILE B 365 -11.02 17.84 20.14
C ILE B 365 -10.79 17.02 21.41
N ARG B 366 -9.70 17.30 22.12
CA ARG B 366 -9.33 16.46 23.25
C ARG B 366 -10.39 16.53 24.34
N ALA B 367 -10.70 15.36 24.90
CA ALA B 367 -11.79 15.20 25.84
C ALA B 367 -11.67 13.83 26.50
N GLN B 368 -12.23 13.71 27.71
CA GLN B 368 -12.38 12.40 28.30
C GLN B 368 -13.24 11.48 27.43
N PHE B 369 -14.05 12.07 26.54
CA PHE B 369 -14.83 11.29 25.58
C PHE B 369 -13.93 10.37 24.76
N LEU B 370 -12.70 10.80 24.48
CA LEU B 370 -11.83 9.99 23.64
C LEU B 370 -11.17 8.84 24.38
N GLN B 371 -11.15 8.88 25.71
CA GLN B 371 -10.77 7.68 26.46
C GLN B 371 -11.80 6.58 26.28
N LYS B 372 -13.08 6.94 26.14
CA LYS B 372 -14.12 5.93 25.94
C LYS B 372 -14.02 5.32 24.56
N ILE B 373 -13.60 6.08 23.55
CA ILE B 373 -13.38 5.50 22.23
C ILE B 373 -12.20 4.53 22.29
N LYS B 374 -11.10 4.94 22.93
CA LYS B 374 -10.00 4.02 23.18
C LYS B 374 -10.48 2.79 23.93
N ASP B 375 -11.28 3.00 24.98
CA ASP B 375 -11.81 1.87 25.74
C ASP B 375 -12.72 0.99 24.88
N ALA B 376 -13.38 1.58 23.88
CA ALA B 376 -14.22 0.80 22.99
C ALA B 376 -13.38 -0.17 22.15
N TYR B 377 -12.35 0.34 21.50
CA TYR B 377 -11.51 -0.50 20.66
C TYR B 377 -10.63 -1.44 21.48
N ASP B 378 -10.21 -1.02 22.67
CA ASP B 378 -9.54 -1.95 23.57
C ASP B 378 -10.49 -3.05 24.00
N ASN B 379 -11.78 -2.75 24.11
CA ASN B 379 -12.79 -3.76 24.45
C ASN B 379 -13.13 -4.63 23.25
N ASN B 380 -13.04 -4.08 22.04
CA ASN B 380 -13.39 -4.80 20.83
C ASN B 380 -12.65 -4.21 19.64
N PRO B 381 -11.46 -4.72 19.31
CA PRO B 381 -10.71 -4.18 18.17
C PRO B 381 -11.44 -4.31 16.85
N GLY B 382 -12.38 -5.26 16.73
CA GLY B 382 -13.14 -5.42 15.51
C GLY B 382 -14.48 -4.71 15.56
N LEU B 383 -14.52 -3.53 16.20
CA LEU B 383 -15.78 -2.83 16.41
C LEU B 383 -16.32 -2.31 15.07
N GLN B 384 -17.53 -2.75 14.72
CA GLN B 384 -18.16 -2.34 13.47
C GLN B 384 -18.36 -0.84 13.42
N ASN B 385 -18.89 -0.26 14.49
CA ASN B 385 -19.38 1.11 14.54
C ASN B 385 -19.50 1.49 16.01
N LEU B 386 -19.08 2.71 16.34
CA LEU B 386 -19.08 3.14 17.74
C LEU B 386 -20.43 2.97 18.39
N LEU B 387 -21.52 3.08 17.61
CA LEU B 387 -22.85 2.93 18.18
C LEU B 387 -23.10 1.54 18.73
N LEU B 388 -22.36 0.54 18.27
CA LEU B 388 -22.50 -0.83 18.74
C LEU B 388 -21.61 -1.15 19.93
N ASP B 389 -20.76 -0.22 20.35
CA ASP B 389 -19.98 -0.43 21.57
C ASP B 389 -20.92 -0.44 22.76
N PRO B 390 -20.81 -1.43 23.66
CA PRO B 390 -21.78 -1.54 24.76
C PRO B 390 -21.96 -0.27 25.57
N TYR B 391 -20.89 0.45 25.87
CA TYR B 391 -21.03 1.70 26.62
C TYR B 391 -21.81 2.73 25.82
N PHE B 392 -21.35 3.03 24.61
CA PHE B 392 -22.04 4.00 23.76
C PHE B 392 -23.47 3.55 23.46
N LYS B 393 -23.66 2.25 23.22
CA LYS B 393 -25.00 1.74 22.95
C LYS B 393 -25.95 2.03 24.11
N ASN B 394 -25.49 1.82 25.35
CA ASN B 394 -26.33 2.11 26.50
C ASN B 394 -26.62 3.60 26.62
N ILE B 395 -25.64 4.44 26.28
CA ILE B 395 -25.85 5.88 26.33
C ILE B 395 -26.93 6.30 25.33
N VAL B 396 -26.76 5.90 24.07
CA VAL B 396 -27.71 6.33 23.04
C VAL B 396 -29.07 5.69 23.25
N THR B 397 -29.12 4.53 23.90
CA THR B 397 -30.40 3.91 24.20
C THR B 397 -31.24 4.80 25.12
N GLU B 398 -30.60 5.38 26.14
CA GLU B 398 -31.30 6.27 27.06
C GLU B 398 -31.38 7.71 26.55
N TYR B 399 -30.28 8.22 25.98
CA TYR B 399 -30.23 9.63 25.63
C TYR B 399 -31.07 9.96 24.41
N GLN B 400 -31.47 8.95 23.61
CA GLN B 400 -32.25 9.23 22.42
C GLN B 400 -33.57 9.90 22.74
N ASP B 401 -34.15 9.60 23.90
CA ASP B 401 -35.38 10.28 24.32
C ASP B 401 -35.16 11.79 24.40
N ALA B 402 -34.05 12.20 25.02
CA ALA B 402 -33.75 13.63 25.14
C ALA B 402 -33.48 14.24 23.77
N LEU B 403 -32.60 13.63 22.97
CA LEU B 403 -32.26 14.18 21.67
C LEU B 403 -33.50 14.38 20.79
N ARG B 404 -34.49 13.50 20.90
CA ARG B 404 -35.73 13.70 20.15
C ARG B 404 -36.49 14.92 20.64
N ASP B 405 -36.58 15.07 21.97
CA ASP B 405 -37.29 16.21 22.54
C ASP B 405 -36.63 17.53 22.16
N VAL B 406 -35.30 17.56 22.13
CA VAL B 406 -34.59 18.79 21.77
C VAL B 406 -34.82 19.11 20.29
N VAL B 407 -34.68 18.11 19.42
CA VAL B 407 -34.84 18.34 17.99
C VAL B 407 -36.28 18.76 17.68
N ALA B 408 -37.26 18.09 18.29
CA ALA B 408 -38.65 18.44 18.05
C ALA B 408 -38.98 19.84 18.55
N THR B 409 -38.42 20.22 19.70
CA THR B 409 -38.71 21.53 20.27
C THR B 409 -38.07 22.64 19.43
N GLY B 410 -36.82 22.46 19.04
CA GLY B 410 -36.15 23.46 18.21
C GLY B 410 -36.83 23.63 16.87
N VAL B 411 -37.32 22.53 16.30
CA VAL B 411 -38.02 22.61 15.01
C VAL B 411 -39.32 23.38 15.16
N GLN B 412 -40.04 23.15 16.25
CA GLN B 412 -41.32 23.84 16.45
C GLN B 412 -41.14 25.31 16.78
N ASN B 413 -39.96 25.70 17.28
CA ASN B 413 -39.71 27.08 17.66
C ASN B 413 -38.79 27.80 16.68
N GLY B 414 -38.53 27.22 15.51
CA GLY B 414 -37.77 27.88 14.48
C GLY B 414 -36.28 27.97 14.72
N VAL B 415 -35.76 27.29 15.73
CA VAL B 415 -34.33 27.32 16.03
C VAL B 415 -33.66 26.19 15.25
N PRO B 416 -32.84 26.49 14.24
CA PRO B 416 -32.25 25.43 13.42
C PRO B 416 -31.29 24.57 14.25
N THR B 417 -31.36 23.25 14.02
CA THR B 417 -30.53 22.29 14.75
C THR B 417 -29.99 21.26 13.77
N PRO B 418 -29.25 21.69 12.75
CA PRO B 418 -28.85 20.75 11.69
C PRO B 418 -27.98 19.60 12.19
N GLY B 419 -27.13 19.84 13.18
CA GLY B 419 -26.33 18.77 13.74
C GLY B 419 -27.15 17.82 14.58
N PHE B 420 -28.00 18.37 15.46
CA PHE B 420 -28.89 17.52 16.26
C PHE B 420 -29.82 16.71 15.37
N SER B 421 -30.37 17.34 14.33
CA SER B 421 -31.33 16.65 13.47
C SER B 421 -30.66 15.51 12.70
N SER B 422 -29.53 15.79 12.06
CA SER B 422 -28.86 14.75 11.28
C SER B 422 -28.30 13.62 12.14
N SER B 423 -28.05 13.88 13.42
CA SER B 423 -27.58 12.82 14.31
C SER B 423 -28.70 11.83 14.64
N ILE B 424 -29.87 12.32 15.03
CA ILE B 424 -30.99 11.41 15.32
C ILE B 424 -31.48 10.74 14.05
N ASN B 425 -31.38 11.43 12.91
CA ASN B 425 -31.71 10.80 11.63
C ASN B 425 -30.71 9.71 11.29
N TYR B 426 -29.44 9.92 11.62
CA TYR B 426 -28.45 8.87 11.41
C TYR B 426 -28.72 7.67 12.31
N TYR B 427 -29.07 7.93 13.58
CA TYR B 427 -29.39 6.84 14.49
C TYR B 427 -30.59 6.05 13.99
N ASP B 428 -31.66 6.75 13.59
CA ASP B 428 -32.85 6.06 13.13
C ASP B 428 -32.64 5.39 11.77
N SER B 429 -31.70 5.90 10.98
CA SER B 429 -31.42 5.27 9.68
C SER B 429 -30.50 4.07 9.84
N TYR B 430 -29.45 4.20 10.66
CA TYR B 430 -28.50 3.11 10.83
C TYR B 430 -29.14 1.89 11.48
N ARG B 431 -30.09 2.10 12.38
CA ARG B 431 -30.75 0.99 13.08
C ARG B 431 -31.98 0.48 12.34
N ALA B 432 -32.33 1.07 11.20
CA ALA B 432 -33.54 0.66 10.48
C ALA B 432 -33.23 -0.57 9.65
N ALA B 433 -33.87 -1.69 9.98
CA ALA B 433 -33.71 -2.91 9.20
C ALA B 433 -34.17 -2.69 7.76
N ASP B 434 -35.27 -1.96 7.57
CA ASP B 434 -35.85 -1.73 6.26
C ASP B 434 -36.02 -0.23 6.04
N LEU B 435 -35.33 0.30 5.05
CA LEU B 435 -35.42 1.70 4.67
C LEU B 435 -36.29 1.85 3.43
N PRO B 436 -36.78 3.06 3.14
CA PRO B 436 -37.65 3.24 1.97
C PRO B 436 -36.89 3.33 0.65
N ALA B 437 -35.64 2.87 0.62
CA ALA B 437 -34.90 2.82 -0.64
C ALA B 437 -35.49 1.81 -1.61
N ASN B 438 -36.40 0.94 -1.16
CA ASN B 438 -37.10 0.06 -2.09
C ASN B 438 -37.91 0.86 -3.10
N LEU B 439 -38.56 1.94 -2.65
CA LEU B 439 -39.29 2.80 -3.58
C LEU B 439 -38.34 3.52 -4.52
N ILE B 440 -37.22 4.03 -4.01
CA ILE B 440 -36.22 4.65 -4.86
C ILE B 440 -35.74 3.68 -5.93
N GLN B 441 -35.47 2.43 -5.53
CA GLN B 441 -35.03 1.42 -6.49
C GLN B 441 -36.11 1.14 -7.51
N ALA B 442 -37.38 1.07 -7.07
CA ALA B 442 -38.47 0.85 -8.00
C ALA B 442 -38.58 1.99 -9.01
N GLN B 443 -38.39 3.23 -8.55
CA GLN B 443 -38.45 4.36 -9.47
C GLN B 443 -37.28 4.31 -10.46
N ARG B 444 -36.07 4.01 -9.97
CA ARG B 444 -34.91 3.92 -10.85
C ARG B 444 -35.09 2.82 -11.89
N ASP B 445 -35.78 1.74 -11.54
CA ASP B 445 -36.12 0.74 -12.54
C ASP B 445 -37.21 1.23 -13.48
N TYR B 446 -38.09 2.10 -12.99
CA TYR B 446 -39.19 2.61 -13.81
C TYR B 446 -38.67 3.46 -14.96
N PHE B 447 -37.94 4.54 -14.65
CA PHE B 447 -37.52 5.48 -15.68
C PHE B 447 -36.14 5.20 -16.24
N GLY B 448 -35.37 4.30 -15.63
CA GLY B 448 -34.01 4.08 -16.06
C GLY B 448 -33.67 2.65 -16.44
N ALA B 449 -34.57 1.72 -16.12
CA ALA B 449 -34.33 0.29 -16.34
C ALA B 449 -33.06 -0.19 -15.65
N HIS B 450 -32.71 0.44 -14.53
CA HIS B 450 -31.51 0.12 -13.78
C HIS B 450 -31.58 -1.23 -13.07
N THR B 451 -32.73 -1.91 -13.14
CA THR B 451 -32.98 -3.19 -12.49
C THR B 451 -32.84 -3.09 -10.97
N TYR B 452 -33.23 -4.15 -10.27
CA TYR B 452 -33.27 -4.14 -8.82
C TYR B 452 -33.09 -5.55 -8.31
N GLU B 453 -32.88 -5.68 -7.01
CA GLU B 453 -32.83 -6.96 -6.34
C GLU B 453 -33.99 -7.06 -5.34
N ARG B 454 -34.28 -8.29 -4.92
CA ARG B 454 -35.42 -8.56 -4.07
C ARG B 454 -34.97 -9.01 -2.69
N LYS B 455 -35.89 -8.92 -1.73
CA LYS B 455 -35.63 -9.36 -0.36
C LYS B 455 -35.85 -10.85 -0.16
N ASP B 456 -36.80 -11.45 -0.88
CA ASP B 456 -37.17 -12.85 -0.66
C ASP B 456 -36.30 -13.80 -1.47
N LYS B 457 -36.38 -13.72 -2.79
CA LYS B 457 -35.57 -14.57 -3.66
C LYS B 457 -34.22 -13.90 -3.89
N GLU B 458 -33.50 -14.32 -4.93
CA GLU B 458 -32.20 -13.74 -5.22
C GLU B 458 -32.03 -13.63 -6.73
N GLY B 459 -31.15 -12.73 -7.14
CA GLY B 459 -30.93 -12.41 -8.53
C GLY B 459 -31.24 -10.94 -8.80
N VAL B 460 -31.19 -10.59 -10.08
CA VAL B 460 -31.46 -9.24 -10.54
C VAL B 460 -32.71 -9.26 -11.43
N PHE B 461 -33.54 -8.23 -11.30
CA PHE B 461 -34.85 -8.23 -11.92
C PHE B 461 -35.15 -6.87 -12.54
N HIS B 462 -35.94 -6.89 -13.61
CA HIS B 462 -36.45 -5.69 -14.27
C HIS B 462 -37.94 -5.89 -14.54
N THR B 463 -38.73 -4.84 -14.32
CA THR B 463 -40.17 -4.96 -14.30
C THR B 463 -40.84 -3.95 -15.22
N GLN B 464 -41.86 -4.40 -15.96
CA GLN B 464 -42.79 -3.53 -16.65
C GLN B 464 -43.83 -3.05 -15.65
N TRP B 465 -43.71 -1.81 -15.19
CA TRP B 465 -44.52 -1.34 -14.07
C TRP B 465 -45.92 -0.93 -14.50
N ILE B 466 -46.05 -0.28 -15.66
CA ILE B 466 -47.33 0.19 -16.16
C ILE B 466 -47.73 -0.63 -17.37
N GLU B 467 -49.03 -0.70 -17.61
CA GLU B 467 -49.57 -1.45 -18.75
C GLU B 467 -49.78 -0.53 -19.95
N MET C 1 33.67 11.37 -42.88
CA MET C 1 32.40 11.86 -42.35
C MET C 1 31.97 11.05 -41.13
N THR C 2 31.61 9.79 -41.35
CA THR C 2 31.11 8.94 -40.28
C THR C 2 32.26 8.24 -39.55
N GLN C 3 32.02 7.96 -38.28
CA GLN C 3 32.95 7.23 -37.44
C GLN C 3 32.51 5.77 -37.30
N GLN C 4 33.44 4.91 -36.90
CA GLN C 4 33.18 3.48 -36.87
C GLN C 4 32.35 3.06 -35.67
N ILE C 5 32.46 3.76 -34.54
CA ILE C 5 31.83 3.32 -33.30
C ILE C 5 31.57 4.53 -32.43
N GLY C 6 30.55 4.44 -31.59
CA GLY C 6 30.17 5.55 -30.73
C GLY C 6 29.96 5.10 -29.30
N VAL C 7 30.16 6.04 -28.37
CA VAL C 7 30.07 5.79 -26.94
C VAL C 7 29.14 6.83 -26.32
N ILE C 8 28.22 6.37 -25.48
CA ILE C 8 27.28 7.24 -24.77
C ILE C 8 27.52 7.11 -23.28
N GLY C 9 27.71 8.25 -22.62
CA GLY C 9 27.96 8.26 -21.19
C GLY C 9 29.43 8.44 -20.87
N LEU C 10 29.86 9.68 -20.65
CA LEU C 10 31.28 9.99 -20.45
C LEU C 10 31.63 10.16 -18.98
N ALA C 11 31.28 9.17 -18.16
CA ALA C 11 31.90 9.05 -16.85
C ALA C 11 33.31 8.48 -17.02
N VAL C 12 33.99 8.23 -15.91
CA VAL C 12 35.37 7.75 -15.99
C VAL C 12 35.44 6.42 -16.74
N MET C 13 34.47 5.54 -16.51
CA MET C 13 34.43 4.28 -17.22
C MET C 13 34.13 4.48 -18.70
N GLY C 14 33.26 5.45 -19.02
CA GLY C 14 32.87 5.67 -20.40
C GLY C 14 33.99 6.28 -21.23
N LYS C 15 34.68 7.29 -20.69
CA LYS C 15 35.74 7.94 -21.46
C LYS C 15 36.97 7.03 -21.58
N ASN C 16 37.24 6.21 -20.57
CA ASN C 16 38.37 5.30 -20.66
C ASN C 16 38.18 4.27 -21.76
N LEU C 17 36.94 3.79 -21.95
CA LEU C 17 36.67 2.86 -23.03
C LEU C 17 36.76 3.53 -24.38
N ALA C 18 36.25 4.76 -24.48
CA ALA C 18 36.33 5.49 -25.74
C ALA C 18 37.78 5.75 -26.15
N TRP C 19 38.60 6.21 -25.21
CA TRP C 19 40.02 6.43 -25.50
C TRP C 19 40.71 5.11 -25.82
N ASN C 20 40.33 4.03 -25.12
CA ASN C 20 40.88 2.71 -25.42
C ASN C 20 40.57 2.31 -26.86
N ILE C 21 39.34 2.55 -27.31
CA ILE C 21 38.98 2.19 -28.67
C ILE C 21 39.75 3.03 -29.68
N GLU C 22 39.88 4.33 -29.42
CA GLU C 22 40.62 5.19 -30.34
C GLU C 22 42.11 4.86 -30.35
N SER C 23 42.66 4.43 -29.20
CA SER C 23 44.08 4.11 -29.13
C SER C 23 44.48 2.98 -30.07
N ARG C 24 43.52 2.16 -30.50
CA ARG C 24 43.81 1.05 -31.41
C ARG C 24 43.67 1.46 -32.88
N GLY C 25 43.34 2.72 -33.16
CA GLY C 25 43.20 3.20 -34.51
C GLY C 25 41.78 3.28 -35.02
N TYR C 26 40.81 3.53 -34.15
CA TYR C 26 39.41 3.52 -34.52
C TYR C 26 38.82 4.91 -34.39
N SER C 27 37.96 5.27 -35.33
CA SER C 27 37.10 6.43 -35.19
C SER C 27 36.11 6.19 -34.04
N VAL C 28 35.85 7.24 -33.27
CA VAL C 28 34.91 7.18 -32.15
C VAL C 28 34.11 8.48 -32.09
N SER C 29 32.79 8.35 -31.99
CA SER C 29 31.91 9.47 -31.66
C SER C 29 31.45 9.35 -30.21
N VAL C 30 31.07 10.49 -29.63
CA VAL C 30 30.92 10.61 -28.18
C VAL C 30 29.72 11.49 -27.86
N PHE C 31 28.89 11.04 -26.92
CA PHE C 31 27.74 11.83 -26.45
C PHE C 31 27.46 11.52 -24.98
N ASN C 32 27.10 12.57 -24.23
CA ASN C 32 26.58 12.43 -22.88
C ASN C 32 25.32 13.28 -22.74
N ARG C 33 24.37 12.78 -21.94
CA ARG C 33 23.10 13.49 -21.77
C ARG C 33 23.33 14.89 -21.20
N SER C 34 24.03 14.98 -20.07
CA SER C 34 24.38 16.27 -19.52
C SER C 34 25.36 16.98 -20.46
N SER C 35 24.98 18.17 -20.90
CA SER C 35 25.71 18.85 -21.97
C SER C 35 27.16 19.17 -21.63
N GLU C 36 27.58 19.04 -20.37
CA GLU C 36 28.88 19.59 -20.00
C GLU C 36 30.04 18.60 -20.10
N LYS C 37 29.84 17.35 -19.64
CA LYS C 37 30.97 16.44 -19.50
C LYS C 37 31.57 15.99 -20.83
N THR C 38 30.84 16.16 -21.93
CA THR C 38 31.47 15.98 -23.23
C THR C 38 32.43 17.13 -23.55
N ASP C 39 32.00 18.37 -23.29
CA ASP C 39 32.87 19.51 -23.54
C ASP C 39 34.15 19.45 -22.70
N LEU C 40 34.15 18.66 -21.62
CA LEU C 40 35.39 18.38 -20.91
C LEU C 40 36.14 17.20 -21.51
N MET C 41 35.46 16.29 -22.21
CA MET C 41 36.21 15.20 -22.83
C MET C 41 36.89 15.66 -24.12
N VAL C 42 36.22 16.51 -24.90
CA VAL C 42 36.88 17.12 -26.06
C VAL C 42 38.11 17.90 -25.63
N GLU C 43 38.09 18.42 -24.40
CA GLU C 43 39.27 19.05 -23.81
C GLU C 43 40.49 18.15 -23.90
N GLU C 44 40.33 16.89 -23.50
CA GLU C 44 41.45 15.97 -23.31
C GLU C 44 41.63 14.99 -24.46
N SER C 45 41.07 15.29 -25.62
CA SER C 45 41.13 14.40 -26.79
C SER C 45 41.59 15.15 -28.02
N LYS C 46 42.70 15.88 -27.88
CA LYS C 46 43.33 16.55 -29.01
C LYS C 46 44.43 15.68 -29.57
N GLY C 47 44.61 15.75 -30.89
CA GLY C 47 45.53 14.86 -31.57
C GLY C 47 45.01 13.44 -31.61
N LYS C 48 43.74 13.28 -31.25
CA LYS C 48 43.07 11.98 -31.20
C LYS C 48 41.78 12.06 -31.99
N ASN C 49 41.24 10.87 -32.30
CA ASN C 49 40.08 10.75 -33.19
C ASN C 49 38.79 10.59 -32.38
N ILE C 50 38.37 11.69 -31.77
CA ILE C 50 37.15 11.75 -30.96
C ILE C 50 36.28 12.87 -31.51
N HIS C 51 35.17 12.49 -32.14
CA HIS C 51 34.24 13.46 -32.69
C HIS C 51 33.14 13.74 -31.68
N PRO C 52 32.95 14.99 -31.26
CA PRO C 52 31.92 15.29 -30.26
C PRO C 52 30.53 15.34 -30.88
N THR C 53 29.53 15.19 -30.01
CA THR C 53 28.14 15.17 -30.43
C THR C 53 27.28 15.74 -29.30
N TYR C 54 26.21 16.44 -29.69
CA TYR C 54 25.32 17.08 -28.74
C TYR C 54 23.84 16.84 -29.07
N SER C 55 23.56 15.79 -29.84
CA SER C 55 22.20 15.38 -30.15
C SER C 55 22.26 13.95 -30.65
N LEU C 56 21.30 13.14 -30.20
CA LEU C 56 21.28 11.74 -30.65
C LEU C 56 21.00 11.63 -32.14
N GLU C 57 20.18 12.55 -32.67
CA GLU C 57 20.02 12.67 -34.11
C GLU C 57 21.37 12.93 -34.76
N GLU C 58 22.16 13.83 -34.17
CA GLU C 58 23.53 14.03 -34.62
C GLU C 58 24.40 12.81 -34.32
N PHE C 59 24.08 12.08 -33.26
CA PHE C 59 24.91 10.94 -32.87
C PHE C 59 24.71 9.76 -33.82
N VAL C 60 23.46 9.39 -34.09
CA VAL C 60 23.20 8.21 -34.92
C VAL C 60 23.74 8.41 -36.33
N ASN C 61 23.63 9.63 -36.87
CA ASN C 61 24.12 9.90 -38.22
C ASN C 61 25.62 10.17 -38.25
N SER C 62 26.26 10.33 -37.09
CA SER C 62 27.71 10.47 -37.03
C SER C 62 28.44 9.14 -37.23
N LEU C 63 27.74 8.02 -37.19
CA LEU C 63 28.35 6.70 -37.22
C LEU C 63 27.99 5.96 -38.50
N GLU C 64 28.94 5.18 -39.00
CA GLU C 64 28.69 4.37 -40.19
C GLU C 64 27.77 3.21 -39.86
N LYS C 65 26.99 2.80 -40.85
CA LYS C 65 26.09 1.67 -40.64
C LYS C 65 26.78 0.37 -41.07
N PRO C 66 26.53 -0.76 -40.38
CA PRO C 66 25.67 -0.88 -39.20
C PRO C 66 26.24 -0.16 -37.97
N ARG C 67 25.41 0.65 -37.33
CA ARG C 67 25.86 1.45 -36.20
C ARG C 67 26.24 0.56 -35.03
N LYS C 68 27.34 0.92 -34.37
CA LYS C 68 27.85 0.21 -33.20
C LYS C 68 27.91 1.22 -32.06
N ILE C 69 26.90 1.21 -31.20
CA ILE C 69 26.75 2.17 -30.12
C ILE C 69 26.92 1.43 -28.79
N LEU C 70 27.87 1.88 -27.98
CA LEU C 70 28.13 1.29 -26.67
C LEU C 70 27.57 2.21 -25.59
N LEU C 71 26.61 1.70 -24.82
CA LEU C 71 26.03 2.44 -23.71
C LEU C 71 26.89 2.30 -22.47
N MET C 72 27.25 3.42 -21.85
CA MET C 72 27.98 3.45 -20.60
C MET C 72 27.33 4.41 -19.62
N VAL C 73 26.00 4.46 -19.63
CA VAL C 73 25.24 5.31 -18.71
C VAL C 73 25.02 4.55 -17.41
N GLN C 74 24.36 5.17 -16.45
CA GLN C 74 24.12 4.51 -15.18
C GLN C 74 23.06 3.43 -15.32
N ALA C 75 23.19 2.38 -14.52
CA ALA C 75 22.30 1.23 -14.60
C ALA C 75 20.90 1.58 -14.09
N GLY C 76 19.92 0.86 -14.61
CA GLY C 76 18.54 1.07 -14.20
C GLY C 76 17.67 1.71 -15.27
N LYS C 77 16.85 2.68 -14.86
CA LYS C 77 15.95 3.31 -15.82
C LYS C 77 16.68 4.28 -16.75
N ALA C 78 17.83 4.79 -16.35
CA ALA C 78 18.58 5.67 -17.25
C ALA C 78 19.08 4.90 -18.47
N THR C 79 19.47 3.64 -18.28
CA THR C 79 19.85 2.82 -19.42
C THR C 79 18.66 2.54 -20.32
N ASP C 80 17.51 2.17 -19.73
CA ASP C 80 16.31 1.93 -20.52
C ASP C 80 15.83 3.18 -21.23
N ALA C 81 15.99 4.35 -20.60
CA ALA C 81 15.60 5.59 -21.25
C ALA C 81 16.48 5.88 -22.46
N THR C 82 17.79 5.69 -22.31
CA THR C 82 18.70 5.91 -23.44
C THR C 82 18.34 4.98 -24.60
N ILE C 83 17.96 3.74 -24.29
CA ILE C 83 17.56 2.81 -25.35
C ILE C 83 16.25 3.28 -25.98
N ASP C 84 15.24 3.56 -25.16
CA ASP C 84 13.93 3.94 -25.69
C ASP C 84 14.01 5.21 -26.52
N SER C 85 14.98 6.08 -26.23
CA SER C 85 15.16 7.27 -27.04
C SER C 85 15.91 6.98 -28.33
N LEU C 86 16.87 6.05 -28.29
CA LEU C 86 17.67 5.74 -29.47
C LEU C 86 16.90 4.94 -30.52
N LEU C 87 15.86 4.20 -30.13
CA LEU C 87 15.22 3.26 -31.05
C LEU C 87 14.66 3.93 -32.30
N PRO C 88 13.84 4.98 -32.23
CA PRO C 88 13.28 5.55 -33.46
C PRO C 88 14.31 6.14 -34.39
N LEU C 89 15.54 6.35 -33.92
CA LEU C 89 16.62 6.92 -34.73
C LEU C 89 17.44 5.86 -35.47
N LEU C 90 17.33 4.60 -35.08
CA LEU C 90 18.17 3.57 -35.64
C LEU C 90 17.51 2.95 -36.87
N ASP C 91 18.30 2.17 -37.61
CA ASP C 91 17.83 1.41 -38.75
C ASP C 91 18.08 -0.08 -38.49
N ASP C 92 17.42 -0.91 -39.30
CA ASP C 92 17.51 -2.35 -39.13
C ASP C 92 18.97 -2.81 -39.20
N GLY C 93 19.40 -3.55 -38.19
CA GLY C 93 20.74 -4.10 -38.14
C GLY C 93 21.68 -3.39 -37.19
N ASP C 94 21.31 -2.22 -36.68
CA ASP C 94 22.19 -1.48 -35.78
C ASP C 94 22.43 -2.27 -34.50
N ILE C 95 23.62 -2.11 -33.93
CA ILE C 95 24.08 -2.89 -32.78
C ILE C 95 24.23 -1.96 -31.59
N LEU C 96 23.48 -2.24 -30.53
CA LEU C 96 23.64 -1.56 -29.25
C LEU C 96 24.38 -2.48 -28.29
N ILE C 97 25.36 -1.93 -27.59
CA ILE C 97 26.16 -2.68 -26.62
C ILE C 97 26.05 -1.99 -25.28
N ASP C 98 25.73 -2.76 -24.23
CA ASP C 98 25.56 -2.25 -22.88
C ASP C 98 26.69 -2.81 -22.02
N GLY C 99 27.59 -1.93 -21.58
CA GLY C 99 28.71 -2.32 -20.75
C GLY C 99 28.57 -2.04 -19.28
N GLY C 100 27.39 -1.64 -18.82
CA GLY C 100 27.18 -1.39 -17.40
C GLY C 100 27.10 -2.69 -16.61
N ASN C 101 27.01 -2.52 -15.29
CA ASN C 101 26.82 -3.66 -14.38
C ASN C 101 25.32 -3.95 -14.33
N THR C 102 24.82 -4.57 -15.39
CA THR C 102 23.40 -4.79 -15.58
C THR C 102 22.98 -6.15 -15.03
N ASN C 103 21.82 -6.18 -14.38
CA ASN C 103 21.18 -7.45 -14.08
C ASN C 103 20.89 -8.19 -15.38
N TYR C 104 21.35 -9.44 -15.46
CA TYR C 104 21.26 -10.18 -16.71
C TYR C 104 19.82 -10.36 -17.18
N GLN C 105 18.84 -10.30 -16.27
CA GLN C 105 17.45 -10.41 -16.70
C GLN C 105 16.97 -9.13 -17.37
N ASP C 106 17.56 -7.99 -17.04
CA ASP C 106 17.28 -6.77 -17.79
C ASP C 106 17.84 -6.88 -19.20
N THR C 107 19.04 -7.44 -19.35
CA THR C 107 19.62 -7.63 -20.67
C THR C 107 18.78 -8.59 -21.50
N ILE C 108 18.24 -9.64 -20.88
CA ILE C 108 17.31 -10.54 -21.57
C ILE C 108 16.07 -9.77 -22.01
N ARG C 109 15.57 -8.89 -21.14
CA ARG C 109 14.39 -8.10 -21.47
C ARG C 109 14.67 -7.16 -22.64
N ARG C 110 15.83 -6.52 -22.65
CA ARG C 110 16.13 -5.56 -23.71
C ARG C 110 16.47 -6.25 -25.02
N ASN C 111 17.15 -7.40 -24.94
CA ASN C 111 17.50 -8.13 -26.15
C ASN C 111 16.25 -8.58 -26.90
N LYS C 112 15.27 -9.14 -26.17
CA LYS C 112 14.06 -9.63 -26.82
C LYS C 112 13.24 -8.48 -27.41
N ALA C 113 13.17 -7.35 -26.70
CA ALA C 113 12.37 -6.24 -27.17
C ALA C 113 13.01 -5.58 -28.40
N LEU C 114 14.32 -5.35 -28.35
CA LEU C 114 14.99 -4.71 -29.47
C LEU C 114 15.03 -5.64 -30.69
N ALA C 115 15.01 -6.95 -30.48
CA ALA C 115 14.96 -7.88 -31.60
C ALA C 115 13.67 -7.73 -32.39
N GLN C 116 12.57 -7.38 -31.72
CA GLN C 116 11.31 -7.20 -32.42
C GLN C 116 11.32 -5.97 -33.31
N SER C 117 12.18 -4.99 -33.02
CA SER C 117 12.39 -3.84 -33.88
C SER C 117 13.58 -4.01 -34.82
N ALA C 118 14.07 -5.24 -34.98
CA ALA C 118 15.22 -5.54 -35.84
C ALA C 118 16.46 -4.77 -35.39
N ILE C 119 16.70 -4.74 -34.08
CA ILE C 119 17.84 -4.06 -33.48
C ILE C 119 18.62 -5.08 -32.67
N ASN C 120 19.93 -5.11 -32.86
CA ASN C 120 20.78 -6.02 -32.10
C ASN C 120 21.16 -5.39 -30.76
N PHE C 121 21.19 -6.21 -29.71
CA PHE C 121 21.54 -5.77 -28.37
C PHE C 121 22.56 -6.73 -27.78
N ILE C 122 23.70 -6.20 -27.37
CA ILE C 122 24.76 -6.99 -26.73
C ILE C 122 24.91 -6.50 -25.30
N GLY C 123 24.72 -7.42 -24.35
CA GLY C 123 25.02 -7.12 -22.96
C GLY C 123 26.42 -7.58 -22.62
N MET C 124 27.32 -6.64 -22.33
CA MET C 124 28.75 -6.92 -22.20
C MET C 124 29.19 -6.64 -20.77
N GLY C 125 29.72 -7.67 -20.11
CA GLY C 125 30.32 -7.48 -18.79
C GLY C 125 31.71 -6.87 -18.93
N VAL C 126 31.98 -5.85 -18.13
CA VAL C 126 33.24 -5.12 -18.17
C VAL C 126 33.94 -5.24 -16.83
N SER C 127 35.18 -5.68 -16.84
CA SER C 127 35.94 -5.91 -15.62
C SER C 127 37.25 -5.15 -15.67
N GLY C 128 37.97 -5.18 -14.55
CA GLY C 128 39.30 -4.60 -14.46
C GLY C 128 39.36 -3.19 -13.92
N GLY C 129 38.22 -2.56 -13.62
CA GLY C 129 38.21 -1.25 -12.99
C GLY C 129 38.44 -0.12 -13.98
N GLU C 130 38.50 1.11 -13.42
CA GLU C 130 38.76 2.29 -14.23
C GLU C 130 40.03 2.10 -15.05
N ILE C 131 41.10 1.65 -14.40
CA ILE C 131 42.39 1.47 -15.06
C ILE C 131 42.30 0.37 -16.09
N GLY C 132 41.49 -0.65 -15.83
CA GLY C 132 41.31 -1.72 -16.81
C GLY C 132 40.61 -1.25 -18.07
N ALA C 133 39.55 -0.45 -17.91
CA ALA C 133 38.80 0.01 -19.08
C ALA C 133 39.68 0.81 -20.02
N LEU C 134 40.68 1.51 -19.50
CA LEU C 134 41.55 2.33 -20.33
C LEU C 134 42.62 1.51 -21.03
N THR C 135 43.28 0.62 -20.29
CA THR C 135 44.44 -0.10 -20.80
C THR C 135 44.09 -1.47 -21.39
N GLY C 136 43.07 -2.13 -20.88
CA GLY C 136 42.71 -3.45 -21.34
C GLY C 136 41.87 -4.20 -20.32
N PRO C 137 40.57 -4.21 -20.53
CA PRO C 137 39.66 -4.89 -19.60
C PRO C 137 39.36 -6.32 -20.04
N SER C 138 38.75 -7.07 -19.14
CA SER C 138 38.19 -8.38 -19.45
C SER C 138 36.76 -8.18 -19.92
N LEU C 139 36.46 -8.61 -21.14
CA LEU C 139 35.18 -8.35 -21.78
C LEU C 139 34.38 -9.64 -21.88
N MET C 140 33.10 -9.57 -21.49
CA MET C 140 32.19 -10.70 -21.52
C MET C 140 30.94 -10.27 -22.26
N PRO C 141 30.96 -10.30 -23.60
CA PRO C 141 29.79 -9.88 -24.38
C PRO C 141 28.83 -11.02 -24.67
N GLY C 142 27.55 -10.72 -24.55
CA GLY C 142 26.51 -11.70 -24.82
C GLY C 142 25.37 -11.07 -25.59
N GLY C 143 24.75 -11.87 -26.45
CA GLY C 143 23.67 -11.42 -27.28
C GLY C 143 23.68 -12.09 -28.65
N GLN C 144 23.31 -11.36 -29.68
CA GLN C 144 23.31 -11.91 -31.03
C GLN C 144 24.72 -12.26 -31.46
N GLU C 145 24.96 -13.53 -31.76
CA GLU C 145 26.29 -13.97 -32.17
C GLU C 145 26.74 -13.30 -33.46
N GLU C 146 25.81 -13.03 -34.38
CA GLU C 146 26.19 -12.35 -35.62
C GLU C 146 26.58 -10.90 -35.35
N ALA C 147 25.85 -10.24 -34.45
CA ALA C 147 26.22 -8.87 -34.08
C ALA C 147 27.59 -8.83 -33.41
N TYR C 148 27.88 -9.83 -32.56
CA TYR C 148 29.19 -9.88 -31.91
C TYR C 148 30.32 -9.94 -32.92
N ASN C 149 30.19 -10.84 -33.91
CA ASN C 149 31.24 -11.01 -34.91
C ASN C 149 31.49 -9.75 -35.73
N LYS C 150 30.49 -8.86 -35.82
CA LYS C 150 30.70 -7.59 -36.49
C LYS C 150 31.42 -6.57 -35.62
N VAL C 151 31.37 -6.73 -34.30
CA VAL C 151 32.10 -5.87 -33.38
C VAL C 151 33.28 -6.58 -32.76
N ALA C 152 33.58 -7.80 -33.21
CA ALA C 152 34.60 -8.62 -32.55
C ALA C 152 36.00 -8.03 -32.71
N ASP C 153 36.29 -7.45 -33.88
CA ASP C 153 37.63 -6.89 -34.09
C ASP C 153 37.90 -5.72 -33.16
N ILE C 154 36.88 -4.90 -32.89
CA ILE C 154 37.04 -3.79 -31.94
C ILE C 154 37.30 -4.34 -30.54
N LEU C 155 36.43 -5.24 -30.08
CA LEU C 155 36.55 -5.78 -28.72
C LEU C 155 37.87 -6.51 -28.53
N ASP C 156 38.33 -7.23 -29.56
CA ASP C 156 39.63 -7.89 -29.49
C ASP C 156 40.76 -6.87 -29.39
N ALA C 157 40.57 -5.68 -29.97
CA ALA C 157 41.63 -4.69 -29.97
C ALA C 157 41.80 -4.04 -28.60
N ILE C 158 40.71 -3.82 -27.88
CA ILE C 158 40.78 -3.08 -26.63
C ILE C 158 40.88 -3.98 -25.40
N ALA C 159 40.60 -5.27 -25.53
CA ALA C 159 40.63 -6.17 -24.38
C ALA C 159 42.05 -6.41 -23.91
N ALA C 160 42.19 -6.81 -22.65
CA ALA C 160 43.49 -7.15 -22.10
C ALA C 160 44.05 -8.39 -22.80
N LYS C 161 45.37 -8.48 -22.82
CA LYS C 161 46.07 -9.57 -23.48
C LYS C 161 46.80 -10.40 -22.43
N ALA C 162 46.52 -11.70 -22.41
CA ALA C 162 47.27 -12.60 -21.55
C ALA C 162 48.71 -12.70 -22.07
N LYS C 163 49.57 -13.29 -21.23
CA LYS C 163 51.00 -13.35 -21.56
C LYS C 163 51.31 -14.26 -22.75
N ASP C 164 50.35 -15.06 -23.20
CA ASP C 164 50.51 -15.82 -24.43
C ASP C 164 49.96 -15.08 -25.65
N GLY C 165 49.46 -13.85 -25.47
CA GLY C 165 48.96 -13.05 -26.56
C GLY C 165 47.46 -13.13 -26.77
N ALA C 166 46.77 -14.05 -26.10
CA ALA C 166 45.34 -14.21 -26.30
C ALA C 166 44.57 -13.02 -25.72
N SER C 167 43.53 -12.61 -26.42
CA SER C 167 42.70 -11.50 -25.97
C SER C 167 41.69 -11.96 -24.93
N CYS C 168 41.46 -11.12 -23.93
CA CYS C 168 40.55 -11.45 -22.84
C CYS C 168 39.12 -11.02 -23.18
N VAL C 169 38.63 -11.56 -24.28
CA VAL C 169 37.25 -11.36 -24.70
C VAL C 169 36.83 -12.55 -25.56
N THR C 170 35.63 -13.07 -25.31
CA THR C 170 35.08 -14.14 -26.13
C THR C 170 33.57 -14.04 -26.08
N TYR C 171 32.93 -14.44 -27.17
CA TYR C 171 31.47 -14.47 -27.20
C TYR C 171 30.97 -15.47 -26.16
N ILE C 172 30.28 -14.97 -25.15
CA ILE C 172 29.79 -15.82 -24.07
C ILE C 172 28.60 -16.64 -24.53
N GLY C 173 27.59 -15.99 -25.10
CA GLY C 173 26.40 -16.67 -25.54
C GLY C 173 25.27 -15.71 -25.85
N PRO C 174 24.07 -16.25 -26.06
CA PRO C 174 22.93 -15.42 -26.45
C PRO C 174 22.40 -14.59 -25.29
N ASN C 175 21.66 -13.54 -25.66
CA ASN C 175 21.05 -12.57 -24.75
C ASN C 175 21.91 -12.26 -23.53
N GLY C 176 21.38 -12.49 -22.33
CA GLY C 176 22.03 -12.07 -21.12
C GLY C 176 23.16 -12.93 -20.62
N ALA C 177 23.67 -13.86 -21.43
CA ALA C 177 24.74 -14.75 -20.96
C ALA C 177 26.00 -13.97 -20.61
N GLY C 178 26.28 -12.89 -21.33
CA GLY C 178 27.44 -12.09 -21.02
C GLY C 178 27.35 -11.44 -19.65
N HIS C 179 26.25 -10.72 -19.41
CA HIS C 179 26.07 -10.06 -18.12
C HIS C 179 25.86 -11.06 -16.99
N TYR C 180 25.46 -12.29 -17.30
CA TYR C 180 25.34 -13.30 -16.26
C TYR C 180 26.71 -13.71 -15.72
N VAL C 181 27.65 -14.04 -16.61
CA VAL C 181 28.95 -14.50 -16.15
C VAL C 181 29.71 -13.38 -15.48
N LYS C 182 29.42 -12.12 -15.81
CA LYS C 182 30.00 -11.01 -15.06
C LYS C 182 29.42 -10.94 -13.67
N MET C 183 28.15 -11.32 -13.51
CA MET C 183 27.54 -11.34 -12.18
C MET C 183 28.16 -12.45 -11.31
N VAL C 184 28.35 -13.63 -11.89
CA VAL C 184 29.04 -14.70 -11.18
C VAL C 184 30.50 -14.32 -10.93
N HIS C 185 31.11 -13.59 -11.88
CA HIS C 185 32.45 -13.06 -11.67
C HIS C 185 32.52 -12.24 -10.39
N ASN C 186 31.53 -11.36 -10.18
CA ASN C 186 31.52 -10.54 -8.97
C ASN C 186 31.22 -11.37 -7.73
N GLY C 187 30.43 -12.44 -7.86
CA GLY C 187 30.19 -13.31 -6.72
C GLY C 187 31.46 -13.99 -6.23
N ILE C 188 32.27 -14.48 -7.17
CA ILE C 188 33.57 -15.04 -6.80
C ILE C 188 34.45 -13.97 -6.19
N GLU C 189 34.37 -12.75 -6.71
CA GLU C 189 35.13 -11.64 -6.15
C GLU C 189 34.71 -11.33 -4.72
N TYR C 190 33.40 -11.45 -4.42
CA TYR C 190 32.92 -11.23 -3.07
C TYR C 190 33.55 -12.23 -2.09
N ALA C 191 33.55 -13.51 -2.46
CA ALA C 191 34.10 -14.53 -1.57
C ALA C 191 35.60 -14.36 -1.40
N ASP C 192 36.32 -14.06 -2.48
CA ASP C 192 37.77 -13.88 -2.38
C ASP C 192 38.11 -12.72 -1.45
N MET C 193 37.34 -11.63 -1.52
CA MET C 193 37.60 -10.50 -0.65
C MET C 193 37.25 -10.82 0.80
N GLN C 194 36.24 -11.66 1.02
CA GLN C 194 35.88 -12.05 2.38
C GLN C 194 36.89 -13.02 2.97
N LEU C 195 37.48 -13.90 2.15
CA LEU C 195 38.49 -14.81 2.64
C LEU C 195 39.79 -14.08 2.98
N ILE C 196 40.20 -13.14 2.12
CA ILE C 196 41.34 -12.30 2.43
C ILE C 196 41.08 -11.49 3.70
N ALA C 197 39.84 -11.03 3.87
CA ALA C 197 39.49 -10.26 5.05
C ALA C 197 39.59 -11.10 6.33
N GLU C 198 39.21 -12.38 6.24
CA GLU C 198 39.35 -13.25 7.40
C GLU C 198 40.81 -13.57 7.67
N SER C 199 41.61 -13.75 6.61
CA SER C 199 43.04 -13.88 6.78
C SER C 199 43.63 -12.67 7.49
N TYR C 200 43.20 -11.47 7.07
CA TYR C 200 43.64 -10.25 7.73
C TYR C 200 43.18 -10.20 9.17
N ALA C 201 41.92 -10.59 9.42
CA ALA C 201 41.40 -10.60 10.79
C ALA C 201 42.20 -11.55 11.67
N MET C 202 42.51 -12.74 11.16
CA MET C 202 43.30 -13.69 11.94
C MET C 202 44.71 -13.17 12.20
N MET C 203 45.33 -12.55 11.19
CA MET C 203 46.70 -12.08 11.35
C MET C 203 46.77 -10.95 12.38
N LYS C 204 45.77 -10.09 12.43
CA LYS C 204 45.80 -8.92 13.32
C LYS C 204 45.27 -9.28 14.70
N GLU C 205 43.98 -9.62 14.79
CA GLU C 205 43.32 -9.78 16.08
C GLU C 205 43.69 -11.08 16.79
N LEU C 206 44.40 -12.00 16.13
CA LEU C 206 44.84 -13.24 16.77
C LEU C 206 46.36 -13.35 16.85
N LEU C 207 47.07 -13.05 15.78
CA LEU C 207 48.52 -13.18 15.76
C LEU C 207 49.24 -11.90 16.17
N GLY C 208 48.52 -10.80 16.33
CA GLY C 208 49.13 -9.55 16.74
C GLY C 208 50.11 -8.98 15.74
N MET C 209 49.91 -9.24 14.46
CA MET C 209 50.85 -8.82 13.43
C MET C 209 50.71 -7.34 13.12
N SER C 210 51.85 -6.69 12.88
CA SER C 210 51.87 -5.28 12.50
C SER C 210 51.39 -5.10 11.06
N HIS C 211 51.07 -3.85 10.70
CA HIS C 211 50.61 -3.61 9.34
C HIS C 211 51.74 -3.72 8.31
N GLU C 212 53.01 -3.65 8.76
CA GLU C 212 54.11 -4.01 7.88
C GLU C 212 54.19 -5.52 7.69
N ASP C 213 54.08 -6.27 8.80
CA ASP C 213 54.06 -7.72 8.71
C ASP C 213 52.87 -8.21 7.88
N ILE C 214 51.71 -7.56 8.04
CA ILE C 214 50.56 -7.93 7.23
C ILE C 214 50.81 -7.66 5.76
N ALA C 215 51.38 -6.49 5.44
CA ALA C 215 51.63 -6.15 4.05
C ALA C 215 52.67 -7.07 3.41
N GLN C 216 53.72 -7.40 4.16
CA GLN C 216 54.79 -8.23 3.60
C GLN C 216 54.31 -9.67 3.35
N THR C 217 53.45 -10.18 4.24
CA THR C 217 52.97 -11.55 4.10
C THR C 217 52.17 -11.73 2.80
N PHE C 218 51.26 -10.80 2.53
CA PHE C 218 50.48 -10.87 1.29
C PHE C 218 51.38 -10.75 0.07
N LYS C 219 52.46 -9.98 0.17
CA LYS C 219 53.44 -9.94 -0.91
C LYS C 219 54.16 -11.28 -1.05
N ASP C 220 54.46 -11.93 0.08
CA ASP C 220 55.07 -13.26 0.02
C ASP C 220 54.09 -14.28 -0.55
N TRP C 221 52.82 -14.22 -0.14
CA TRP C 221 51.82 -15.13 -0.68
C TRP C 221 51.58 -14.89 -2.16
N ASN C 222 51.67 -13.63 -2.60
CA ASN C 222 51.46 -13.31 -4.01
C ASN C 222 52.54 -13.91 -4.89
N ALA C 223 53.74 -14.14 -4.34
CA ALA C 223 54.81 -14.74 -5.11
C ALA C 223 54.57 -16.23 -5.38
N GLY C 224 53.76 -16.88 -4.56
CA GLY C 224 53.51 -18.31 -4.67
C GLY C 224 52.28 -18.62 -5.50
N GLU C 225 51.62 -19.73 -5.13
CA GLU C 225 50.46 -20.19 -5.89
C GLU C 225 49.28 -19.22 -5.76
N LEU C 226 49.23 -18.45 -4.68
CA LEU C 226 48.13 -17.54 -4.44
C LEU C 226 48.23 -16.24 -5.24
N GLU C 227 49.04 -16.21 -6.30
CA GLU C 227 49.16 -15.00 -7.12
C GLU C 227 47.80 -14.58 -7.63
N SER C 228 47.39 -13.38 -7.25
CA SER C 228 46.07 -12.87 -7.56
C SER C 228 46.12 -11.35 -7.62
N TYR C 229 45.15 -10.76 -8.32
CA TYR C 229 45.05 -9.30 -8.32
C TYR C 229 44.63 -8.79 -6.94
N LEU C 230 43.63 -9.42 -6.33
CA LEU C 230 43.14 -8.98 -5.03
C LEU C 230 44.19 -9.15 -3.95
N ILE C 231 44.94 -10.26 -3.97
CA ILE C 231 46.00 -10.46 -3.01
C ILE C 231 47.14 -9.47 -3.26
N GLU C 232 47.43 -9.19 -4.53
CA GLU C 232 48.50 -8.27 -4.88
C GLU C 232 48.21 -6.87 -4.37
N ILE C 233 47.00 -6.36 -4.63
CA ILE C 233 46.65 -5.02 -4.17
C ILE C 233 46.52 -5.00 -2.66
N THR C 234 46.17 -6.12 -2.04
CA THR C 234 46.03 -6.17 -0.59
C THR C 234 47.34 -5.84 0.11
N GLY C 235 48.44 -6.41 -0.37
CA GLY C 235 49.75 -6.04 0.16
C GLY C 235 50.06 -4.58 -0.05
N ASP C 236 49.56 -3.98 -1.13
CA ASP C 236 49.74 -2.56 -1.36
C ASP C 236 48.94 -1.73 -0.37
N ILE C 237 47.73 -2.17 -0.03
CA ILE C 237 46.85 -1.39 0.83
C ILE C 237 47.47 -1.20 2.21
N PHE C 238 48.05 -2.26 2.76
CA PHE C 238 48.62 -2.18 4.11
C PHE C 238 49.91 -1.38 4.15
N MET C 239 50.52 -1.07 3.00
CA MET C 239 51.69 -0.22 2.96
C MET C 239 51.35 1.26 2.82
N LYS C 240 50.09 1.60 2.56
CA LYS C 240 49.69 2.99 2.40
C LYS C 240 49.37 3.59 3.77
N LEU C 241 50.07 4.65 4.13
CA LEU C 241 50.00 5.24 5.46
C LEU C 241 49.42 6.65 5.40
N ASP C 242 49.10 7.19 6.58
CA ASP C 242 48.40 8.46 6.70
C ASP C 242 49.34 9.55 7.22
N GLU C 243 48.76 10.64 7.73
CA GLU C 243 49.55 11.79 8.17
C GLU C 243 50.38 11.44 9.40
N ASN C 244 49.82 10.67 10.33
CA ASN C 244 50.53 10.23 11.52
C ASN C 244 51.35 8.97 11.28
N LYS C 245 51.68 8.67 10.03
CA LYS C 245 52.44 7.49 9.63
C LYS C 245 51.76 6.19 10.03
N GLU C 246 50.45 6.23 10.29
CA GLU C 246 49.68 5.05 10.65
C GLU C 246 49.00 4.47 9.41
N ALA C 247 48.67 3.18 9.50
CA ALA C 247 48.05 2.48 8.39
C ALA C 247 46.66 3.04 8.11
N LEU C 248 46.42 3.44 6.86
CA LEU C 248 45.14 4.05 6.50
C LEU C 248 44.00 3.03 6.53
N VAL C 249 44.31 1.76 6.27
CA VAL C 249 43.27 0.74 6.25
C VAL C 249 42.60 0.61 7.63
N GLU C 250 43.34 0.90 8.70
CA GLU C 250 42.79 0.83 10.05
C GLU C 250 41.91 2.00 10.41
N LYS C 251 41.73 2.97 9.52
CA LYS C 251 40.87 4.12 9.77
C LYS C 251 39.59 4.11 8.95
N ILE C 252 39.52 3.28 7.90
CA ILE C 252 38.30 3.22 7.10
C ILE C 252 37.19 2.56 7.89
N LEU C 253 35.99 3.14 7.79
CA LEU C 253 34.83 2.57 8.45
C LEU C 253 34.48 1.21 7.85
N ASP C 254 34.18 0.25 8.71
CA ASP C 254 33.98 -1.14 8.29
C ASP C 254 32.52 -1.41 7.95
N THR C 255 31.98 -0.61 7.04
CA THR C 255 30.64 -0.79 6.50
C THR C 255 30.79 -1.01 5.00
N ALA C 256 30.87 -2.28 4.60
CA ALA C 256 31.09 -2.63 3.20
C ALA C 256 29.85 -2.33 2.38
N GLY C 257 29.95 -1.33 1.50
CA GLY C 257 28.90 -1.10 0.55
C GLY C 257 28.84 -2.18 -0.52
N GLN C 258 27.72 -2.23 -1.22
CA GLN C 258 27.52 -3.23 -2.25
C GLN C 258 26.50 -2.72 -3.25
N LYS C 259 26.60 -3.23 -4.47
CA LYS C 259 25.55 -3.08 -5.47
C LYS C 259 24.99 -4.45 -5.81
N GLY C 260 23.97 -4.46 -6.66
CA GLY C 260 23.13 -5.64 -6.82
C GLY C 260 23.85 -6.92 -7.15
N THR C 261 25.05 -6.82 -7.75
CA THR C 261 25.68 -8.01 -8.31
C THR C 261 25.90 -9.09 -7.26
N GLY C 262 26.21 -8.69 -6.03
CA GLY C 262 26.44 -9.66 -4.97
C GLY C 262 25.23 -10.51 -4.67
N LYS C 263 24.13 -9.87 -4.25
CA LYS C 263 22.93 -10.61 -3.89
C LYS C 263 22.30 -11.30 -5.09
N TRP C 264 22.50 -10.74 -6.30
CA TRP C 264 21.92 -11.36 -7.49
C TRP C 264 22.51 -12.75 -7.74
N THR C 265 23.82 -12.92 -7.52
CA THR C 265 24.44 -14.23 -7.69
C THR C 265 23.85 -15.24 -6.72
N SER C 266 23.70 -14.85 -5.45
CA SER C 266 23.14 -15.76 -4.47
C SER C 266 21.67 -16.04 -4.73
N ILE C 267 20.92 -15.02 -5.16
CA ILE C 267 19.52 -15.22 -5.53
C ILE C 267 19.42 -16.19 -6.70
N ASN C 268 20.33 -16.04 -7.68
CA ASN C 268 20.32 -16.90 -8.85
C ASN C 268 20.62 -18.34 -8.46
N ALA C 269 21.59 -18.55 -7.58
CA ALA C 269 21.96 -19.91 -7.20
C ALA C 269 20.82 -20.60 -6.47
N LEU C 270 20.08 -19.85 -5.65
CA LEU C 270 18.93 -20.42 -4.95
C LEU C 270 17.86 -20.86 -5.93
N GLU C 271 17.56 -20.03 -6.93
CA GLU C 271 16.61 -20.41 -7.96
C GLU C 271 17.10 -21.66 -8.70
N LEU C 272 18.39 -21.69 -9.05
CA LEU C 272 18.94 -22.82 -9.77
C LEU C 272 19.13 -24.07 -8.91
N GLY C 273 19.02 -23.94 -7.58
CA GLY C 273 19.31 -25.07 -6.72
C GLY C 273 20.79 -25.40 -6.64
N ILE C 274 21.64 -24.40 -6.74
CA ILE C 274 23.09 -24.59 -6.68
C ILE C 274 23.57 -24.23 -5.27
N PRO C 275 24.36 -25.08 -4.61
CA PRO C 275 24.88 -24.73 -3.29
C PRO C 275 26.00 -23.70 -3.34
N LEU C 276 25.66 -22.43 -3.23
CA LEU C 276 26.65 -21.35 -3.29
C LEU C 276 26.93 -20.80 -1.89
N THR C 277 27.41 -21.69 -1.01
CA THR C 277 27.50 -21.36 0.40
C THR C 277 28.51 -20.25 0.67
N ILE C 278 29.70 -20.35 0.07
CA ILE C 278 30.78 -19.44 0.43
C ILE C 278 30.48 -18.03 -0.09
N ILE C 279 30.09 -17.92 -1.36
CA ILE C 279 29.76 -16.62 -1.94
C ILE C 279 28.61 -15.97 -1.19
N THR C 280 27.60 -16.78 -0.82
CA THR C 280 26.44 -16.23 -0.14
C THR C 280 26.79 -15.76 1.27
N GLU C 281 27.60 -16.52 2.01
CA GLU C 281 28.06 -16.06 3.31
C GLU C 281 28.82 -14.75 3.18
N SER C 282 29.57 -14.57 2.09
CA SER C 282 30.28 -13.30 1.88
C SER C 282 29.29 -12.17 1.60
N VAL C 283 28.18 -12.46 0.92
CA VAL C 283 27.15 -11.44 0.72
C VAL C 283 26.50 -11.07 2.05
N PHE C 284 26.22 -12.08 2.88
CA PHE C 284 25.64 -11.82 4.20
C PHE C 284 26.62 -11.07 5.10
N ALA C 285 27.92 -11.36 4.97
CA ALA C 285 28.91 -10.67 5.79
C ALA C 285 28.96 -9.18 5.47
N ARG C 286 28.69 -8.81 4.22
CA ARG C 286 28.59 -7.39 3.89
C ARG C 286 27.37 -6.75 4.53
N PHE C 287 26.26 -7.49 4.61
CA PHE C 287 25.09 -7.01 5.33
C PHE C 287 25.42 -6.73 6.79
N ILE C 288 26.07 -7.69 7.46
CA ILE C 288 26.37 -7.55 8.88
C ILE C 288 27.31 -6.37 9.11
N SER C 289 28.27 -6.17 8.21
CA SER C 289 29.19 -5.05 8.36
C SER C 289 28.48 -3.71 8.22
N SER C 290 27.41 -3.65 7.41
CA SER C 290 26.74 -2.39 7.16
C SER C 290 26.05 -1.85 8.40
N ILE C 291 25.67 -2.72 9.33
CA ILE C 291 24.96 -2.28 10.53
C ILE C 291 25.96 -2.03 11.65
N LYS C 292 26.83 -1.04 11.46
CA LYS C 292 27.92 -0.78 12.40
C LYS C 292 27.39 -0.37 13.77
N GLU C 293 26.36 0.47 13.80
CA GLU C 293 25.87 1.03 15.06
C GLU C 293 25.24 -0.05 15.96
N GLU C 294 24.47 -0.98 15.41
CA GLU C 294 23.95 -2.08 16.22
C GLU C 294 25.08 -2.99 16.69
N ARG C 295 26.08 -3.19 15.84
CA ARG C 295 27.22 -4.01 16.23
C ARG C 295 27.97 -3.38 17.41
N VAL C 296 28.06 -2.05 17.42
CA VAL C 296 28.74 -1.37 18.52
C VAL C 296 27.99 -1.60 19.82
N ASN C 297 26.66 -1.57 19.78
CA ASN C 297 25.88 -1.83 20.98
C ASN C 297 25.97 -3.30 21.37
N ALA C 298 25.92 -4.21 20.40
CA ALA C 298 25.97 -5.64 20.71
C ALA C 298 27.30 -6.02 21.35
N SER C 299 28.39 -5.37 20.96
CA SER C 299 29.70 -5.65 21.55
C SER C 299 29.70 -5.42 23.05
N LYS C 300 28.87 -4.49 23.53
CA LYS C 300 28.81 -4.18 24.95
C LYS C 300 27.87 -5.11 25.72
N GLU C 301 27.10 -5.95 25.03
CA GLU C 301 26.13 -6.82 25.68
C GLU C 301 26.41 -8.31 25.49
N LEU C 302 27.00 -8.70 24.37
CA LEU C 302 27.33 -10.10 24.10
C LEU C 302 28.85 -10.24 24.15
N ASN C 303 29.35 -10.75 25.26
CA ASN C 303 30.79 -10.95 25.42
C ASN C 303 31.26 -12.13 24.57
N GLY C 304 32.55 -12.43 24.68
CA GLY C 304 33.14 -13.54 23.97
C GLY C 304 34.50 -13.89 24.53
N PRO C 305 35.15 -14.89 23.94
CA PRO C 305 36.51 -15.21 24.36
C PRO C 305 37.48 -14.14 23.92
N LYS C 306 38.55 -13.97 24.69
CA LYS C 306 39.62 -13.07 24.32
C LYS C 306 40.64 -13.83 23.49
N ALA C 307 40.94 -13.30 22.30
CA ALA C 307 41.82 -13.99 21.37
C ALA C 307 43.24 -14.08 21.93
N SER C 308 43.85 -15.24 21.77
CA SER C 308 45.23 -15.47 22.21
C SER C 308 45.79 -16.72 21.52
N PHE C 309 47.01 -16.62 21.01
CA PHE C 309 47.66 -17.75 20.34
C PHE C 309 49.00 -18.02 21.00
N ASP C 310 49.27 -19.30 21.29
CA ASP C 310 50.50 -19.69 21.95
C ASP C 310 51.41 -20.54 21.10
N GLY C 311 50.93 -21.09 19.98
CA GLY C 311 51.76 -21.87 19.10
C GLY C 311 52.68 -21.00 18.26
N ASP C 312 53.39 -21.66 17.35
CA ASP C 312 54.27 -20.96 16.43
C ASP C 312 53.45 -20.09 15.48
N LYS C 313 53.79 -18.81 15.43
CA LYS C 313 53.05 -17.87 14.58
C LYS C 313 53.37 -18.09 13.10
N LYS C 314 54.64 -18.32 12.78
CA LYS C 314 55.03 -18.55 11.40
C LYS C 314 54.39 -19.81 10.83
N ASP C 315 54.29 -20.89 11.62
CA ASP C 315 53.69 -22.12 11.11
C ASP C 315 52.18 -21.97 10.96
N PHE C 316 51.53 -21.30 11.92
CA PHE C 316 50.10 -21.07 11.81
C PHE C 316 49.78 -20.10 10.68
N LEU C 317 50.64 -19.11 10.46
CA LEU C 317 50.42 -18.19 9.34
C LEU C 317 50.46 -18.94 8.02
N GLU C 318 51.34 -19.95 7.92
CA GLU C 318 51.35 -20.81 6.74
C GLU C 318 50.06 -21.63 6.65
N LYS C 319 49.50 -22.02 7.80
CA LYS C 319 48.20 -22.68 7.78
C LYS C 319 47.12 -21.76 7.24
N ILE C 320 47.18 -20.47 7.61
CA ILE C 320 46.22 -19.51 7.08
C ILE C 320 46.36 -19.40 5.57
N ARG C 321 47.60 -19.42 5.07
CA ARG C 321 47.83 -19.37 3.63
C ARG C 321 47.21 -20.58 2.94
N LYS C 322 47.38 -21.77 3.52
CA LYS C 322 46.79 -22.97 2.94
C LYS C 322 45.27 -22.91 2.97
N ALA C 323 44.71 -22.41 4.08
CA ALA C 323 43.26 -22.30 4.18
C ALA C 323 42.70 -21.31 3.16
N LEU C 324 43.40 -20.20 2.92
CA LEU C 324 42.94 -19.21 1.96
C LEU C 324 42.96 -19.77 0.54
N TYR C 325 43.98 -20.57 0.21
CA TYR C 325 44.07 -21.13 -1.13
C TYR C 325 43.02 -22.20 -1.37
N MET C 326 42.81 -23.09 -0.40
CA MET C 326 41.77 -24.10 -0.54
C MET C 326 40.38 -23.46 -0.58
N SER C 327 40.16 -22.43 0.24
CA SER C 327 38.86 -21.76 0.25
C SER C 327 38.58 -21.10 -1.10
N LYS C 328 39.61 -20.57 -1.77
CA LYS C 328 39.41 -20.04 -3.12
C LYS C 328 38.98 -21.14 -4.08
N ILE C 329 39.65 -22.30 -4.01
CA ILE C 329 39.30 -23.41 -4.90
C ILE C 329 37.84 -23.81 -4.69
N CYS C 330 37.41 -23.91 -3.43
CA CYS C 330 36.02 -24.24 -3.15
C CYS C 330 35.09 -23.15 -3.66
N SER C 331 35.47 -21.88 -3.49
CA SER C 331 34.63 -20.77 -3.93
C SER C 331 34.49 -20.76 -5.45
N TYR C 332 35.60 -20.94 -6.17
CA TYR C 332 35.54 -21.01 -7.62
C TYR C 332 34.74 -22.22 -8.08
N ALA C 333 34.87 -23.35 -7.38
CA ALA C 333 34.13 -24.55 -7.77
C ALA C 333 32.63 -24.34 -7.67
N GLN C 334 32.17 -23.68 -6.59
CA GLN C 334 30.76 -23.33 -6.48
C GLN C 334 30.35 -22.38 -7.60
N GLY C 335 31.21 -21.43 -7.95
CA GLY C 335 30.87 -20.49 -8.99
C GLY C 335 30.78 -21.14 -10.36
N PHE C 336 31.71 -22.04 -10.67
CA PHE C 336 31.69 -22.70 -11.98
C PHE C 336 30.58 -23.74 -12.07
N ALA C 337 30.24 -24.39 -10.96
CA ALA C 337 29.06 -25.26 -10.96
C ALA C 337 27.80 -24.44 -11.20
N GLN C 338 27.77 -23.21 -10.68
CA GLN C 338 26.63 -22.33 -10.91
C GLN C 338 26.50 -21.99 -12.39
N MET C 339 27.61 -21.64 -13.04
CA MET C 339 27.55 -21.29 -14.46
C MET C 339 27.15 -22.48 -15.32
N ARG C 340 27.66 -23.67 -14.98
CA ARG C 340 27.26 -24.86 -15.72
C ARG C 340 25.76 -25.09 -15.65
N LYS C 341 25.17 -24.92 -14.47
CA LYS C 341 23.73 -25.11 -14.31
C LYS C 341 22.96 -24.06 -15.08
N ALA C 342 23.36 -22.79 -14.98
CA ALA C 342 22.67 -21.73 -15.69
C ALA C 342 22.78 -21.93 -17.20
N SER C 343 23.94 -22.36 -17.68
CA SER C 343 24.09 -22.66 -19.10
C SER C 343 23.08 -23.71 -19.55
N GLU C 344 22.86 -24.74 -18.72
CA GLU C 344 21.90 -25.78 -19.07
C GLU C 344 20.47 -25.25 -19.02
N ASP C 345 20.14 -24.44 -18.02
CA ASP C 345 18.76 -23.98 -17.86
C ASP C 345 18.41 -22.91 -18.89
N ASN C 346 19.35 -22.01 -19.18
CA ASN C 346 19.14 -20.96 -20.17
C ASN C 346 19.51 -21.38 -21.58
N GLU C 347 20.03 -22.59 -21.76
CA GLU C 347 20.46 -23.11 -23.06
C GLU C 347 21.46 -22.15 -23.72
N TRP C 348 22.48 -21.77 -22.95
CA TRP C 348 23.49 -20.82 -23.43
C TRP C 348 24.70 -21.50 -24.04
N ASN C 349 24.90 -22.80 -23.81
CA ASN C 349 26.05 -23.53 -24.34
C ASN C 349 27.36 -22.88 -23.92
N LEU C 350 27.45 -22.49 -22.66
CA LEU C 350 28.64 -21.81 -22.16
C LEU C 350 29.87 -22.70 -22.26
N LYS C 351 31.01 -22.09 -22.60
CA LYS C 351 32.29 -22.77 -22.69
C LYS C 351 33.10 -22.34 -21.46
N LEU C 352 32.95 -23.10 -20.38
CA LEU C 352 33.51 -22.70 -19.09
C LEU C 352 35.03 -22.60 -19.13
N GLY C 353 35.69 -23.47 -19.89
CA GLY C 353 37.14 -23.37 -20.03
C GLY C 353 37.56 -22.09 -20.70
N ASP C 354 36.80 -21.66 -21.72
CA ASP C 354 37.06 -20.39 -22.38
C ASP C 354 36.65 -19.19 -21.52
N LEU C 355 35.95 -19.42 -20.41
CA LEU C 355 35.68 -18.31 -19.50
C LEU C 355 36.88 -18.03 -18.61
N ALA C 356 37.53 -19.07 -18.12
CA ALA C 356 38.71 -18.87 -17.28
C ALA C 356 39.86 -18.24 -18.07
N MET C 357 39.97 -18.51 -19.37
CA MET C 357 41.08 -17.95 -20.13
C MET C 357 40.99 -16.44 -20.23
N ILE C 358 39.77 -15.91 -20.41
CA ILE C 358 39.58 -14.46 -20.51
C ILE C 358 39.58 -13.78 -19.15
N TRP C 359 39.67 -14.54 -18.07
CA TRP C 359 39.85 -13.99 -16.74
C TRP C 359 41.31 -14.05 -16.28
N ARG C 360 42.24 -14.34 -17.18
CA ARG C 360 43.65 -14.39 -16.81
C ARG C 360 44.28 -13.02 -16.70
N GLU C 361 43.73 -12.02 -17.38
CA GLU C 361 44.20 -10.65 -17.30
C GLU C 361 43.02 -9.71 -17.39
N GLY C 362 43.22 -8.49 -16.87
CA GLY C 362 42.22 -7.46 -17.02
C GLY C 362 40.92 -7.65 -16.27
N CYS C 363 40.87 -8.53 -15.29
CA CYS C 363 39.70 -8.65 -14.43
C CYS C 363 40.10 -8.48 -12.97
N ILE C 364 39.10 -8.37 -12.10
CA ILE C 364 39.39 -8.16 -10.69
C ILE C 364 39.77 -9.47 -10.01
N ILE C 365 39.20 -10.59 -10.46
CA ILE C 365 39.62 -11.89 -9.96
C ILE C 365 40.79 -12.40 -10.78
N ARG C 366 41.51 -11.48 -11.43
CA ARG C 366 42.71 -11.85 -12.16
C ARG C 366 43.70 -12.55 -11.24
N ALA C 367 44.18 -13.70 -11.68
CA ALA C 367 45.05 -14.51 -10.84
C ALA C 367 45.75 -15.55 -11.71
N GLN C 368 46.92 -15.98 -11.25
CA GLN C 368 47.50 -17.22 -11.76
C GLN C 368 46.53 -18.38 -11.59
N PHE C 369 45.58 -18.25 -10.68
CA PHE C 369 44.55 -19.22 -10.39
C PHE C 369 43.58 -19.45 -11.55
N LEU C 370 43.73 -18.77 -12.68
CA LEU C 370 42.78 -18.92 -13.78
C LEU C 370 43.24 -19.90 -14.84
N GLN C 371 44.54 -19.97 -15.11
CA GLN C 371 45.04 -20.99 -16.02
C GLN C 371 44.70 -22.40 -15.54
N LYS C 372 44.56 -22.58 -14.22
CA LYS C 372 44.30 -23.89 -13.67
C LYS C 372 42.96 -24.45 -14.16
N ILE C 373 41.88 -23.67 -13.97
CA ILE C 373 40.55 -24.12 -14.39
C ILE C 373 40.49 -24.26 -15.91
N LYS C 374 41.15 -23.34 -16.62
CA LYS C 374 41.24 -23.44 -18.07
C LYS C 374 41.78 -24.80 -18.50
N ASP C 375 42.89 -25.22 -17.91
CA ASP C 375 43.41 -26.55 -18.19
C ASP C 375 42.46 -27.63 -17.70
N ALA C 376 41.85 -27.42 -16.52
CA ALA C 376 40.97 -28.44 -15.95
C ALA C 376 39.79 -28.75 -16.87
N TYR C 377 39.19 -27.71 -17.46
CA TYR C 377 38.06 -27.95 -18.36
C TYR C 377 38.53 -28.35 -19.75
N ASP C 378 39.63 -27.77 -20.23
CA ASP C 378 40.22 -28.25 -21.48
C ASP C 378 40.58 -29.73 -21.36
N ASN C 379 41.11 -30.12 -20.20
CA ASN C 379 41.41 -31.54 -19.95
C ASN C 379 40.15 -32.39 -19.94
N ASN C 380 39.02 -31.83 -19.49
CA ASN C 380 37.77 -32.56 -19.43
C ASN C 380 36.60 -31.59 -19.37
N PRO C 381 35.90 -31.37 -20.48
CA PRO C 381 34.76 -30.43 -20.46
C PRO C 381 33.59 -30.92 -19.62
N GLY C 382 33.41 -32.23 -19.47
CA GLY C 382 32.30 -32.76 -18.70
C GLY C 382 32.44 -32.65 -17.20
N LEU C 383 33.48 -31.98 -16.71
CA LEU C 383 33.78 -31.92 -15.28
C LEU C 383 32.56 -31.46 -14.48
N GLN C 384 32.20 -32.24 -13.47
CA GLN C 384 31.05 -31.95 -12.63
C GLN C 384 31.35 -30.98 -11.49
N ASN C 385 32.61 -30.91 -11.05
CA ASN C 385 33.03 -30.03 -9.98
C ASN C 385 34.53 -29.89 -10.05
N LEU C 386 35.04 -28.69 -9.76
CA LEU C 386 36.47 -28.44 -9.90
C LEU C 386 37.28 -29.21 -8.87
N LEU C 387 36.71 -29.48 -7.70
CA LEU C 387 37.43 -30.24 -6.67
C LEU C 387 37.83 -31.63 -7.14
N LEU C 388 37.17 -32.16 -8.17
CA LEU C 388 37.48 -33.48 -8.68
C LEU C 388 38.61 -33.47 -9.71
N ASP C 389 38.99 -32.30 -10.21
CA ASP C 389 40.12 -32.24 -11.13
C ASP C 389 41.40 -32.64 -10.41
N PRO C 390 42.27 -33.44 -11.04
CA PRO C 390 43.45 -33.96 -10.33
C PRO C 390 44.34 -32.89 -9.73
N TYR C 391 44.48 -31.74 -10.39
CA TYR C 391 45.28 -30.66 -9.83
C TYR C 391 44.65 -30.11 -8.56
N PHE C 392 43.36 -29.73 -8.64
CA PHE C 392 42.68 -29.18 -7.47
C PHE C 392 42.43 -30.24 -6.42
N LYS C 393 42.24 -31.50 -6.82
CA LYS C 393 42.03 -32.57 -5.85
C LYS C 393 43.26 -32.74 -4.96
N ASN C 394 44.44 -32.72 -5.55
CA ASN C 394 45.66 -32.89 -4.76
C ASN C 394 45.88 -31.74 -3.79
N ILE C 395 45.35 -30.56 -4.10
CA ILE C 395 45.54 -29.41 -3.22
C ILE C 395 44.60 -29.49 -2.02
N VAL C 396 43.30 -29.63 -2.26
CA VAL C 396 42.34 -29.63 -1.16
C VAL C 396 42.50 -30.83 -0.26
N THR C 397 43.07 -31.93 -0.75
CA THR C 397 43.20 -33.12 0.08
C THR C 397 44.30 -32.96 1.12
N GLU C 398 45.37 -32.26 0.79
CA GLU C 398 46.44 -32.03 1.77
C GLU C 398 46.31 -30.71 2.49
N TYR C 399 45.62 -29.73 1.91
CA TYR C 399 45.42 -28.45 2.58
C TYR C 399 44.25 -28.47 3.55
N GLN C 400 43.42 -29.51 3.53
CA GLN C 400 42.28 -29.58 4.44
C GLN C 400 42.71 -29.61 5.89
N ASP C 401 43.93 -30.08 6.17
CA ASP C 401 44.43 -30.10 7.54
C ASP C 401 44.59 -28.69 8.10
N ALA C 402 45.09 -27.77 7.28
CA ALA C 402 45.30 -26.39 7.73
C ALA C 402 43.99 -25.63 7.83
N LEU C 403 43.09 -25.80 6.86
CA LEU C 403 41.81 -25.11 6.91
C LEU C 403 41.02 -25.51 8.15
N ARG C 404 41.11 -26.78 8.54
CA ARG C 404 40.42 -27.23 9.75
C ARG C 404 40.98 -26.55 10.99
N ASP C 405 42.31 -26.46 11.08
CA ASP C 405 42.92 -25.82 12.25
C ASP C 405 42.63 -24.32 12.27
N VAL C 406 42.61 -23.68 11.10
CA VAL C 406 42.34 -22.25 11.04
C VAL C 406 40.91 -21.96 11.46
N VAL C 407 39.95 -22.76 11.00
CA VAL C 407 38.56 -22.59 11.39
C VAL C 407 38.39 -22.84 12.87
N ALA C 408 38.88 -23.98 13.35
CA ALA C 408 38.74 -24.34 14.76
C ALA C 408 39.38 -23.29 15.67
N THR C 409 40.57 -22.81 15.30
CA THR C 409 41.23 -21.78 16.10
C THR C 409 40.44 -20.48 16.09
N GLY C 410 39.96 -20.07 14.91
CA GLY C 410 39.19 -18.84 14.82
C GLY C 410 37.90 -18.91 15.61
N VAL C 411 37.25 -20.08 15.61
CA VAL C 411 36.01 -20.23 16.35
C VAL C 411 36.26 -20.17 17.85
N GLN C 412 37.34 -20.81 18.31
CA GLN C 412 37.63 -20.84 19.74
C GLN C 412 38.09 -19.48 20.27
N ASN C 413 38.57 -18.60 19.39
CA ASN C 413 39.00 -17.26 19.80
C ASN C 413 38.01 -16.18 19.40
N GLY C 414 36.84 -16.56 18.90
CA GLY C 414 35.79 -15.61 18.63
C GLY C 414 36.00 -14.71 17.43
N VAL C 415 36.96 -15.02 16.56
CA VAL C 415 37.17 -14.28 15.32
C VAL C 415 36.27 -14.91 14.25
N PRO C 416 35.27 -14.20 13.75
CA PRO C 416 34.30 -14.85 12.84
C PRO C 416 34.96 -15.25 11.53
N THR C 417 34.67 -16.48 11.10
CA THR C 417 35.21 -17.04 9.85
C THR C 417 34.07 -17.63 9.03
N PRO C 418 33.15 -16.79 8.53
CA PRO C 418 32.05 -17.34 7.71
C PRO C 418 32.52 -17.96 6.42
N GLY C 419 33.50 -17.35 5.74
CA GLY C 419 33.99 -17.91 4.50
C GLY C 419 34.78 -19.19 4.72
N PHE C 420 35.71 -19.17 5.68
CA PHE C 420 36.52 -20.35 5.96
C PHE C 420 35.64 -21.52 6.40
N SER C 421 34.70 -21.26 7.30
CA SER C 421 33.88 -22.35 7.86
C SER C 421 32.97 -22.98 6.81
N SER C 422 32.32 -22.15 5.98
CA SER C 422 31.47 -22.71 4.94
C SER C 422 32.28 -23.47 3.90
N SER C 423 33.52 -23.06 3.67
CA SER C 423 34.38 -23.78 2.74
C SER C 423 34.66 -25.20 3.22
N ILE C 424 35.18 -25.34 4.44
CA ILE C 424 35.45 -26.68 4.97
C ILE C 424 34.15 -27.46 5.12
N ASN C 425 33.04 -26.77 5.43
CA ASN C 425 31.75 -27.42 5.46
C ASN C 425 31.36 -27.92 4.07
N TYR C 426 31.65 -27.13 3.04
CA TYR C 426 31.34 -27.54 1.67
C TYR C 426 32.17 -28.76 1.26
N TYR C 427 33.45 -28.77 1.61
CA TYR C 427 34.29 -29.93 1.31
C TYR C 427 33.73 -31.18 1.99
N ASP C 428 33.41 -31.08 3.28
CA ASP C 428 32.97 -32.26 4.03
C ASP C 428 31.58 -32.72 3.61
N SER C 429 30.73 -31.80 3.15
CA SER C 429 29.39 -32.19 2.69
C SER C 429 29.43 -32.77 1.28
N TYR C 430 30.20 -32.16 0.39
CA TYR C 430 30.26 -32.65 -0.98
C TYR C 430 30.88 -34.05 -1.06
N ARG C 431 31.81 -34.36 -0.16
CA ARG C 431 32.46 -35.67 -0.14
C ARG C 431 31.74 -36.69 0.73
N ALA C 432 30.71 -36.29 1.46
CA ALA C 432 30.01 -37.20 2.36
C ALA C 432 29.08 -38.09 1.54
N ALA C 433 29.41 -39.38 1.45
CA ALA C 433 28.53 -40.32 0.77
C ALA C 433 27.19 -40.45 1.49
N ASP C 434 27.20 -40.36 2.82
CA ASP C 434 25.99 -40.43 3.63
C ASP C 434 25.88 -39.16 4.47
N LEU C 435 24.74 -38.51 4.41
CA LEU C 435 24.47 -37.28 5.14
C LEU C 435 23.21 -37.44 5.98
N PRO C 436 23.02 -36.59 7.00
CA PRO C 436 21.84 -36.73 7.86
C PRO C 436 20.52 -36.32 7.20
N ALA C 437 20.51 -36.21 5.87
CA ALA C 437 19.27 -35.91 5.17
C ALA C 437 18.25 -37.04 5.27
N ASN C 438 18.70 -38.25 5.61
CA ASN C 438 17.76 -39.33 5.88
C ASN C 438 16.82 -38.98 7.02
N LEU C 439 17.34 -38.32 8.05
CA LEU C 439 16.49 -37.88 9.16
C LEU C 439 15.50 -36.82 8.70
N ILE C 440 15.97 -35.84 7.93
CA ILE C 440 15.08 -34.79 7.41
C ILE C 440 13.95 -35.41 6.60
N GLN C 441 14.28 -36.39 5.76
CA GLN C 441 13.24 -37.09 5.00
C GLN C 441 12.26 -37.79 5.93
N ALA C 442 12.78 -38.46 6.97
CA ALA C 442 11.89 -39.13 7.92
C ALA C 442 10.99 -38.13 8.62
N GLN C 443 11.50 -36.93 8.89
CA GLN C 443 10.68 -35.92 9.56
C GLN C 443 9.60 -35.37 8.62
N ARG C 444 9.96 -35.13 7.36
CA ARG C 444 8.98 -34.64 6.39
C ARG C 444 7.86 -35.65 6.17
N ASP C 445 8.20 -36.94 6.10
CA ASP C 445 7.18 -37.97 5.99
C ASP C 445 6.38 -38.12 7.28
N TYR C 446 6.93 -37.68 8.41
CA TYR C 446 6.20 -37.77 9.67
C TYR C 446 5.04 -36.78 9.71
N PHE C 447 5.32 -35.50 9.45
CA PHE C 447 4.30 -34.48 9.59
C PHE C 447 3.65 -34.08 8.27
N GLY C 448 4.19 -34.50 7.13
CA GLY C 448 3.68 -34.05 5.86
C GLY C 448 3.28 -35.15 4.90
N ALA C 449 3.61 -36.41 5.25
CA ALA C 449 3.37 -37.56 4.37
C ALA C 449 3.98 -37.35 2.99
N HIS C 450 5.13 -36.67 2.93
CA HIS C 450 5.80 -36.37 1.68
C HIS C 450 6.46 -37.59 1.04
N THR C 451 6.40 -38.75 1.71
CA THR C 451 7.00 -39.99 1.24
C THR C 451 8.52 -39.86 1.10
N TYR C 452 9.19 -40.97 0.80
CA TYR C 452 10.64 -40.95 0.71
C TYR C 452 11.10 -42.13 -0.14
N GLU C 453 12.39 -42.14 -0.44
CA GLU C 453 13.06 -43.27 -1.08
C GLU C 453 14.04 -43.90 -0.11
N ARG C 454 14.52 -45.08 -0.45
CA ARG C 454 15.40 -45.85 0.41
C ARG C 454 16.76 -46.05 -0.24
N LYS C 455 17.68 -46.61 0.53
CA LYS C 455 19.04 -46.89 0.05
C LYS C 455 19.20 -48.32 -0.46
N ASP C 456 18.32 -49.24 -0.05
CA ASP C 456 18.41 -50.64 -0.43
C ASP C 456 17.36 -51.06 -1.45
N LYS C 457 16.11 -50.65 -1.28
CA LYS C 457 15.03 -50.96 -2.20
C LYS C 457 14.65 -49.71 -3.00
N GLU C 458 14.03 -49.93 -4.15
CA GLU C 458 13.61 -48.84 -5.03
C GLU C 458 12.10 -48.71 -5.04
N GLY C 459 11.65 -47.53 -5.42
CA GLY C 459 10.28 -47.10 -5.21
C GLY C 459 10.19 -46.00 -4.17
N VAL C 460 8.97 -45.50 -3.98
CA VAL C 460 8.72 -44.44 -3.01
C VAL C 460 7.82 -45.02 -1.91
N PHE C 461 8.13 -44.67 -0.66
CA PHE C 461 7.56 -45.30 0.51
C PHE C 461 7.06 -44.24 1.47
N HIS C 462 5.98 -44.56 2.18
CA HIS C 462 5.43 -43.67 3.20
C HIS C 462 5.15 -44.50 4.44
N THR C 463 5.57 -44.00 5.59
CA THR C 463 5.54 -44.76 6.84
C THR C 463 4.62 -44.08 7.84
N GLN C 464 3.84 -44.88 8.56
CA GLN C 464 3.11 -44.41 9.74
C GLN C 464 4.03 -44.63 10.94
N TRP C 465 4.82 -43.61 11.27
CA TRP C 465 5.90 -43.77 12.24
C TRP C 465 5.37 -44.03 13.64
N ILE C 466 4.21 -43.48 13.99
CA ILE C 466 3.63 -43.68 15.30
C ILE C 466 3.00 -45.07 15.40
N GLN D 4 -23.57 -21.31 6.19
CA GLN D 4 -22.59 -20.78 7.13
C GLN D 4 -21.24 -20.52 6.45
N ILE D 5 -20.63 -21.56 5.90
CA ILE D 5 -19.36 -21.43 5.19
C ILE D 5 -19.21 -22.58 4.20
N GLY D 6 -18.11 -22.60 3.45
CA GLY D 6 -17.92 -23.62 2.44
C GLY D 6 -16.46 -23.81 2.09
N VAL D 7 -16.16 -24.98 1.51
CA VAL D 7 -14.82 -25.38 1.14
C VAL D 7 -14.81 -25.80 -0.32
N ILE D 8 -13.69 -25.53 -1.00
CA ILE D 8 -13.48 -25.96 -2.39
C ILE D 8 -12.05 -26.49 -2.51
N GLY D 9 -11.92 -27.61 -3.20
CA GLY D 9 -10.62 -28.25 -3.35
C GLY D 9 -10.32 -29.19 -2.22
N LEU D 10 -10.84 -30.42 -2.33
CA LEU D 10 -10.70 -31.43 -1.28
C LEU D 10 -9.54 -32.35 -1.65
N ALA D 11 -8.37 -32.05 -1.12
CA ALA D 11 -7.34 -33.06 -0.97
C ALA D 11 -7.52 -33.67 0.42
N VAL D 12 -6.45 -34.21 1.00
CA VAL D 12 -6.55 -34.60 2.40
C VAL D 12 -6.58 -33.36 3.28
N MET D 13 -5.94 -32.27 2.84
CA MET D 13 -5.97 -31.02 3.60
C MET D 13 -7.27 -30.25 3.39
N GLY D 14 -7.94 -30.48 2.26
CA GLY D 14 -9.13 -29.69 1.95
C GLY D 14 -10.27 -29.91 2.93
N LYS D 15 -10.65 -31.18 3.14
CA LYS D 15 -11.77 -31.53 3.99
C LYS D 15 -11.38 -31.82 5.43
N ASN D 16 -10.14 -32.25 5.68
CA ASN D 16 -9.70 -32.37 7.07
C ASN D 16 -9.92 -31.05 7.80
N LEU D 17 -9.74 -29.94 7.08
CA LEU D 17 -10.20 -28.65 7.58
C LEU D 17 -11.72 -28.64 7.70
N ALA D 18 -12.42 -28.88 6.58
CA ALA D 18 -13.88 -28.80 6.56
C ALA D 18 -14.53 -29.55 7.72
N TRP D 19 -14.03 -30.75 8.02
CA TRP D 19 -14.55 -31.50 9.18
C TRP D 19 -14.25 -30.76 10.48
N ASN D 20 -13.09 -30.11 10.56
CA ASN D 20 -12.71 -29.40 11.79
C ASN D 20 -13.68 -28.28 12.12
N ILE D 21 -14.11 -27.53 11.10
CA ILE D 21 -15.07 -26.45 11.32
C ILE D 21 -16.43 -27.00 11.74
N GLU D 22 -16.90 -28.03 11.06
CA GLU D 22 -18.16 -28.68 11.42
C GLU D 22 -18.14 -29.25 12.84
N SER D 23 -17.00 -29.79 13.30
CA SER D 23 -16.92 -30.30 14.67
C SER D 23 -17.09 -29.19 15.71
N ARG D 24 -16.95 -27.93 15.31
CA ARG D 24 -17.30 -26.80 16.15
C ARG D 24 -18.72 -26.32 15.94
N GLY D 25 -19.41 -26.81 14.91
CA GLY D 25 -20.81 -26.51 14.71
C GLY D 25 -21.08 -25.38 13.74
N TYR D 26 -20.81 -25.61 12.45
CA TYR D 26 -21.06 -24.62 11.41
C TYR D 26 -21.42 -25.36 10.14
N SER D 27 -22.46 -24.90 9.44
CA SER D 27 -22.96 -25.57 8.25
C SER D 27 -22.00 -25.34 7.08
N VAL D 28 -21.14 -26.31 6.81
CA VAL D 28 -20.14 -26.19 5.77
C VAL D 28 -20.59 -26.96 4.52
N SER D 29 -19.99 -26.61 3.38
CA SER D 29 -20.26 -27.25 2.10
C SER D 29 -18.94 -27.56 1.41
N VAL D 30 -19.01 -28.28 0.28
CA VAL D 30 -17.84 -28.82 -0.39
C VAL D 30 -18.00 -28.74 -1.90
N PHE D 31 -16.86 -28.70 -2.60
CA PHE D 31 -16.76 -28.98 -4.03
C PHE D 31 -15.31 -29.33 -4.33
N ASN D 32 -15.11 -30.09 -5.41
CA ASN D 32 -13.76 -30.40 -5.88
C ASN D 32 -13.74 -30.44 -7.40
N ARG D 33 -12.55 -30.21 -7.97
CA ARG D 33 -12.38 -30.21 -9.42
C ARG D 33 -13.00 -31.45 -10.05
N SER D 34 -12.62 -32.63 -9.55
CA SER D 34 -13.37 -33.85 -9.81
C SER D 34 -14.29 -34.10 -8.63
N SER D 35 -15.55 -34.42 -8.92
CA SER D 35 -16.51 -34.71 -7.88
C SER D 35 -16.46 -36.15 -7.41
N GLU D 36 -15.54 -36.96 -7.95
CA GLU D 36 -15.33 -38.29 -7.40
C GLU D 36 -14.92 -38.21 -5.93
N LYS D 37 -14.10 -37.22 -5.58
CA LYS D 37 -13.70 -37.01 -4.20
C LYS D 37 -14.81 -36.36 -3.37
N THR D 38 -15.70 -35.60 -4.02
CA THR D 38 -16.87 -35.08 -3.32
C THR D 38 -17.80 -36.22 -2.90
N ASP D 39 -18.06 -37.16 -3.82
CA ASP D 39 -18.92 -38.30 -3.51
C ASP D 39 -18.34 -39.12 -2.36
N LEU D 40 -17.05 -39.41 -2.42
CA LEU D 40 -16.41 -40.17 -1.34
C LEU D 40 -16.53 -39.45 -0.01
N MET D 41 -16.28 -38.14 -0.01
CA MET D 41 -16.35 -37.37 1.23
C MET D 41 -17.79 -37.26 1.73
N VAL D 42 -18.75 -37.13 0.82
CA VAL D 42 -20.15 -36.95 1.23
C VAL D 42 -20.64 -38.14 2.03
N GLU D 43 -20.18 -39.35 1.68
CA GLU D 43 -20.60 -40.54 2.41
C GLU D 43 -19.93 -40.64 3.77
N GLU D 44 -18.60 -40.55 3.80
CA GLU D 44 -17.88 -40.63 5.07
C GLU D 44 -18.20 -39.48 6.01
N SER D 45 -18.83 -38.41 5.50
CA SER D 45 -19.36 -37.34 6.35
C SER D 45 -20.69 -37.78 6.93
N LYS D 46 -20.62 -38.81 7.78
CA LYS D 46 -21.81 -39.41 8.38
C LYS D 46 -22.14 -38.78 9.73
N GLY D 47 -22.12 -37.45 9.79
CA GLY D 47 -22.36 -36.73 11.03
C GLY D 47 -23.21 -35.49 10.89
N LYS D 48 -23.66 -35.21 9.66
CA LYS D 48 -24.61 -34.16 9.32
C LYS D 48 -24.01 -32.76 9.33
N ASN D 49 -24.77 -31.78 8.85
CA ASN D 49 -24.36 -30.38 8.69
C ASN D 49 -23.32 -30.20 7.60
N ILE D 50 -23.39 -31.01 6.53
CA ILE D 50 -22.52 -30.88 5.37
C ILE D 50 -23.35 -31.03 4.12
N HIS D 51 -23.17 -30.12 3.15
CA HIS D 51 -23.83 -30.19 1.86
C HIS D 51 -22.81 -30.32 0.74
N PRO D 52 -23.05 -31.19 -0.25
CA PRO D 52 -22.12 -31.32 -1.37
C PRO D 52 -22.62 -30.62 -2.63
N THR D 53 -21.71 -30.13 -3.47
CA THR D 53 -22.04 -29.57 -4.77
C THR D 53 -21.09 -30.12 -5.83
N TYR D 54 -21.50 -29.96 -7.10
CA TYR D 54 -20.85 -30.68 -8.19
C TYR D 54 -20.51 -29.82 -9.40
N SER D 55 -20.75 -28.51 -9.34
CA SER D 55 -20.17 -27.56 -10.28
C SER D 55 -20.22 -26.18 -9.64
N LEU D 56 -19.24 -25.34 -10.01
CA LEU D 56 -18.95 -24.15 -9.22
C LEU D 56 -20.14 -23.19 -9.14
N GLU D 57 -20.95 -23.10 -10.19
CA GLU D 57 -22.14 -22.26 -10.12
C GLU D 57 -23.16 -22.82 -9.14
N GLU D 58 -23.14 -24.13 -8.92
CA GLU D 58 -24.05 -24.78 -7.97
C GLU D 58 -23.57 -24.69 -6.52
N PHE D 59 -22.56 -23.86 -6.26
CA PHE D 59 -22.13 -23.60 -4.89
C PHE D 59 -21.98 -22.12 -4.57
N VAL D 60 -21.90 -21.25 -5.57
CA VAL D 60 -21.74 -19.82 -5.32
C VAL D 60 -22.96 -19.22 -4.63
N ASN D 61 -24.11 -19.87 -4.73
CA ASN D 61 -25.35 -19.40 -4.14
C ASN D 61 -25.81 -20.30 -2.99
N SER D 62 -24.86 -20.74 -2.16
CA SER D 62 -25.14 -21.77 -1.17
C SER D 62 -24.59 -21.42 0.20
N LEU D 63 -24.42 -20.13 0.50
CA LEU D 63 -23.84 -19.73 1.78
C LEU D 63 -24.47 -18.44 2.26
N GLU D 64 -24.57 -18.32 3.59
CA GLU D 64 -25.06 -17.12 4.25
C GLU D 64 -24.28 -15.90 3.80
N LYS D 65 -25.01 -14.83 3.44
CA LYS D 65 -24.38 -13.56 3.08
C LYS D 65 -24.02 -12.78 4.35
N PRO D 66 -22.80 -12.22 4.44
CA PRO D 66 -21.69 -12.28 3.48
C PRO D 66 -21.08 -13.67 3.36
N ARG D 67 -20.83 -14.10 2.13
CA ARG D 67 -20.38 -15.47 1.88
C ARG D 67 -18.92 -15.63 2.31
N LYS D 68 -18.61 -16.81 2.85
CA LYS D 68 -17.28 -17.13 3.38
C LYS D 68 -16.81 -18.42 2.72
N ILE D 69 -15.75 -18.33 1.92
CA ILE D 69 -15.30 -19.42 1.05
C ILE D 69 -13.79 -19.59 1.20
N LEU D 70 -13.35 -20.82 1.40
CA LEU D 70 -11.93 -21.16 1.49
C LEU D 70 -11.57 -22.11 0.35
N LEU D 71 -10.38 -21.91 -0.21
CA LEU D 71 -9.90 -22.67 -1.36
C LEU D 71 -8.65 -23.43 -0.98
N MET D 72 -8.69 -24.76 -1.13
CA MET D 72 -7.56 -25.63 -0.85
C MET D 72 -7.11 -26.38 -2.10
N VAL D 73 -7.35 -25.80 -3.28
CA VAL D 73 -6.94 -26.41 -4.54
C VAL D 73 -5.43 -26.28 -4.68
N GLN D 74 -4.87 -26.94 -5.70
CA GLN D 74 -3.42 -26.95 -5.89
C GLN D 74 -2.90 -25.53 -6.10
N ALA D 75 -1.95 -25.12 -5.26
CA ALA D 75 -1.41 -23.77 -5.31
C ALA D 75 -0.63 -23.57 -6.60
N GLY D 76 -1.09 -22.64 -7.42
CA GLY D 76 -0.41 -22.29 -8.65
C GLY D 76 -1.42 -21.89 -9.72
N LYS D 77 -1.21 -22.42 -10.93
CA LYS D 77 -2.13 -22.17 -12.02
C LYS D 77 -3.56 -22.56 -11.66
N ALA D 78 -3.73 -23.63 -10.89
CA ALA D 78 -5.08 -24.13 -10.59
C ALA D 78 -5.83 -23.21 -9.64
N THR D 79 -5.11 -22.47 -8.78
CA THR D 79 -5.77 -21.61 -7.81
C THR D 79 -6.30 -20.34 -8.45
N ASP D 80 -5.52 -19.70 -9.33
CA ASP D 80 -6.06 -18.53 -10.00
C ASP D 80 -6.89 -18.86 -11.23
N ALA D 81 -6.85 -20.11 -11.71
CA ALA D 81 -7.89 -20.55 -12.64
C ALA D 81 -9.21 -20.68 -11.92
N THR D 82 -9.19 -21.01 -10.63
CA THR D 82 -10.42 -21.18 -9.87
C THR D 82 -11.08 -19.83 -9.60
N ILE D 83 -10.39 -18.93 -8.88
CA ILE D 83 -11.01 -17.66 -8.50
C ILE D 83 -11.46 -16.88 -9.72
N ASP D 84 -10.77 -17.03 -10.85
CA ASP D 84 -11.21 -16.39 -12.09
C ASP D 84 -12.49 -16.99 -12.64
N SER D 85 -12.99 -18.07 -12.04
CA SER D 85 -14.24 -18.69 -12.44
C SER D 85 -15.42 -18.25 -11.58
N LEU D 86 -15.18 -17.82 -10.35
CA LEU D 86 -16.27 -17.45 -9.44
C LEU D 86 -16.50 -15.96 -9.33
N LEU D 87 -15.58 -15.12 -9.80
CA LEU D 87 -15.77 -13.68 -9.67
C LEU D 87 -17.00 -13.14 -10.40
N PRO D 88 -17.40 -13.65 -11.58
CA PRO D 88 -18.68 -13.22 -12.16
C PRO D 88 -19.90 -13.82 -11.47
N LEU D 89 -19.72 -14.50 -10.35
CA LEU D 89 -20.79 -15.23 -9.69
C LEU D 89 -21.17 -14.66 -8.33
N LEU D 90 -20.25 -13.96 -7.68
CA LEU D 90 -20.45 -13.49 -6.32
C LEU D 90 -20.77 -11.98 -6.34
N ASP D 91 -21.24 -11.49 -5.20
CA ASP D 91 -21.69 -10.11 -5.08
C ASP D 91 -20.75 -9.34 -4.15
N ASP D 92 -21.01 -8.03 -4.05
CA ASP D 92 -20.13 -7.14 -3.33
C ASP D 92 -20.00 -7.52 -1.86
N GLY D 93 -18.78 -7.49 -1.35
CA GLY D 93 -18.52 -7.59 0.07
C GLY D 93 -18.30 -8.99 0.62
N ASP D 94 -18.07 -9.98 -0.24
CA ASP D 94 -17.89 -11.35 0.21
C ASP D 94 -16.41 -11.71 0.27
N ILE D 95 -16.12 -12.89 0.79
CA ILE D 95 -14.77 -13.25 1.23
C ILE D 95 -14.31 -14.53 0.54
N LEU D 96 -13.04 -14.55 0.15
CA LEU D 96 -12.36 -15.74 -0.35
C LEU D 96 -11.07 -15.93 0.42
N ILE D 97 -10.74 -17.18 0.75
CA ILE D 97 -9.56 -17.50 1.55
C ILE D 97 -8.74 -18.53 0.80
N ASP D 98 -7.47 -18.22 0.57
CA ASP D 98 -6.51 -19.14 -0.03
C ASP D 98 -5.68 -19.74 1.10
N GLY D 99 -5.90 -21.03 1.38
CA GLY D 99 -5.24 -21.67 2.50
C GLY D 99 -4.12 -22.62 2.11
N GLY D 100 -3.59 -22.45 0.89
CA GLY D 100 -2.53 -23.29 0.40
C GLY D 100 -1.14 -22.69 0.63
N ASN D 101 -0.13 -23.41 0.14
CA ASN D 101 1.25 -22.95 0.18
C ASN D 101 1.47 -22.04 -1.03
N THR D 102 0.96 -20.81 -0.92
CA THR D 102 0.97 -19.85 -2.01
C THR D 102 2.05 -18.81 -1.79
N ASN D 103 2.73 -18.44 -2.87
CA ASN D 103 3.71 -17.36 -2.81
C ASN D 103 3.02 -16.06 -2.43
N TYR D 104 3.61 -15.35 -1.46
CA TYR D 104 2.96 -14.15 -0.94
C TYR D 104 2.83 -13.08 -2.01
N GLN D 105 3.75 -13.03 -2.98
CA GLN D 105 3.64 -12.06 -4.06
C GLN D 105 2.43 -12.36 -4.94
N ASP D 106 2.09 -13.64 -5.10
CA ASP D 106 0.85 -13.99 -5.80
C ASP D 106 -0.37 -13.55 -4.98
N THR D 107 -0.34 -13.79 -3.66
CA THR D 107 -1.44 -13.36 -2.81
C THR D 107 -1.65 -11.85 -2.87
N ILE D 108 -0.56 -11.08 -3.01
CA ILE D 108 -0.68 -9.64 -3.14
C ILE D 108 -1.41 -9.28 -4.44
N ARG D 109 -1.11 -10.01 -5.52
CA ARG D 109 -1.71 -9.68 -6.81
C ARG D 109 -3.20 -10.00 -6.83
N ARG D 110 -3.59 -11.18 -6.34
CA ARG D 110 -5.00 -11.52 -6.34
C ARG D 110 -5.79 -10.71 -5.32
N ASN D 111 -5.14 -10.27 -4.24
CA ASN D 111 -5.83 -9.37 -3.32
C ASN D 111 -6.07 -8.00 -3.95
N LYS D 112 -5.19 -7.57 -4.85
CA LYS D 112 -5.37 -6.29 -5.52
C LYS D 112 -6.39 -6.39 -6.65
N ALA D 113 -6.31 -7.44 -7.47
CA ALA D 113 -7.21 -7.55 -8.61
C ALA D 113 -8.63 -7.92 -8.17
N LEU D 114 -8.77 -8.64 -7.06
CA LEU D 114 -10.10 -9.01 -6.58
C LEU D 114 -10.75 -7.90 -5.77
N ALA D 115 -9.95 -6.97 -5.24
CA ALA D 115 -10.52 -5.79 -4.59
C ALA D 115 -11.17 -4.85 -5.61
N GLN D 116 -10.72 -4.91 -6.87
CA GLN D 116 -11.38 -4.15 -7.92
C GLN D 116 -12.82 -4.60 -8.11
N SER D 117 -13.11 -5.86 -7.79
CA SER D 117 -14.46 -6.39 -7.86
C SER D 117 -15.26 -6.17 -6.58
N ALA D 118 -14.72 -5.40 -5.64
CA ALA D 118 -15.32 -5.18 -4.32
C ALA D 118 -15.58 -6.52 -3.61
N ILE D 119 -14.58 -7.41 -3.67
CA ILE D 119 -14.70 -8.73 -3.04
C ILE D 119 -13.39 -9.05 -2.32
N ASN D 120 -13.49 -9.24 -1.00
CA ASN D 120 -12.32 -9.43 -0.15
C ASN D 120 -11.58 -10.72 -0.48
N PHE D 121 -10.26 -10.70 -0.30
CA PHE D 121 -9.43 -11.87 -0.44
C PHE D 121 -8.48 -11.98 0.74
N ILE D 122 -8.27 -13.21 1.21
CA ILE D 122 -7.41 -13.48 2.36
C ILE D 122 -6.46 -14.60 1.99
N GLY D 123 -5.15 -14.35 2.13
CA GLY D 123 -4.18 -15.41 1.99
C GLY D 123 -3.75 -15.92 3.35
N MET D 124 -4.21 -17.11 3.71
CA MET D 124 -4.05 -17.64 5.07
C MET D 124 -3.03 -18.77 5.06
N GLY D 125 -1.92 -18.58 5.75
CA GLY D 125 -0.99 -19.67 5.96
C GLY D 125 -1.55 -20.70 6.91
N VAL D 126 -1.30 -21.97 6.62
CA VAL D 126 -1.81 -23.09 7.39
C VAL D 126 -0.65 -24.02 7.71
N SER D 127 -0.40 -24.24 9.00
CA SER D 127 0.70 -25.07 9.46
C SER D 127 0.18 -26.19 10.36
N GLY D 128 0.78 -27.38 10.24
CA GLY D 128 0.45 -28.48 11.12
C GLY D 128 0.13 -29.78 10.41
N GLY D 129 0.24 -29.79 9.09
CA GLY D 129 -0.13 -30.96 8.31
C GLY D 129 -1.62 -31.21 8.35
N GLU D 130 -2.02 -32.31 7.71
CA GLU D 130 -3.43 -32.66 7.70
C GLU D 130 -3.88 -33.20 9.05
N ILE D 131 -2.98 -33.81 9.82
CA ILE D 131 -3.31 -34.23 11.17
C ILE D 131 -3.64 -33.01 12.03
N GLY D 132 -2.83 -31.96 11.93
CA GLY D 132 -3.14 -30.72 12.59
C GLY D 132 -4.27 -29.95 11.95
N ALA D 133 -4.60 -30.27 10.70
CA ALA D 133 -5.66 -29.54 10.00
C ALA D 133 -7.02 -29.77 10.67
N LEU D 134 -7.34 -31.01 11.02
CA LEU D 134 -8.60 -31.29 11.69
C LEU D 134 -8.51 -31.20 13.20
N THR D 135 -7.34 -31.50 13.78
CA THR D 135 -7.12 -31.32 15.21
C THR D 135 -7.26 -29.86 15.58
N GLY D 136 -6.33 -29.05 15.08
CA GLY D 136 -6.24 -27.66 15.40
C GLY D 136 -4.90 -27.13 14.92
N PRO D 137 -4.91 -26.44 13.78
CA PRO D 137 -3.65 -25.99 13.20
C PRO D 137 -3.26 -24.58 13.63
N SER D 138 -2.13 -24.12 13.14
CA SER D 138 -1.73 -22.72 13.26
C SER D 138 -2.15 -22.01 11.97
N LEU D 139 -2.88 -20.91 12.11
CA LEU D 139 -3.44 -20.19 10.99
C LEU D 139 -2.93 -18.77 10.96
N MET D 140 -2.57 -18.29 9.77
CA MET D 140 -1.98 -16.96 9.58
C MET D 140 -2.72 -16.23 8.46
N PRO D 141 -3.90 -15.70 8.73
CA PRO D 141 -4.66 -15.03 7.68
C PRO D 141 -4.18 -13.60 7.45
N GLY D 142 -4.13 -13.22 6.17
CA GLY D 142 -3.76 -11.86 5.80
C GLY D 142 -4.67 -11.31 4.72
N GLY D 143 -5.10 -10.06 4.89
CA GLY D 143 -6.02 -9.43 3.95
C GLY D 143 -6.78 -8.30 4.62
N GLN D 144 -8.03 -8.12 4.19
CA GLN D 144 -8.86 -7.05 4.72
C GLN D 144 -9.22 -7.34 6.18
N GLU D 145 -9.04 -6.32 7.04
CA GLU D 145 -9.18 -6.53 8.48
C GLU D 145 -10.58 -6.99 8.85
N GLU D 146 -11.59 -6.18 8.53
CA GLU D 146 -12.95 -6.55 8.90
C GLU D 146 -13.48 -7.73 8.10
N ALA D 147 -12.82 -8.12 7.01
CA ALA D 147 -13.12 -9.40 6.39
C ALA D 147 -12.65 -10.55 7.26
N TYR D 148 -11.48 -10.40 7.88
CA TYR D 148 -11.03 -11.37 8.88
C TYR D 148 -11.94 -11.34 10.10
N ASN D 149 -12.38 -10.14 10.52
CA ASN D 149 -13.22 -10.02 11.69
C ASN D 149 -14.57 -10.71 11.52
N LYS D 150 -15.02 -10.92 10.29
CA LYS D 150 -16.25 -11.65 10.06
C LYS D 150 -16.06 -13.15 10.13
N VAL D 151 -14.84 -13.63 9.89
CA VAL D 151 -14.53 -15.06 9.90
C VAL D 151 -13.66 -15.44 11.10
N ALA D 152 -13.40 -14.50 12.00
CA ALA D 152 -12.42 -14.75 13.07
C ALA D 152 -12.89 -15.84 14.02
N ASP D 153 -14.18 -15.85 14.36
CA ASP D 153 -14.67 -16.83 15.32
C ASP D 153 -14.64 -18.25 14.76
N ILE D 154 -14.74 -18.39 13.43
CA ILE D 154 -14.57 -19.70 12.82
C ILE D 154 -13.12 -20.15 12.92
N LEU D 155 -12.19 -19.25 12.56
CA LEU D 155 -10.76 -19.57 12.69
C LEU D 155 -10.38 -19.78 14.16
N ASP D 156 -10.99 -19.01 15.06
CA ASP D 156 -10.74 -19.19 16.48
C ASP D 156 -11.20 -20.56 16.96
N ALA D 157 -12.34 -21.04 16.43
CA ALA D 157 -12.86 -22.33 16.87
C ALA D 157 -12.03 -23.48 16.37
N ILE D 158 -11.41 -23.34 15.19
CA ILE D 158 -10.70 -24.46 14.58
C ILE D 158 -9.21 -24.47 14.89
N ALA D 159 -8.64 -23.33 15.27
CA ALA D 159 -7.20 -23.29 15.54
C ALA D 159 -6.86 -24.05 16.80
N ALA D 160 -5.58 -24.37 16.94
CA ALA D 160 -5.10 -25.04 18.14
C ALA D 160 -5.22 -24.14 19.35
N LYS D 161 -5.32 -24.76 20.52
CA LYS D 161 -5.34 -24.05 21.79
C LYS D 161 -4.01 -24.23 22.49
N ALA D 162 -3.36 -23.12 22.84
CA ALA D 162 -2.11 -23.17 23.57
C ALA D 162 -2.37 -23.48 25.04
N LYS D 163 -1.29 -23.54 25.83
CA LYS D 163 -1.42 -23.86 27.24
C LYS D 163 -2.21 -22.81 28.00
N ASP D 164 -2.28 -21.57 27.48
CA ASP D 164 -2.98 -20.48 28.13
C ASP D 164 -4.41 -20.32 27.62
N GLY D 165 -4.88 -21.22 26.75
CA GLY D 165 -6.22 -21.15 26.22
C GLY D 165 -6.37 -20.36 24.94
N ALA D 166 -5.40 -19.52 24.59
CA ALA D 166 -5.51 -18.69 23.40
C ALA D 166 -5.37 -19.53 22.14
N SER D 167 -6.18 -19.22 21.14
CA SER D 167 -6.07 -19.89 19.86
C SER D 167 -4.81 -19.45 19.12
N CYS D 168 -4.28 -20.34 18.30
CA CYS D 168 -3.10 -20.04 17.49
C CYS D 168 -3.51 -19.48 16.13
N VAL D 169 -4.21 -18.34 16.19
CA VAL D 169 -4.65 -17.61 15.02
C VAL D 169 -4.78 -16.15 15.39
N THR D 170 -4.34 -15.28 14.50
CA THR D 170 -4.42 -13.84 14.72
C THR D 170 -4.49 -13.16 13.37
N TYR D 171 -4.87 -11.88 13.37
CA TYR D 171 -4.82 -11.10 12.15
C TYR D 171 -3.36 -10.71 11.89
N ILE D 172 -2.80 -11.21 10.80
CA ILE D 172 -1.39 -10.97 10.50
C ILE D 172 -1.20 -9.56 9.94
N GLY D 173 -1.89 -9.26 8.84
CA GLY D 173 -1.78 -7.96 8.21
C GLY D 173 -2.51 -7.89 6.89
N PRO D 174 -2.23 -6.85 6.11
CA PRO D 174 -2.91 -6.70 4.81
C PRO D 174 -2.35 -7.66 3.76
N ASN D 175 -3.17 -7.86 2.73
CA ASN D 175 -2.87 -8.67 1.54
C ASN D 175 -2.04 -9.92 1.82
N GLY D 176 -0.80 -9.94 1.34
CA GLY D 176 0.05 -11.11 1.42
C GLY D 176 0.80 -11.33 2.70
N ALA D 177 0.53 -10.54 3.74
CA ALA D 177 1.26 -10.67 5.00
C ALA D 177 1.08 -12.05 5.62
N GLY D 178 -0.10 -12.65 5.47
CA GLY D 178 -0.33 -13.96 6.06
C GLY D 178 0.50 -15.05 5.40
N HIS D 179 0.47 -15.10 4.07
CA HIS D 179 1.26 -16.10 3.36
C HIS D 179 2.76 -15.83 3.48
N TYR D 180 3.15 -14.59 3.76
CA TYR D 180 4.57 -14.31 3.96
C TYR D 180 5.09 -14.92 5.24
N VAL D 181 4.38 -14.72 6.36
CA VAL D 181 4.87 -15.24 7.63
C VAL D 181 4.85 -16.76 7.63
N LYS D 182 3.92 -17.37 6.90
CA LYS D 182 3.94 -18.82 6.72
C LYS D 182 5.21 -19.25 5.98
N MET D 183 5.60 -18.48 4.96
CA MET D 183 6.83 -18.78 4.24
C MET D 183 8.04 -18.70 5.16
N VAL D 184 8.10 -17.65 5.99
CA VAL D 184 9.19 -17.52 6.95
C VAL D 184 9.12 -18.63 7.99
N HIS D 185 7.90 -19.05 8.36
CA HIS D 185 7.74 -20.19 9.27
C HIS D 185 8.43 -21.42 8.70
N ASN D 186 8.19 -21.72 7.42
CA ASN D 186 8.82 -22.88 6.81
C ASN D 186 10.32 -22.71 6.67
N GLY D 187 10.79 -21.47 6.45
CA GLY D 187 12.22 -21.23 6.45
C GLY D 187 12.85 -21.56 7.80
N ILE D 188 12.21 -21.08 8.88
CA ILE D 188 12.67 -21.42 10.23
C ILE D 188 12.61 -22.91 10.45
N GLU D 189 11.61 -23.58 9.87
CA GLU D 189 11.49 -25.03 10.01
C GLU D 189 12.68 -25.74 9.40
N TYR D 190 13.16 -25.26 8.24
CA TYR D 190 14.34 -25.84 7.60
C TYR D 190 15.54 -25.80 8.54
N ALA D 191 15.76 -24.65 9.19
CA ALA D 191 16.91 -24.51 10.08
C ALA D 191 16.78 -25.40 11.30
N ASP D 192 15.57 -25.54 11.83
CA ASP D 192 15.35 -26.43 12.97
C ASP D 192 15.73 -27.86 12.62
N MET D 193 15.27 -28.34 11.48
CA MET D 193 15.55 -29.73 11.10
C MET D 193 17.01 -29.93 10.74
N GLN D 194 17.66 -28.94 10.13
CA GLN D 194 19.07 -29.08 9.81
C GLN D 194 19.92 -29.11 11.07
N LEU D 195 19.62 -28.22 12.03
CA LEU D 195 20.37 -28.21 13.29
C LEU D 195 20.17 -29.50 14.06
N ILE D 196 18.95 -30.06 14.03
CA ILE D 196 18.71 -31.37 14.64
C ILE D 196 19.51 -32.44 13.90
N ALA D 197 19.52 -32.39 12.57
CA ALA D 197 20.24 -33.38 11.78
C ALA D 197 21.73 -33.36 12.10
N GLU D 198 22.29 -32.16 12.31
CA GLU D 198 23.70 -32.06 12.68
C GLU D 198 23.94 -32.59 14.09
N SER D 199 22.96 -32.44 14.99
CA SER D 199 23.07 -33.07 16.30
C SER D 199 23.13 -34.59 16.16
N TYR D 200 22.23 -35.16 15.36
CA TYR D 200 22.26 -36.60 15.12
C TYR D 200 23.51 -37.02 14.35
N ALA D 201 24.03 -36.16 13.48
CA ALA D 201 25.20 -36.52 12.68
C ALA D 201 26.40 -36.76 13.59
N MET D 202 26.60 -35.92 14.61
CA MET D 202 27.73 -36.10 15.52
C MET D 202 27.51 -37.27 16.47
N MET D 203 26.26 -37.52 16.87
CA MET D 203 25.97 -38.67 17.70
C MET D 203 26.41 -39.97 17.03
N LYS D 204 26.04 -40.15 15.77
CA LYS D 204 26.39 -41.37 15.05
C LYS D 204 27.85 -41.34 14.59
N GLU D 205 28.27 -40.26 13.94
CA GLU D 205 29.59 -40.26 13.30
C GLU D 205 30.72 -40.04 14.30
N LEU D 206 30.51 -39.19 15.29
CA LEU D 206 31.57 -38.85 16.24
C LEU D 206 31.53 -39.70 17.50
N LEU D 207 30.40 -39.76 18.19
CA LEU D 207 30.29 -40.48 19.44
C LEU D 207 29.94 -41.95 19.25
N GLY D 208 29.77 -42.41 18.01
CA GLY D 208 29.51 -43.81 17.75
C GLY D 208 28.25 -44.36 18.38
N MET D 209 27.30 -43.51 18.74
CA MET D 209 26.06 -43.97 19.34
C MET D 209 25.13 -44.53 18.27
N SER D 210 24.36 -45.55 18.65
CA SER D 210 23.41 -46.17 17.74
C SER D 210 21.99 -45.78 18.14
N HIS D 211 21.02 -46.34 17.43
CA HIS D 211 19.69 -45.72 17.32
C HIS D 211 18.98 -45.61 18.66
N GLU D 212 19.10 -46.64 19.52
CA GLU D 212 18.38 -46.58 20.79
C GLU D 212 19.03 -45.60 21.77
N ASP D 213 20.35 -45.44 21.70
CA ASP D 213 21.00 -44.38 22.46
C ASP D 213 20.67 -43.01 21.89
N ILE D 214 20.61 -42.90 20.56
CA ILE D 214 20.27 -41.64 19.93
C ILE D 214 18.83 -41.26 20.22
N ALA D 215 17.92 -42.22 20.15
CA ALA D 215 16.51 -41.94 20.43
C ALA D 215 16.31 -41.45 21.86
N GLN D 216 16.98 -42.10 22.82
CA GLN D 216 16.84 -41.69 24.21
C GLN D 216 17.44 -40.30 24.45
N THR D 217 18.53 -39.98 23.75
CA THR D 217 19.12 -38.65 23.87
C THR D 217 18.11 -37.56 23.49
N PHE D 218 17.48 -37.71 22.33
CA PHE D 218 16.47 -36.74 21.91
C PHE D 218 15.26 -36.78 22.84
N LYS D 219 14.87 -37.97 23.29
CA LYS D 219 13.77 -38.07 24.25
C LYS D 219 14.13 -37.40 25.57
N ASP D 220 15.38 -37.51 25.98
CA ASP D 220 15.83 -36.80 27.18
C ASP D 220 15.91 -35.30 26.93
N TRP D 221 16.43 -34.89 25.77
CA TRP D 221 16.48 -33.48 25.43
C TRP D 221 15.09 -32.86 25.38
N ASN D 222 14.10 -33.63 24.94
CA ASN D 222 12.73 -33.12 24.81
C ASN D 222 12.09 -32.80 26.16
N ALA D 223 12.69 -33.21 27.27
CA ALA D 223 12.14 -32.94 28.58
C ALA D 223 12.56 -31.59 29.16
N GLY D 224 13.57 -30.95 28.59
CA GLY D 224 14.11 -29.70 29.10
C GLY D 224 13.68 -28.50 28.29
N GLU D 225 14.62 -27.56 28.13
CA GLU D 225 14.31 -26.31 27.43
C GLU D 225 14.14 -26.52 25.93
N LEU D 226 14.65 -27.61 25.38
CA LEU D 226 14.52 -27.91 23.96
C LEU D 226 13.19 -28.59 23.62
N GLU D 227 12.25 -28.64 24.57
CA GLU D 227 10.95 -29.24 24.35
C GLU D 227 10.31 -28.73 23.06
N SER D 228 10.18 -29.59 22.06
CA SER D 228 9.65 -29.18 20.77
C SER D 228 8.96 -30.35 20.08
N TYR D 229 8.15 -30.02 19.07
CA TYR D 229 7.56 -31.06 18.24
C TYR D 229 8.63 -31.76 17.40
N LEU D 230 9.58 -31.00 16.86
CA LEU D 230 10.58 -31.59 15.97
C LEU D 230 11.57 -32.46 16.73
N ILE D 231 11.87 -32.10 17.97
CA ILE D 231 12.69 -33.02 18.77
C ILE D 231 11.84 -34.21 19.21
N GLU D 232 10.54 -33.99 19.45
CA GLU D 232 9.66 -35.08 19.83
C GLU D 232 9.55 -36.14 18.74
N ILE D 233 9.29 -35.71 17.50
CA ILE D 233 9.15 -36.67 16.41
C ILE D 233 10.47 -37.35 16.08
N THR D 234 11.59 -36.72 16.43
CA THR D 234 12.90 -37.33 16.14
C THR D 234 13.14 -38.56 17.00
N GLY D 235 12.79 -38.48 18.29
CA GLY D 235 12.92 -39.65 19.15
C GLY D 235 12.05 -40.81 18.70
N ASP D 236 10.81 -40.50 18.28
CA ASP D 236 9.93 -41.53 17.76
C ASP D 236 10.48 -42.12 16.46
N ILE D 237 11.14 -41.29 15.65
CA ILE D 237 11.70 -41.78 14.38
C ILE D 237 12.78 -42.81 14.65
N PHE D 238 13.68 -42.52 15.59
CA PHE D 238 14.78 -43.42 15.92
C PHE D 238 14.35 -44.62 16.74
N MET D 239 13.04 -44.86 16.89
CA MET D 239 12.53 -46.04 17.57
C MET D 239 11.71 -46.93 16.64
N LYS D 240 11.72 -46.64 15.34
CA LYS D 240 10.99 -47.43 14.36
C LYS D 240 11.95 -48.40 13.68
N LEU D 241 11.64 -49.70 13.74
CA LEU D 241 12.50 -50.74 13.18
C LEU D 241 11.84 -51.35 11.95
N ASP D 242 12.67 -51.95 11.10
CA ASP D 242 12.27 -52.42 9.78
C ASP D 242 11.99 -53.91 9.72
N GLU D 243 11.43 -54.48 10.80
CA GLU D 243 11.09 -55.89 10.94
C GLU D 243 12.31 -56.81 10.94
N ASN D 244 13.52 -56.26 10.76
CA ASN D 244 14.76 -57.01 10.91
C ASN D 244 15.58 -56.52 12.10
N LYS D 245 14.91 -55.88 13.08
CA LYS D 245 15.53 -55.35 14.29
C LYS D 245 16.53 -54.23 14.00
N GLU D 246 16.44 -53.61 12.83
CA GLU D 246 17.34 -52.54 12.45
C GLU D 246 16.58 -51.22 12.34
N ALA D 247 17.30 -50.11 12.55
CA ALA D 247 16.68 -48.80 12.51
C ALA D 247 16.24 -48.47 11.09
N LEU D 248 15.00 -47.98 10.96
CA LEU D 248 14.45 -47.69 9.64
C LEU D 248 14.99 -46.38 9.06
N VAL D 249 15.26 -45.39 9.92
CA VAL D 249 15.76 -44.10 9.43
C VAL D 249 17.10 -44.27 8.73
N GLU D 250 17.90 -45.24 9.16
CA GLU D 250 19.21 -45.46 8.56
C GLU D 250 19.15 -46.02 7.15
N LYS D 251 17.97 -46.43 6.69
CA LYS D 251 17.79 -46.93 5.34
C LYS D 251 17.09 -45.93 4.43
N ILE D 252 16.72 -44.76 4.93
CA ILE D 252 16.13 -43.71 4.11
C ILE D 252 17.20 -43.11 3.21
N LEU D 253 16.86 -42.90 1.94
CA LEU D 253 17.79 -42.23 1.03
C LEU D 253 17.99 -40.79 1.47
N ASP D 254 19.24 -40.40 1.67
CA ASP D 254 19.57 -39.08 2.19
C ASP D 254 19.52 -38.00 1.11
N THR D 255 18.42 -37.96 0.36
CA THR D 255 18.19 -36.91 -0.63
C THR D 255 17.05 -36.05 -0.11
N ALA D 256 17.41 -34.93 0.52
CA ALA D 256 16.42 -34.06 1.13
C ALA D 256 15.62 -33.34 0.04
N GLY D 257 14.38 -33.78 -0.16
CA GLY D 257 13.50 -33.06 -1.06
C GLY D 257 12.96 -31.80 -0.41
N GLN D 258 12.61 -30.83 -1.26
CA GLN D 258 12.12 -29.55 -0.75
C GLN D 258 11.18 -28.94 -1.77
N LYS D 259 10.28 -28.10 -1.28
CA LYS D 259 9.37 -27.35 -2.14
C LYS D 259 9.65 -25.86 -1.97
N GLY D 260 8.71 -25.02 -2.40
CA GLY D 260 9.02 -23.61 -2.65
C GLY D 260 9.53 -22.87 -1.43
N THR D 261 8.83 -23.02 -0.30
CA THR D 261 9.00 -22.10 0.82
C THR D 261 10.45 -21.99 1.30
N GLY D 262 11.25 -23.05 1.10
CA GLY D 262 12.62 -23.03 1.54
C GLY D 262 13.44 -21.93 0.92
N LYS D 263 13.70 -22.04 -0.39
CA LYS D 263 14.52 -21.04 -1.06
C LYS D 263 13.84 -19.68 -1.11
N TRP D 264 12.50 -19.63 -1.02
CA TRP D 264 11.80 -18.36 -1.08
C TRP D 264 12.17 -17.45 0.08
N THR D 265 12.34 -18.03 1.28
CA THR D 265 12.71 -17.23 2.44
C THR D 265 14.11 -16.64 2.28
N SER D 266 15.06 -17.44 1.77
CA SER D 266 16.42 -16.96 1.61
C SER D 266 16.51 -15.91 0.51
N ILE D 267 15.81 -16.13 -0.62
CA ILE D 267 15.80 -15.13 -1.68
C ILE D 267 15.27 -13.81 -1.16
N ASN D 268 14.20 -13.86 -0.36
CA ASN D 268 13.60 -12.62 0.15
C ASN D 268 14.54 -11.90 1.10
N ALA D 269 15.24 -12.65 1.96
CA ALA D 269 16.19 -12.03 2.87
C ALA D 269 17.32 -11.33 2.11
N LEU D 270 17.78 -11.96 1.02
CA LEU D 270 18.81 -11.34 0.19
C LEU D 270 18.30 -10.03 -0.41
N GLU D 271 17.07 -10.03 -0.92
CA GLU D 271 16.49 -8.80 -1.46
C GLU D 271 16.39 -7.72 -0.39
N LEU D 272 16.09 -8.11 0.84
CA LEU D 272 15.91 -7.17 1.94
C LEU D 272 17.21 -6.80 2.64
N GLY D 273 18.33 -7.43 2.28
CA GLY D 273 19.59 -7.13 2.94
C GLY D 273 19.71 -7.67 4.35
N ILE D 274 19.01 -8.74 4.67
CA ILE D 274 18.98 -9.31 6.02
C ILE D 274 19.92 -10.51 6.06
N PRO D 275 20.83 -10.59 7.03
CA PRO D 275 21.74 -11.73 7.09
C PRO D 275 21.07 -13.01 7.58
N LEU D 276 20.38 -13.72 6.69
CA LEU D 276 19.73 -14.98 7.03
C LEU D 276 20.69 -16.14 6.76
N THR D 277 21.76 -16.18 7.54
CA THR D 277 22.86 -17.10 7.27
C THR D 277 22.51 -18.54 7.63
N ILE D 278 21.74 -18.75 8.70
CA ILE D 278 21.50 -20.11 9.17
C ILE D 278 20.44 -20.81 8.33
N ILE D 279 19.33 -20.11 8.04
CA ILE D 279 18.28 -20.70 7.21
C ILE D 279 18.81 -21.00 5.82
N THR D 280 19.58 -20.07 5.24
CA THR D 280 20.08 -20.25 3.89
C THR D 280 21.02 -21.45 3.81
N GLU D 281 21.91 -21.60 4.81
CA GLU D 281 22.78 -22.78 4.84
C GLU D 281 21.96 -24.06 4.90
N SER D 282 20.82 -24.04 5.61
CA SER D 282 19.96 -25.21 5.64
C SER D 282 19.36 -25.49 4.27
N VAL D 283 18.93 -24.43 3.56
CA VAL D 283 18.43 -24.61 2.20
C VAL D 283 19.53 -25.18 1.31
N PHE D 284 20.74 -24.67 1.44
CA PHE D 284 21.86 -25.19 0.65
C PHE D 284 22.20 -26.61 1.05
N ALA D 285 22.06 -26.95 2.33
CA ALA D 285 22.32 -28.31 2.78
C ALA D 285 21.37 -29.30 2.11
N ARG D 286 20.12 -28.88 1.88
CA ARG D 286 19.20 -29.73 1.13
C ARG D 286 19.66 -29.88 -0.32
N PHE D 287 20.21 -28.81 -0.91
CA PHE D 287 20.69 -28.88 -2.28
C PHE D 287 21.80 -29.91 -2.41
N ILE D 288 22.82 -29.84 -1.54
CA ILE D 288 23.96 -30.74 -1.64
C ILE D 288 23.55 -32.18 -1.39
N SER D 289 22.49 -32.40 -0.61
CA SER D 289 22.08 -33.77 -0.31
C SER D 289 21.38 -34.42 -1.50
N SER D 290 20.67 -33.62 -2.29
CA SER D 290 19.91 -34.19 -3.41
C SER D 290 20.82 -34.80 -4.47
N ILE D 291 22.04 -34.27 -4.64
CA ILE D 291 22.97 -34.80 -5.62
C ILE D 291 23.68 -36.01 -5.02
N LYS D 292 22.91 -37.07 -4.74
CA LYS D 292 23.46 -38.22 -4.04
C LYS D 292 24.55 -38.92 -4.84
N GLU D 293 24.28 -39.22 -6.11
CA GLU D 293 25.24 -39.94 -6.94
C GLU D 293 26.56 -39.21 -7.04
N GLU D 294 26.50 -37.88 -7.17
CA GLU D 294 27.72 -37.08 -7.24
C GLU D 294 28.51 -37.14 -5.92
N ARG D 295 27.81 -37.23 -4.78
CA ARG D 295 28.48 -37.26 -3.49
C ARG D 295 29.18 -38.60 -3.26
N VAL D 296 28.59 -39.69 -3.72
CA VAL D 296 29.19 -41.01 -3.51
C VAL D 296 30.49 -41.12 -4.30
N ASN D 297 30.49 -40.63 -5.54
CA ASN D 297 31.72 -40.64 -6.33
C ASN D 297 32.76 -39.68 -5.76
N ALA D 298 32.31 -38.52 -5.27
CA ALA D 298 33.22 -37.61 -4.58
C ALA D 298 33.78 -38.25 -3.31
N SER D 299 33.01 -39.14 -2.68
CA SER D 299 33.51 -39.82 -1.48
C SER D 299 34.65 -40.77 -1.80
N LYS D 300 34.68 -41.33 -3.01
CA LYS D 300 35.78 -42.19 -3.42
C LYS D 300 37.01 -41.42 -3.87
N GLU D 301 36.90 -40.11 -4.07
CA GLU D 301 38.01 -39.30 -4.57
C GLU D 301 38.55 -38.30 -3.55
N LEU D 302 37.71 -37.78 -2.67
CA LEU D 302 38.12 -36.79 -1.69
C LEU D 302 38.16 -37.45 -0.31
N ASN D 303 39.35 -37.48 0.29
CA ASN D 303 39.52 -38.12 1.59
C ASN D 303 39.09 -37.18 2.71
N GLY D 304 39.11 -37.70 3.92
CA GLY D 304 38.74 -36.93 5.09
C GLY D 304 39.34 -37.52 6.36
N PRO D 305 39.30 -36.75 7.44
CA PRO D 305 39.88 -37.23 8.70
C PRO D 305 39.06 -38.37 9.30
N LYS D 306 39.77 -39.26 9.98
CA LYS D 306 39.13 -40.39 10.66
C LYS D 306 38.40 -39.89 11.89
N ALA D 307 37.07 -39.95 11.86
CA ALA D 307 36.24 -39.41 12.93
C ALA D 307 36.63 -40.02 14.27
N SER D 308 37.22 -39.20 15.14
CA SER D 308 37.78 -39.68 16.40
C SER D 308 37.15 -38.97 17.59
N PHE D 309 36.93 -39.72 18.67
CA PHE D 309 36.55 -39.14 19.95
C PHE D 309 36.77 -40.17 21.04
N ASP D 310 37.63 -39.84 22.00
CA ASP D 310 37.85 -40.68 23.18
C ASP D 310 37.74 -39.86 24.47
N GLY D 311 37.20 -38.65 24.41
CA GLY D 311 36.81 -37.94 25.62
C GLY D 311 35.61 -38.62 26.25
N ASP D 312 34.89 -37.94 27.13
CA ASP D 312 33.70 -38.54 27.72
C ASP D 312 32.48 -38.17 26.89
N LYS D 313 31.62 -39.15 26.65
CA LYS D 313 30.52 -38.98 25.69
C LYS D 313 29.41 -38.14 26.29
N LYS D 314 29.04 -38.40 27.55
CA LYS D 314 27.95 -37.68 28.18
C LYS D 314 28.26 -36.19 28.30
N ASP D 315 29.51 -35.84 28.64
CA ASP D 315 29.88 -34.44 28.70
C ASP D 315 29.69 -33.76 27.34
N PHE D 316 30.15 -34.42 26.28
CA PHE D 316 30.12 -33.81 24.96
C PHE D 316 28.72 -33.78 24.37
N LEU D 317 27.88 -34.77 24.73
CA LEU D 317 26.49 -34.74 24.30
C LEU D 317 25.76 -33.53 24.89
N GLU D 318 26.12 -33.12 26.11
CA GLU D 318 25.54 -31.92 26.68
C GLU D 318 25.99 -30.68 25.92
N LYS D 319 27.23 -30.67 25.42
CA LYS D 319 27.71 -29.55 24.61
C LYS D 319 26.90 -29.44 23.32
N ILE D 320 26.57 -30.58 22.71
CA ILE D 320 25.74 -30.56 21.51
C ILE D 320 24.35 -30.04 21.84
N ARG D 321 23.83 -30.39 23.02
CA ARG D 321 22.52 -29.90 23.44
C ARG D 321 22.51 -28.38 23.57
N LYS D 322 23.51 -27.84 24.28
CA LYS D 322 23.64 -26.38 24.38
C LYS D 322 23.82 -25.76 23.00
N ALA D 323 24.60 -26.39 22.14
CA ALA D 323 24.84 -25.86 20.81
C ALA D 323 23.56 -25.84 19.99
N LEU D 324 22.71 -26.86 20.14
CA LEU D 324 21.46 -26.91 19.39
C LEU D 324 20.50 -25.82 19.85
N TYR D 325 20.46 -25.55 21.15
CA TYR D 325 19.55 -24.52 21.67
C TYR D 325 20.03 -23.13 21.29
N MET D 326 21.34 -22.89 21.33
CA MET D 326 21.85 -21.56 20.97
C MET D 326 21.74 -21.31 19.47
N SER D 327 21.98 -22.34 18.66
CA SER D 327 21.88 -22.17 17.21
C SER D 327 20.45 -21.85 16.80
N LYS D 328 19.46 -22.45 17.46
CA LYS D 328 18.07 -22.11 17.18
C LYS D 328 17.77 -20.66 17.54
N ILE D 329 18.32 -20.19 18.67
CA ILE D 329 18.15 -18.79 19.05
C ILE D 329 18.69 -17.87 17.97
N CYS D 330 19.91 -18.15 17.50
CA CYS D 330 20.51 -17.34 16.44
C CYS D 330 19.66 -17.38 15.17
N SER D 331 19.16 -18.56 14.82
CA SER D 331 18.35 -18.69 13.61
C SER D 331 17.03 -17.95 13.74
N TYR D 332 16.35 -18.08 14.88
CA TYR D 332 15.10 -17.37 15.08
C TYR D 332 15.30 -15.86 15.10
N ALA D 333 16.43 -15.42 15.68
CA ALA D 333 16.74 -13.99 15.66
C ALA D 333 16.89 -13.47 14.24
N GLN D 334 17.59 -14.23 13.39
CA GLN D 334 17.69 -13.84 11.98
C GLN D 334 16.31 -13.85 11.32
N GLY D 335 15.51 -14.89 11.58
CA GLY D 335 14.19 -14.96 10.96
C GLY D 335 13.28 -13.84 11.40
N PHE D 336 13.31 -13.50 12.70
CA PHE D 336 12.45 -12.43 13.19
C PHE D 336 12.97 -11.05 12.79
N ALA D 337 14.30 -10.89 12.67
CA ALA D 337 14.83 -9.65 12.11
C ALA D 337 14.38 -9.48 10.66
N GLN D 338 14.32 -10.57 9.90
CA GLN D 338 13.85 -10.48 8.52
C GLN D 338 12.39 -10.08 8.45
N MET D 339 11.54 -10.70 9.27
CA MET D 339 10.13 -10.36 9.28
C MET D 339 9.91 -8.90 9.67
N ARG D 340 10.75 -8.39 10.58
CA ARG D 340 10.65 -6.98 10.94
C ARG D 340 10.99 -6.08 9.76
N LYS D 341 12.03 -6.44 9.00
CA LYS D 341 12.39 -5.65 7.83
C LYS D 341 11.32 -5.74 6.75
N ALA D 342 10.77 -6.93 6.54
CA ALA D 342 9.73 -7.10 5.52
C ALA D 342 8.47 -6.32 5.86
N SER D 343 8.10 -6.32 7.14
CA SER D 343 6.91 -5.58 7.56
C SER D 343 7.05 -4.09 7.30
N GLU D 344 8.28 -3.57 7.36
CA GLU D 344 8.49 -2.16 7.06
C GLU D 344 8.43 -1.89 5.57
N ASP D 345 9.06 -2.74 4.77
CA ASP D 345 9.07 -2.53 3.32
C ASP D 345 7.75 -2.88 2.66
N ASN D 346 6.90 -3.66 3.32
CA ASN D 346 5.61 -4.05 2.75
C ASN D 346 4.43 -3.39 3.46
N GLU D 347 4.67 -2.56 4.46
CA GLU D 347 3.62 -1.83 5.17
C GLU D 347 2.60 -2.78 5.77
N TRP D 348 3.10 -3.67 6.64
CA TRP D 348 2.27 -4.71 7.24
C TRP D 348 2.04 -4.51 8.73
N ASN D 349 2.91 -3.78 9.43
CA ASN D 349 2.79 -3.56 10.87
C ASN D 349 2.62 -4.89 11.60
N LEU D 350 3.62 -5.76 11.43
CA LEU D 350 3.57 -7.07 12.06
C LEU D 350 3.85 -6.96 13.55
N LYS D 351 3.10 -7.73 14.34
CA LYS D 351 3.32 -7.84 15.78
C LYS D 351 4.06 -9.17 16.02
N LEU D 352 5.39 -9.10 16.00
CA LEU D 352 6.21 -10.30 16.08
C LEU D 352 5.92 -11.11 17.34
N GLY D 353 5.50 -10.44 18.42
CA GLY D 353 5.09 -11.18 19.60
C GLY D 353 3.86 -12.04 19.35
N ASP D 354 2.91 -11.52 18.58
CA ASP D 354 1.69 -12.29 18.28
C ASP D 354 2.00 -13.54 17.46
N LEU D 355 3.06 -13.49 16.65
CA LEU D 355 3.37 -14.62 15.78
C LEU D 355 4.01 -15.76 16.56
N ALA D 356 4.90 -15.43 17.50
CA ALA D 356 5.45 -16.44 18.40
C ALA D 356 4.36 -17.08 19.27
N MET D 357 3.33 -16.30 19.61
CA MET D 357 2.23 -16.84 20.41
C MET D 357 1.45 -17.89 19.63
N ILE D 358 1.10 -17.58 18.37
CA ILE D 358 0.32 -18.53 17.56
C ILE D 358 1.18 -19.66 17.01
N TRP D 359 2.48 -19.67 17.29
CA TRP D 359 3.34 -20.78 16.93
C TRP D 359 3.70 -21.65 18.12
N ARG D 360 2.99 -21.50 19.25
CA ARG D 360 3.27 -22.34 20.41
C ARG D 360 2.60 -23.70 20.29
N GLU D 361 1.50 -23.79 19.55
CA GLU D 361 0.86 -25.06 19.26
C GLU D 361 0.38 -25.04 17.81
N GLY D 362 0.06 -26.22 17.29
CA GLY D 362 -0.49 -26.30 15.95
C GLY D 362 0.55 -26.29 14.84
N CYS D 363 1.53 -25.38 14.93
CA CYS D 363 2.51 -25.25 13.87
C CYS D 363 3.47 -26.44 13.88
N ILE D 364 4.43 -26.41 12.96
CA ILE D 364 5.43 -27.47 12.89
C ILE D 364 6.58 -27.18 13.85
N ILE D 365 6.95 -25.91 14.00
CA ILE D 365 8.11 -25.51 14.79
C ILE D 365 7.72 -25.32 16.25
N ARG D 366 6.61 -25.91 16.67
CA ARG D 366 6.07 -25.60 17.99
C ARG D 366 6.97 -26.15 19.10
N ALA D 367 7.20 -25.31 20.10
CA ALA D 367 8.15 -25.61 21.16
C ALA D 367 7.86 -24.68 22.34
N GLN D 368 8.22 -25.15 23.54
CA GLN D 368 8.25 -24.26 24.69
C GLN D 368 9.19 -23.10 24.46
N PHE D 369 10.12 -23.24 23.50
CA PHE D 369 11.02 -22.17 23.14
C PHE D 369 10.28 -20.93 22.64
N LEU D 370 9.16 -21.12 21.96
CA LEU D 370 8.45 -19.98 21.37
C LEU D 370 7.68 -19.16 22.39
N GLN D 371 7.47 -19.68 23.61
CA GLN D 371 6.78 -18.91 24.63
C GLN D 371 7.59 -17.70 25.08
N LYS D 372 8.92 -17.82 25.13
CA LYS D 372 9.76 -16.74 25.63
C LYS D 372 10.18 -15.76 24.55
N ILE D 373 10.15 -16.16 23.27
CA ILE D 373 10.18 -15.16 22.21
C ILE D 373 8.96 -14.25 22.33
N LYS D 374 7.79 -14.84 22.60
CA LYS D 374 6.62 -14.04 22.94
C LYS D 374 6.90 -13.17 24.16
N ASP D 375 7.52 -13.75 25.19
CA ASP D 375 7.91 -12.95 26.35
C ASP D 375 8.96 -11.90 25.99
N ALA D 376 9.84 -12.21 25.03
CA ALA D 376 10.85 -11.24 24.63
C ALA D 376 10.23 -10.03 23.96
N TYR D 377 9.16 -10.23 23.19
CA TYR D 377 8.48 -9.12 22.53
C TYR D 377 7.38 -8.50 23.39
N ASP D 378 6.89 -9.23 24.40
CA ASP D 378 6.00 -8.61 25.38
C ASP D 378 6.76 -7.58 26.20
N ASN D 379 8.03 -7.84 26.51
CA ASN D 379 8.83 -6.93 27.31
C ASN D 379 9.32 -5.75 26.46
N ASN D 380 10.09 -6.03 25.41
CA ASN D 380 10.56 -5.00 24.50
C ASN D 380 9.90 -5.19 23.14
N PRO D 381 8.88 -4.40 22.80
CA PRO D 381 8.27 -4.56 21.47
C PRO D 381 9.17 -4.09 20.34
N GLY D 382 10.08 -3.16 20.61
CA GLY D 382 10.95 -2.64 19.57
C GLY D 382 12.31 -3.30 19.55
N LEU D 383 12.42 -4.46 20.20
CA LEU D 383 13.67 -5.20 20.29
C LEU D 383 14.27 -5.43 18.90
N GLN D 384 15.51 -4.99 18.71
CA GLN D 384 16.14 -5.05 17.39
C GLN D 384 16.70 -6.43 17.08
N ASN D 385 16.97 -7.25 18.10
CA ASN D 385 17.51 -8.59 17.87
C ASN D 385 17.27 -9.43 19.12
N LEU D 386 16.85 -10.68 18.90
CA LEU D 386 16.56 -11.57 20.01
C LEU D 386 17.81 -11.89 20.83
N LEU D 387 19.00 -11.76 20.22
CA LEU D 387 20.23 -11.97 20.98
C LEU D 387 20.36 -10.96 22.12
N LEU D 388 19.75 -9.78 21.97
CA LEU D 388 19.82 -8.76 23.01
C LEU D 388 18.77 -8.93 24.10
N ASP D 389 17.81 -9.84 23.92
CA ASP D 389 16.83 -10.10 24.96
C ASP D 389 17.53 -10.67 26.19
N PRO D 390 17.18 -10.20 27.39
CA PRO D 390 17.92 -10.64 28.58
C PRO D 390 17.95 -12.15 28.78
N TYR D 391 16.85 -12.86 28.50
CA TYR D 391 16.86 -14.31 28.66
C TYR D 391 17.77 -14.97 27.63
N PHE D 392 17.57 -14.65 26.34
CA PHE D 392 18.41 -15.24 25.30
C PHE D 392 19.86 -14.82 25.44
N LYS D 393 20.11 -13.59 25.89
CA LYS D 393 21.48 -13.12 26.05
C LYS D 393 22.24 -13.98 27.05
N ASN D 394 21.63 -14.28 28.20
CA ASN D 394 22.31 -15.09 29.19
C ASN D 394 22.52 -16.52 28.72
N ILE D 395 21.64 -17.01 27.85
CA ILE D 395 21.83 -18.35 27.29
C ILE D 395 23.04 -18.37 26.37
N VAL D 396 23.10 -17.45 25.40
CA VAL D 396 24.12 -17.51 24.36
C VAL D 396 25.50 -17.18 24.92
N THR D 397 25.57 -16.40 25.99
CA THR D 397 26.88 -16.08 26.56
C THR D 397 27.46 -17.26 27.35
N GLU D 398 26.60 -18.12 27.89
CA GLU D 398 27.09 -19.34 28.55
C GLU D 398 27.24 -20.49 27.57
N TYR D 399 26.31 -20.62 26.63
CA TYR D 399 26.31 -21.74 25.70
C TYR D 399 27.32 -21.58 24.58
N GLN D 400 27.87 -20.37 24.37
CA GLN D 400 28.83 -20.17 23.30
C GLN D 400 30.05 -21.06 23.46
N ASP D 401 30.43 -21.37 24.70
CA ASP D 401 31.56 -22.26 24.93
C ASP D 401 31.27 -23.66 24.42
N ALA D 402 30.05 -24.13 24.60
CA ALA D 402 29.67 -25.44 24.06
C ALA D 402 29.55 -25.40 22.53
N LEU D 403 29.00 -24.31 21.99
CA LEU D 403 28.87 -24.20 20.54
C LEU D 403 30.24 -24.10 19.87
N ARG D 404 31.18 -23.40 20.50
CA ARG D 404 32.54 -23.34 19.95
C ARG D 404 33.20 -24.72 19.97
N ASP D 405 32.93 -25.50 21.02
CA ASP D 405 33.56 -26.82 21.12
C ASP D 405 32.98 -27.80 20.12
N VAL D 406 31.66 -27.77 19.92
CA VAL D 406 31.04 -28.69 18.97
C VAL D 406 31.49 -28.39 17.55
N VAL D 407 31.61 -27.11 17.21
CA VAL D 407 31.99 -26.75 15.85
C VAL D 407 33.46 -27.08 15.60
N ALA D 408 34.34 -26.78 16.56
CA ALA D 408 35.75 -27.07 16.39
C ALA D 408 36.01 -28.57 16.31
N THR D 409 35.47 -29.32 17.27
CA THR D 409 35.57 -30.77 17.21
C THR D 409 34.93 -31.33 15.93
N GLY D 410 33.85 -30.68 15.47
CA GLY D 410 33.22 -31.13 14.23
C GLY D 410 34.08 -30.91 13.00
N VAL D 411 34.71 -29.73 12.93
CA VAL D 411 35.57 -29.43 11.79
C VAL D 411 36.78 -30.34 11.77
N GLN D 412 37.31 -30.69 12.95
CA GLN D 412 38.52 -31.50 13.02
C GLN D 412 38.26 -32.96 12.67
N ASN D 413 37.02 -33.44 12.77
CA ASN D 413 36.70 -34.82 12.47
C ASN D 413 35.93 -34.97 11.17
N GLY D 414 35.92 -33.94 10.33
CA GLY D 414 35.32 -34.04 9.01
C GLY D 414 33.81 -34.16 8.98
N VAL D 415 33.13 -33.91 10.09
CA VAL D 415 31.68 -33.96 10.14
C VAL D 415 31.15 -32.58 9.73
N PRO D 416 30.42 -32.47 8.61
CA PRO D 416 29.97 -31.15 8.16
C PRO D 416 29.05 -30.49 9.18
N THR D 417 29.31 -29.21 9.44
CA THR D 417 28.64 -28.48 10.52
C THR D 417 27.98 -27.19 10.01
N PRO D 418 27.23 -27.23 8.90
CA PRO D 418 26.83 -25.95 8.28
C PRO D 418 25.93 -25.10 9.15
N GLY D 419 24.98 -25.70 9.86
CA GLY D 419 24.09 -24.91 10.70
C GLY D 419 24.79 -24.37 11.94
N PHE D 420 25.51 -25.23 12.67
CA PHE D 420 26.21 -24.77 13.87
C PHE D 420 27.30 -23.76 13.51
N SER D 421 28.08 -24.01 12.46
CA SER D 421 29.18 -23.13 12.12
C SER D 421 28.69 -21.72 11.82
N SER D 422 27.61 -21.61 11.04
CA SER D 422 27.12 -20.29 10.67
C SER D 422 26.50 -19.56 11.85
N SER D 423 26.01 -20.30 12.85
CA SER D 423 25.42 -19.67 14.04
C SER D 423 26.50 -19.01 14.89
N ILE D 424 27.55 -19.75 15.24
CA ILE D 424 28.63 -19.16 16.03
C ILE D 424 29.36 -18.11 15.21
N ASN D 425 29.33 -18.21 13.88
CA ASN D 425 29.90 -17.16 13.04
C ASN D 425 29.04 -15.90 13.10
N TYR D 426 27.72 -16.06 13.05
CA TYR D 426 26.82 -14.91 13.13
C TYR D 426 26.93 -14.22 14.48
N TYR D 427 27.04 -15.00 15.55
CA TYR D 427 27.21 -14.41 16.88
C TYR D 427 28.50 -13.60 16.95
N ASP D 428 29.59 -14.12 16.37
CA ASP D 428 30.86 -13.42 16.41
C ASP D 428 30.89 -12.23 15.45
N SER D 429 30.09 -12.27 14.39
CA SER D 429 30.01 -11.11 13.50
C SER D 429 29.07 -10.04 14.04
N TYR D 430 28.00 -10.45 14.73
CA TYR D 430 27.03 -9.47 15.22
C TYR D 430 27.60 -8.65 16.37
N ARG D 431 28.34 -9.30 17.29
CA ARG D 431 28.91 -8.62 18.44
C ARG D 431 30.24 -7.96 18.14
N ALA D 432 30.73 -8.02 16.90
CA ALA D 432 32.03 -7.48 16.55
C ALA D 432 31.89 -6.01 16.23
N ALA D 433 32.37 -5.14 17.13
CA ALA D 433 32.32 -3.71 16.89
C ALA D 433 33.20 -3.31 15.71
N ASP D 434 34.26 -4.06 15.44
CA ASP D 434 35.18 -3.77 14.35
C ASP D 434 35.37 -5.03 13.52
N LEU D 435 34.83 -5.02 12.30
CA LEU D 435 34.94 -6.13 11.38
C LEU D 435 35.97 -5.82 10.29
N PRO D 436 36.50 -6.85 9.61
CA PRO D 436 37.53 -6.59 8.58
C PRO D 436 36.97 -6.06 7.27
N ALA D 437 35.75 -5.52 7.30
CA ALA D 437 35.17 -4.91 6.10
C ALA D 437 35.89 -3.63 5.70
N ASN D 438 36.75 -3.09 6.55
CA ASN D 438 37.54 -1.91 6.16
C ASN D 438 38.53 -2.27 5.05
N LEU D 439 39.08 -3.47 5.09
CA LEU D 439 39.94 -3.92 3.99
C LEU D 439 39.12 -4.11 2.72
N ILE D 440 37.88 -4.61 2.85
CA ILE D 440 37.01 -4.77 1.70
C ILE D 440 36.69 -3.40 1.10
N GLN D 441 36.30 -2.45 1.95
CA GLN D 441 36.06 -1.09 1.47
C GLN D 441 37.31 -0.48 0.84
N ALA D 442 38.49 -0.80 1.38
CA ALA D 442 39.73 -0.31 0.80
C ALA D 442 39.97 -0.91 -0.58
N GLN D 443 39.78 -2.23 -0.71
CA GLN D 443 39.93 -2.87 -2.02
C GLN D 443 38.92 -2.31 -3.01
N ARG D 444 37.69 -2.08 -2.56
CA ARG D 444 36.68 -1.52 -3.46
C ARG D 444 37.05 -0.11 -3.89
N ASP D 445 37.71 0.65 -3.02
CA ASP D 445 38.19 1.97 -3.43
C ASP D 445 39.38 1.87 -4.36
N TYR D 446 40.17 0.80 -4.25
CA TYR D 446 41.34 0.61 -5.09
C TYR D 446 40.95 0.45 -6.55
N PHE D 447 40.25 -0.64 -6.88
CA PHE D 447 39.93 -0.94 -8.27
C PHE D 447 38.62 -0.31 -8.74
N GLY D 448 37.77 0.15 -7.83
CA GLY D 448 36.46 0.64 -8.22
C GLY D 448 36.21 2.10 -7.89
N ALA D 449 37.10 2.69 -7.09
CA ALA D 449 36.95 4.09 -6.66
C ALA D 449 35.57 4.35 -6.05
N HIS D 450 35.02 3.35 -5.36
CA HIS D 450 33.69 3.44 -4.79
C HIS D 450 33.62 4.28 -3.53
N THR D 451 34.70 4.99 -3.19
CA THR D 451 34.79 5.85 -2.01
C THR D 451 34.56 5.08 -0.72
N TYR D 452 34.70 5.76 0.42
CA TYR D 452 34.54 5.15 1.73
C TYR D 452 34.41 6.25 2.76
N GLU D 453 33.90 5.88 3.93
CA GLU D 453 33.86 6.75 5.09
C GLU D 453 34.96 6.34 6.06
N ARG D 454 35.11 7.10 7.14
CA ARG D 454 36.18 6.85 8.10
C ARG D 454 35.60 6.84 9.51
N LYS D 455 36.27 6.09 10.40
CA LYS D 455 35.86 6.06 11.80
C LYS D 455 36.21 7.36 12.51
N ASP D 456 37.42 7.87 12.28
CA ASP D 456 37.88 9.09 12.92
C ASP D 456 37.16 10.32 12.35
N LYS D 457 37.60 10.77 11.18
CA LYS D 457 36.99 11.92 10.51
C LYS D 457 35.71 11.50 9.82
N GLU D 458 34.75 12.43 9.76
CA GLU D 458 33.50 12.18 9.07
C GLU D 458 33.56 12.75 7.66
N GLY D 459 32.77 12.15 6.77
CA GLY D 459 32.73 12.53 5.38
C GLY D 459 33.04 11.35 4.47
N VAL D 460 32.98 11.62 3.17
CA VAL D 460 33.26 10.65 2.13
C VAL D 460 34.65 10.89 1.59
N PHE D 461 35.42 9.81 1.42
CA PHE D 461 36.82 9.90 1.05
C PHE D 461 37.12 8.98 -0.13
N HIS D 462 38.17 9.31 -0.86
CA HIS D 462 38.68 8.47 -1.93
C HIS D 462 40.20 8.60 -1.96
N THR D 463 40.90 7.46 -1.90
CA THR D 463 42.34 7.43 -1.78
C THR D 463 42.97 6.85 -3.04
N GLN D 464 44.04 7.48 -3.52
CA GLN D 464 44.86 6.94 -4.60
C GLN D 464 45.94 6.08 -3.96
N TRP D 465 45.77 4.76 -4.03
CA TRP D 465 46.66 3.85 -3.32
C TRP D 465 47.95 3.55 -4.09
N ILE D 466 47.96 3.71 -5.40
CA ILE D 466 49.15 3.47 -6.22
C ILE D 466 49.79 4.83 -6.51
N GLU D 467 51.00 5.02 -6.01
CA GLU D 467 51.72 6.29 -6.20
C GLU D 467 52.10 6.51 -7.66
C1 6PG E . -32.28 11.37 -16.51
C2 6PG E . -31.00 11.21 -15.72
C3 6PG E . -31.06 9.96 -14.87
C4 6PG E . -29.77 9.17 -15.01
C5 6PG E . -29.95 7.73 -14.52
C6 6PG E . -30.16 7.72 -13.00
O1A 6PG E . -32.98 12.37 -16.29
O1 6PG E . -32.57 10.49 -17.35
O2 6PG E . -29.88 11.15 -16.61
O3 6PG E . -32.17 9.15 -15.28
O4 6PG E . -29.36 9.14 -16.39
O5 6PG E . -31.08 7.14 -15.18
O6 6PG E . -28.90 7.93 -12.38
P 6PG E . -28.57 7.34 -10.92
O1P 6PG E . -29.88 7.41 -10.16
O2P 6PG E . -28.11 5.94 -11.21
O3P 6PG E . -27.51 8.27 -10.38
C1 6PG F . -5.78 22.02 14.86
C2 6PG F . -6.08 22.65 13.54
C3 6PG F . -6.47 24.11 13.76
C4 6PG F . -6.97 24.69 12.44
C5 6PG F . -8.48 24.59 12.39
C6 6PG F . -8.94 24.25 10.98
O1A 6PG F . -6.49 21.07 15.22
O1 6PG F . -4.83 22.47 15.54
O2 6PG F . -4.95 22.58 12.66
O3 6PG F . -5.34 24.87 14.23
O4 6PG F . -6.59 26.06 12.33
O5 6PG F . -8.98 23.62 13.32
O6 6PG F . -10.28 24.72 10.89
P 6PG F . -10.55 26.03 10.01
O1P 6PG F . -11.85 26.55 10.58
O2P 6PG F . -10.62 25.51 8.60
O3P 6PG F . -9.35 26.91 10.29
C1 6PG G . 34.87 -4.13 -11.73
C2 6PG G . 34.38 -4.92 -10.54
C3 6PG G . 32.85 -5.07 -10.49
C4 6PG G . 32.00 -3.79 -10.48
C5 6PG G . 31.95 -3.03 -9.15
C6 6PG G . 30.81 -3.56 -8.29
O1A 6PG G . 34.89 -2.88 -11.66
O1 6PG G . 35.25 -4.76 -12.75
O2 6PG G . 34.93 -6.23 -10.59
O3 6PG G . 32.55 -5.86 -9.33
O4 6PG G . 32.34 -2.90 -11.55
O5 6PG G . 33.17 -3.14 -8.41
O6 6PG G . 31.00 -3.17 -6.93
P 6PG G . 30.41 -4.11 -5.77
O1P 6PG G . 29.79 -3.13 -4.80
O2P 6PG G . 31.62 -4.83 -5.23
O3P 6PG G . 29.41 -4.97 -6.49
C1 6PG H . 3.43 -27.08 6.90
C2 6PG H . 3.58 -27.23 5.41
C3 6PG H . 4.38 -28.50 5.12
C4 6PG H . 5.59 -28.16 4.27
C5 6PG H . 6.85 -28.04 5.13
C6 6PG H . 7.96 -27.39 4.32
O1A 6PG H . 2.36 -27.46 7.43
O1 6PG H . 4.37 -26.60 7.56
O2 6PG H . 2.31 -27.27 4.76
O3 6PG H . 3.56 -29.44 4.42
O4 6PG H . 5.79 -29.19 3.28
O5 6PG H . 6.58 -27.27 6.31
O6 6PG H . 8.80 -28.43 3.83
P 6PG H . 8.99 -28.62 2.24
O1P 6PG H . 7.69 -29.23 1.79
O2P 6PG H . 10.18 -29.55 2.17
O3P 6PG H . 9.25 -27.22 1.73
#